data_1RQ9
# 
_entry.id   1RQ9 
# 
_audit_conform.dict_name       mmcif_pdbx.dic 
_audit_conform.dict_version    5.389 
_audit_conform.dict_location   http://mmcif.pdb.org/dictionaries/ascii/mmcif_pdbx.dic 
# 
loop_
_database_2.database_id 
_database_2.database_code 
_database_2.pdbx_database_accession 
_database_2.pdbx_DOI 
PDB   1RQ9         pdb_00001rq9 10.2210/pdb1rq9/pdb 
RCSB  RCSB020947   ?            ?                   
WWPDB D_1000020947 ?            ?                   
# 
loop_
_pdbx_audit_revision_history.ordinal 
_pdbx_audit_revision_history.data_content_type 
_pdbx_audit_revision_history.major_revision 
_pdbx_audit_revision_history.minor_revision 
_pdbx_audit_revision_history.revision_date 
1 'Structure model' 1 0 2004-12-07 
2 'Structure model' 1 1 2008-04-29 
3 'Structure model' 1 2 2011-07-13 
4 'Structure model' 1 3 2021-10-27 
5 'Structure model' 1 4 2024-02-14 
6 'Structure model' 1 5 2024-04-03 
# 
_pdbx_audit_revision_details.ordinal             1 
_pdbx_audit_revision_details.revision_ordinal    1 
_pdbx_audit_revision_details.data_content_type   'Structure model' 
_pdbx_audit_revision_details.provider            repository 
_pdbx_audit_revision_details.type                'Initial release' 
_pdbx_audit_revision_details.description         ? 
_pdbx_audit_revision_details.details             ? 
# 
loop_
_pdbx_audit_revision_group.ordinal 
_pdbx_audit_revision_group.revision_ordinal 
_pdbx_audit_revision_group.data_content_type 
_pdbx_audit_revision_group.group 
1 2 'Structure model' 'Version format compliance' 
2 3 'Structure model' 'Version format compliance' 
3 4 'Structure model' 'Database references'       
4 4 'Structure model' 'Derived calculations'      
5 5 'Structure model' 'Data collection'           
6 6 'Structure model' 'Refinement description'    
# 
loop_
_pdbx_audit_revision_category.ordinal 
_pdbx_audit_revision_category.revision_ordinal 
_pdbx_audit_revision_category.data_content_type 
_pdbx_audit_revision_category.category 
1 4 'Structure model' database_2                    
2 4 'Structure model' struct_ref_seq_dif            
3 4 'Structure model' struct_site                   
4 5 'Structure model' chem_comp_atom                
5 5 'Structure model' chem_comp_bond                
6 6 'Structure model' pdbx_initial_refinement_model 
# 
loop_
_pdbx_audit_revision_item.ordinal 
_pdbx_audit_revision_item.revision_ordinal 
_pdbx_audit_revision_item.data_content_type 
_pdbx_audit_revision_item.item 
1 4 'Structure model' '_database_2.pdbx_DOI'                
2 4 'Structure model' '_database_2.pdbx_database_accession' 
3 4 'Structure model' '_struct_ref_seq_dif.details'         
4 4 'Structure model' '_struct_site.pdbx_auth_asym_id'      
5 4 'Structure model' '_struct_site.pdbx_auth_comp_id'      
6 4 'Structure model' '_struct_site.pdbx_auth_seq_id'       
# 
_pdbx_database_status.status_code                     REL 
_pdbx_database_status.entry_id                        1RQ9 
_pdbx_database_status.recvd_initial_deposition_date   2003-12-04 
_pdbx_database_status.deposit_site                    RCSB 
_pdbx_database_status.process_site                    RCSB 
_pdbx_database_status.SG_entry                        . 
_pdbx_database_status.status_code_sf                  ? 
_pdbx_database_status.status_code_mr                  ? 
_pdbx_database_status.pdb_format_compatible           Y 
_pdbx_database_status.status_code_cs                  ? 
_pdbx_database_status.status_code_nmr_data            ? 
_pdbx_database_status.methods_development_category    ? 
# 
loop_
_pdbx_database_related.db_name 
_pdbx_database_related.db_id 
_pdbx_database_related.details 
_pdbx_database_related.content_type 
PDB 1rpi . unspecified 
PDB 1rv7 . unspecified 
# 
loop_
_audit_author.name 
_audit_author.pdbx_ordinal 
'Logsdon, B.C.'  1  
'Vickrey, J.F.'  2  
'Martin, P.'     3  
'Proteasa, G.'   4  
'Koepke, J.I.'   5  
'Terlecky, S.R.' 6  
'Wawrzak, Z.'    7  
'Winters, M.A.'  8  
'Merigan, T.C.'  9  
'Kovari, L.C.'   10 
# 
loop_
_citation.id 
_citation.title 
_citation.journal_abbrev 
_citation.journal_volume 
_citation.page_first 
_citation.page_last 
_citation.year 
_citation.journal_id_ASTM 
_citation.country 
_citation.journal_id_ISSN 
_citation.journal_id_CSD 
_citation.book_publisher 
_citation.pdbx_database_id_PubMed 
_citation.pdbx_database_id_DOI 
primary 
'Crystal structures of a multidrug-resistant human immunodeficiency virus type 1 protease reveal an expanded active-site cavity.' 
J.Virol.              78 3123 3132 2004 JOVIAM US 0022-538X 0825 ? 14990731 10.1128/JVI.78.6.3123-3132.2004 
1       'HIV-1 protease variants from 100-fold drug resistant clinical isolates: expression, purification, and crystallization.' 
'PROTEIN EXPR.PURIF.' 28 165  172  2003 PEXPEJ US 1046-5928 0757 ? ?        '10.1016/S1046-5928(02)00650-2' 
# 
loop_
_citation_author.citation_id 
_citation_author.name 
_citation_author.ordinal 
_citation_author.identifier_ORCID 
primary 'Logsdon, B.C.'  1  ? 
primary 'Vickrey, J.F.'  2  ? 
primary 'Martin, P.'     3  ? 
primary 'Proteasa, G.'   4  ? 
primary 'Koepke, J.I.'   5  ? 
primary 'Terlecky, S.R.' 6  ? 
primary 'Wawrzak, Z.'    7  ? 
primary 'Winters, M.A.'  8  ? 
primary 'Merigan, T.C.'  9  ? 
primary 'Kovari, L.C.'   10 ? 
1       'Vickrey, J.F.'  11 ? 
1       'Logsdon, B.C.'  12 ? 
1       'Proteasa, G.'   13 ? 
1       'Palmer, S.'     14 ? 
1       'Winters, M.A.'  15 ? 
1       'Merigan, T.C.'  16 ? 
1       'Kovari, L.C.'   17 ? 
# 
loop_
_entity.id 
_entity.type 
_entity.src_method 
_entity.pdbx_description 
_entity.formula_weight 
_entity.pdbx_number_of_molecules 
_entity.pdbx_ec 
_entity.pdbx_mutation 
_entity.pdbx_fragment 
_entity.details 
1 polymer     man protease 10739.608 2  3.4.23.16 'D25N, M36V, I84V' ? ? 
2 non-polymer syn 
;[4-R-(-4-ALPHA,5-ALPHA,6-BETA,7-BETA)]-HEXAHYDRO-5,6-BIS(HYDROXY)-1,3-BIS([(3-AMINO)PHENYL]METHYL)-4,7-BIS(PHENYLMETHYL)-2H-1,3-DIAZEPINONE
;
536.664   1  ?         ?                  ? ? 
3 water       nat water 18.015    41 ?         ?                  ? ? 
# 
_entity_poly.entity_id                      1 
_entity_poly.type                           'polypeptide(L)' 
_entity_poly.nstd_linkage                   no 
_entity_poly.nstd_monomer                   no 
_entity_poly.pdbx_seq_one_letter_code       
;PQITLWQRPIVTIKIGGQLKEALLNTGADDTVLEEVNLPGRWKPKLIGGIGGFVKVRQYDQVPIEICGHKVIGTVLVGPT
PANVIGRNLMTQIGCTLNF
;
_entity_poly.pdbx_seq_one_letter_code_can   
;PQITLWQRPIVTIKIGGQLKEALLNTGADDTVLEEVNLPGRWKPKLIGGIGGFVKVRQYDQVPIEICGHKVIGTVLVGPT
PANVIGRNLMTQIGCTLNF
;
_entity_poly.pdbx_strand_id                 A,B 
_entity_poly.pdbx_target_identifier         ? 
# 
loop_
_pdbx_entity_nonpoly.entity_id 
_pdbx_entity_nonpoly.name 
_pdbx_entity_nonpoly.comp_id 
2 
;[4-R-(-4-ALPHA,5-ALPHA,6-BETA,7-BETA)]-HEXAHYDRO-5,6-BIS(HYDROXY)-1,3-BIS([(3-AMINO)PHENYL]METHYL)-4,7-BIS(PHENYLMETHYL)-2H-1,3-DIAZEPINONE
;
DMQ 
3 water HOH 
# 
loop_
_entity_poly_seq.entity_id 
_entity_poly_seq.num 
_entity_poly_seq.mon_id 
_entity_poly_seq.hetero 
1 1  PRO n 
1 2  GLN n 
1 3  ILE n 
1 4  THR n 
1 5  LEU n 
1 6  TRP n 
1 7  GLN n 
1 8  ARG n 
1 9  PRO n 
1 10 ILE n 
1 11 VAL n 
1 12 THR n 
1 13 ILE n 
1 14 LYS n 
1 15 ILE n 
1 16 GLY n 
1 17 GLY n 
1 18 GLN n 
1 19 LEU n 
1 20 LYS n 
1 21 GLU n 
1 22 ALA n 
1 23 LEU n 
1 24 LEU n 
1 25 ASN n 
1 26 THR n 
1 27 GLY n 
1 28 ALA n 
1 29 ASP n 
1 30 ASP n 
1 31 THR n 
1 32 VAL n 
1 33 LEU n 
1 34 GLU n 
1 35 GLU n 
1 36 VAL n 
1 37 ASN n 
1 38 LEU n 
1 39 PRO n 
1 40 GLY n 
1 41 ARG n 
1 42 TRP n 
1 43 LYS n 
1 44 PRO n 
1 45 LYS n 
1 46 LEU n 
1 47 ILE n 
1 48 GLY n 
1 49 GLY n 
1 50 ILE n 
1 51 GLY n 
1 52 GLY n 
1 53 PHE n 
1 54 VAL n 
1 55 LYS n 
1 56 VAL n 
1 57 ARG n 
1 58 GLN n 
1 59 TYR n 
1 60 ASP n 
1 61 GLN n 
1 62 VAL n 
1 63 PRO n 
1 64 ILE n 
1 65 GLU n 
1 66 ILE n 
1 67 CYS n 
1 68 GLY n 
1 69 HIS n 
1 70 LYS n 
1 71 VAL n 
1 72 ILE n 
1 73 GLY n 
1 74 THR n 
1 75 VAL n 
1 76 LEU n 
1 77 VAL n 
1 78 GLY n 
1 79 PRO n 
1 80 THR n 
1 81 PRO n 
1 82 ALA n 
1 83 ASN n 
1 84 VAL n 
1 85 ILE n 
1 86 GLY n 
1 87 ARG n 
1 88 ASN n 
1 89 LEU n 
1 90 MET n 
1 91 THR n 
1 92 GLN n 
1 93 ILE n 
1 94 GLY n 
1 95 CYS n 
1 96 THR n 
1 97 LEU n 
1 98 ASN n 
1 99 PHE n 
# 
_entity_src_gen.entity_id                          1 
_entity_src_gen.pdbx_src_id                        1 
_entity_src_gen.pdbx_alt_source_flag               sample 
_entity_src_gen.pdbx_seq_type                      ? 
_entity_src_gen.pdbx_beg_seq_num                   ? 
_entity_src_gen.pdbx_end_seq_num                   ? 
_entity_src_gen.gene_src_common_name               ? 
_entity_src_gen.gene_src_genus                     Lentivirus 
_entity_src_gen.pdbx_gene_src_gene                 HIV-1 
_entity_src_gen.gene_src_species                   ? 
_entity_src_gen.gene_src_strain                    ? 
_entity_src_gen.gene_src_tissue                    ? 
_entity_src_gen.gene_src_tissue_fraction           ? 
_entity_src_gen.gene_src_details                   ? 
_entity_src_gen.pdbx_gene_src_fragment             ? 
_entity_src_gen.pdbx_gene_src_scientific_name      'Human immunodeficiency virus 1' 
_entity_src_gen.pdbx_gene_src_ncbi_taxonomy_id     11676 
_entity_src_gen.pdbx_gene_src_variant              ? 
_entity_src_gen.pdbx_gene_src_cell_line            ? 
_entity_src_gen.pdbx_gene_src_atcc                 ? 
_entity_src_gen.pdbx_gene_src_organ                ? 
_entity_src_gen.pdbx_gene_src_organelle            ? 
_entity_src_gen.pdbx_gene_src_cell                 ? 
_entity_src_gen.pdbx_gene_src_cellular_location    ? 
_entity_src_gen.host_org_common_name               ? 
_entity_src_gen.pdbx_host_org_scientific_name      'Escherichia coli BL21(DE3)' 
_entity_src_gen.pdbx_host_org_ncbi_taxonomy_id     469008 
_entity_src_gen.host_org_genus                     Escherichia 
_entity_src_gen.pdbx_host_org_gene                 ? 
_entity_src_gen.pdbx_host_org_organ                ? 
_entity_src_gen.host_org_species                   'Escherichia coli' 
_entity_src_gen.pdbx_host_org_tissue               ? 
_entity_src_gen.pdbx_host_org_tissue_fraction      ? 
_entity_src_gen.pdbx_host_org_strain               'BL21(DE3)' 
_entity_src_gen.pdbx_host_org_variant              ? 
_entity_src_gen.pdbx_host_org_cell_line            ? 
_entity_src_gen.pdbx_host_org_atcc                 ? 
_entity_src_gen.pdbx_host_org_culture_collection   ? 
_entity_src_gen.pdbx_host_org_cell                 ? 
_entity_src_gen.pdbx_host_org_organelle            ? 
_entity_src_gen.pdbx_host_org_cellular_location    ? 
_entity_src_gen.pdbx_host_org_vector_type          Plasmid 
_entity_src_gen.pdbx_host_org_vector               ? 
_entity_src_gen.host_org_details                   ? 
_entity_src_gen.expression_system_id               ? 
_entity_src_gen.plasmid_name                       pJFV769noHis 
_entity_src_gen.plasmid_details                    ? 
_entity_src_gen.pdbx_description                   ? 
# 
loop_
_chem_comp.id 
_chem_comp.type 
_chem_comp.mon_nstd_flag 
_chem_comp.name 
_chem_comp.pdbx_synonyms 
_chem_comp.formula 
_chem_comp.formula_weight 
ALA 'L-peptide linking' y ALANINE ?                                   'C3 H7 N O2'     89.093  
ARG 'L-peptide linking' y ARGININE ?                                   'C6 H15 N4 O2 1' 175.209 
ASN 'L-peptide linking' y ASPARAGINE ?                                   'C4 H8 N2 O3'    132.118 
ASP 'L-peptide linking' y 'ASPARTIC ACID' ?                                   'C4 H7 N O4'     133.103 
CYS 'L-peptide linking' y CYSTEINE ?                                   'C3 H7 N O2 S'   121.158 
DMQ non-polymer         . 
;[4-R-(-4-ALPHA,5-ALPHA,6-BETA,7-BETA)]-HEXAHYDRO-5,6-BIS(HYDROXY)-1,3-BIS([(3-AMINO)PHENYL]METHYL)-4,7-BIS(PHENYLMETHYL)-2H-1,3-DIAZEPINONE
;
'DMP450(INHIBITOR OF DUPONT MERCK)' 'C33 H36 N4 O3'  536.664 
GLN 'L-peptide linking' y GLUTAMINE ?                                   'C5 H10 N2 O3'   146.144 
GLU 'L-peptide linking' y 'GLUTAMIC ACID' ?                                   'C5 H9 N O4'     147.129 
GLY 'peptide linking'   y GLYCINE ?                                   'C2 H5 N O2'     75.067  
HIS 'L-peptide linking' y HISTIDINE ?                                   'C6 H10 N3 O2 1' 156.162 
HOH non-polymer         . WATER ?                                   'H2 O'           18.015  
ILE 'L-peptide linking' y ISOLEUCINE ?                                   'C6 H13 N O2'    131.173 
LEU 'L-peptide linking' y LEUCINE ?                                   'C6 H13 N O2'    131.173 
LYS 'L-peptide linking' y LYSINE ?                                   'C6 H15 N2 O2 1' 147.195 
MET 'L-peptide linking' y METHIONINE ?                                   'C5 H11 N O2 S'  149.211 
PHE 'L-peptide linking' y PHENYLALANINE ?                                   'C9 H11 N O2'    165.189 
PRO 'L-peptide linking' y PROLINE ?                                   'C5 H9 N O2'     115.130 
THR 'L-peptide linking' y THREONINE ?                                   'C4 H9 N O3'     119.119 
TRP 'L-peptide linking' y TRYPTOPHAN ?                                   'C11 H12 N2 O2'  204.225 
TYR 'L-peptide linking' y TYROSINE ?                                   'C9 H11 N O3'    181.189 
VAL 'L-peptide linking' y VALINE ?                                   'C5 H11 N O2'    117.146 
# 
loop_
_pdbx_poly_seq_scheme.asym_id 
_pdbx_poly_seq_scheme.entity_id 
_pdbx_poly_seq_scheme.seq_id 
_pdbx_poly_seq_scheme.mon_id 
_pdbx_poly_seq_scheme.ndb_seq_num 
_pdbx_poly_seq_scheme.pdb_seq_num 
_pdbx_poly_seq_scheme.auth_seq_num 
_pdbx_poly_seq_scheme.pdb_mon_id 
_pdbx_poly_seq_scheme.auth_mon_id 
_pdbx_poly_seq_scheme.pdb_strand_id 
_pdbx_poly_seq_scheme.pdb_ins_code 
_pdbx_poly_seq_scheme.hetero 
A 1 1  PRO 1  1  1  PRO PRO A . n 
A 1 2  GLN 2  2  2  GLN GLN A . n 
A 1 3  ILE 3  3  3  ILE ILE A . n 
A 1 4  THR 4  4  4  THR THR A . n 
A 1 5  LEU 5  5  5  LEU LEU A . n 
A 1 6  TRP 6  6  6  TRP TRP A . n 
A 1 7  GLN 7  7  7  GLN GLN A . n 
A 1 8  ARG 8  8  8  ARG ARG A . n 
A 1 9  PRO 9  9  9  PRO PRO A . n 
A 1 10 ILE 10 10 10 ILE ILE A . n 
A 1 11 VAL 11 11 11 VAL VAL A . n 
A 1 12 THR 12 12 12 THR THR A . n 
A 1 13 ILE 13 13 13 ILE ILE A . n 
A 1 14 LYS 14 14 14 LYS LYS A . n 
A 1 15 ILE 15 15 15 ILE ILE A . n 
A 1 16 GLY 16 16 16 GLY GLY A . n 
A 1 17 GLY 17 17 17 GLY GLY A . n 
A 1 18 GLN 18 18 18 GLN GLN A . n 
A 1 19 LEU 19 19 19 LEU LEU A . n 
A 1 20 LYS 20 20 20 LYS LYS A . n 
A 1 21 GLU 21 21 21 GLU GLU A . n 
A 1 22 ALA 22 22 22 ALA ALA A . n 
A 1 23 LEU 23 23 23 LEU LEU A . n 
A 1 24 LEU 24 24 24 LEU LEU A . n 
A 1 25 ASN 25 25 25 ASN ASP A . n 
A 1 26 THR 26 26 26 THR THR A . n 
A 1 27 GLY 27 27 27 GLY GLY A . n 
A 1 28 ALA 28 28 28 ALA ALA A . n 
A 1 29 ASP 29 29 29 ASP ASP A . n 
A 1 30 ASP 30 30 30 ASP ASP A . n 
A 1 31 THR 31 31 31 THR THR A . n 
A 1 32 VAL 32 32 32 VAL VAL A . n 
A 1 33 LEU 33 33 33 LEU LEU A . n 
A 1 34 GLU 34 34 34 GLU GLU A . n 
A 1 35 GLU 35 35 35 GLU GLU A . n 
A 1 36 VAL 36 36 36 VAL VAL A . n 
A 1 37 ASN 37 37 37 ASN ASN A . n 
A 1 38 LEU 38 38 38 LEU LEU A . n 
A 1 39 PRO 39 39 39 PRO PRO A . n 
A 1 40 GLY 40 40 40 GLY GLY A . n 
A 1 41 ARG 41 41 41 ARG ARG A . n 
A 1 42 TRP 42 42 42 TRP TRP A . n 
A 1 43 LYS 43 43 43 LYS LYS A . n 
A 1 44 PRO 44 44 44 PRO PRO A . n 
A 1 45 LYS 45 45 45 LYS LYS A . n 
A 1 46 LEU 46 46 46 LEU LEU A . n 
A 1 47 ILE 47 47 47 ILE ILE A . n 
A 1 48 GLY 48 48 48 GLY GLY A . n 
A 1 49 GLY 49 49 49 GLY GLY A . n 
A 1 50 ILE 50 50 50 ILE ILE A . n 
A 1 51 GLY 51 51 51 GLY GLY A . n 
A 1 52 GLY 52 52 52 GLY GLY A . n 
A 1 53 PHE 53 53 53 PHE PHE A . n 
A 1 54 VAL 54 54 54 VAL VAL A . n 
A 1 55 LYS 55 55 55 LYS LYS A . n 
A 1 56 VAL 56 56 56 VAL VAL A . n 
A 1 57 ARG 57 57 57 ARG ARG A . n 
A 1 58 GLN 58 58 58 GLN GLN A . n 
A 1 59 TYR 59 59 59 TYR TYR A . n 
A 1 60 ASP 60 60 60 ASP ASP A . n 
A 1 61 GLN 61 61 61 GLN GLN A . n 
A 1 62 VAL 62 62 62 VAL VAL A . n 
A 1 63 PRO 63 63 63 PRO PRO A . n 
A 1 64 ILE 64 64 64 ILE ILE A . n 
A 1 65 GLU 65 65 65 GLU GLU A . n 
A 1 66 ILE 66 66 66 ILE ILE A . n 
A 1 67 CYS 67 67 67 CYS CYS A . n 
A 1 68 GLY 68 68 68 GLY GLY A . n 
A 1 69 HIS 69 69 69 HIS HIS A . n 
A 1 70 LYS 70 70 70 LYS LYS A . n 
A 1 71 VAL 71 71 71 VAL VAL A . n 
A 1 72 ILE 72 72 72 ILE ILE A . n 
A 1 73 GLY 73 73 73 GLY GLY A . n 
A 1 74 THR 74 74 74 THR THR A . n 
A 1 75 VAL 75 75 75 VAL VAL A . n 
A 1 76 LEU 76 76 76 LEU LEU A . n 
A 1 77 VAL 77 77 77 VAL VAL A . n 
A 1 78 GLY 78 78 78 GLY GLY A . n 
A 1 79 PRO 79 79 79 PRO PRO A . n 
A 1 80 THR 80 80 80 THR THR A . n 
A 1 81 PRO 81 81 81 PRO PRO A . n 
A 1 82 ALA 82 82 82 ALA ALA A . n 
A 1 83 ASN 83 83 83 ASN ASN A . n 
A 1 84 VAL 84 84 84 VAL VAL A . n 
A 1 85 ILE 85 85 85 ILE ILE A . n 
A 1 86 GLY 86 86 86 GLY GLY A . n 
A 1 87 ARG 87 87 87 ARG ARG A . n 
A 1 88 ASN 88 88 88 ASN ASN A . n 
A 1 89 LEU 89 89 89 LEU LEU A . n 
A 1 90 MET 90 90 90 MET MET A . n 
A 1 91 THR 91 91 91 THR THR A . n 
A 1 92 GLN 92 92 92 GLN GLN A . n 
A 1 93 ILE 93 93 93 ILE ILE A . n 
A 1 94 GLY 94 94 94 GLY GLY A . n 
A 1 95 CYS 95 95 95 CYS CYS A . n 
A 1 96 THR 96 96 96 THR THR A . n 
A 1 97 LEU 97 97 97 LEU LEU A . n 
A 1 98 ASN 98 98 98 ASN ASN A . n 
A 1 99 PHE 99 99 99 PHE PHE A . n 
B 1 1  PRO 1  1  1  PRO PRO B . n 
B 1 2  GLN 2  2  2  GLN GLN B . n 
B 1 3  ILE 3  3  3  ILE ILE B . n 
B 1 4  THR 4  4  4  THR THR B . n 
B 1 5  LEU 5  5  5  LEU LEU B . n 
B 1 6  TRP 6  6  6  TRP TRP B . n 
B 1 7  GLN 7  7  7  GLN GLN B . n 
B 1 8  ARG 8  8  8  ARG ARG B . n 
B 1 9  PRO 9  9  9  PRO PRO B . n 
B 1 10 ILE 10 10 10 ILE ILE B . n 
B 1 11 VAL 11 11 11 VAL VAL B . n 
B 1 12 THR 12 12 12 THR THR B . n 
B 1 13 ILE 13 13 13 ILE ILE B . n 
B 1 14 LYS 14 14 14 LYS LYS B . n 
B 1 15 ILE 15 15 15 ILE ILE B . n 
B 1 16 GLY 16 16 16 GLY GLY B . n 
B 1 17 GLY 17 17 17 GLY GLY B . n 
B 1 18 GLN 18 18 18 GLN GLN B . n 
B 1 19 LEU 19 19 19 LEU LEU B . n 
B 1 20 LYS 20 20 20 LYS LYS B . n 
B 1 21 GLU 21 21 21 GLU GLU B . n 
B 1 22 ALA 22 22 22 ALA ALA B . n 
B 1 23 LEU 23 23 23 LEU LEU B . n 
B 1 24 LEU 24 24 24 LEU LEU B . n 
B 1 25 ASN 25 25 25 ASN ASP B . n 
B 1 26 THR 26 26 26 THR THR B . n 
B 1 27 GLY 27 27 27 GLY GLY B . n 
B 1 28 ALA 28 28 28 ALA ALA B . n 
B 1 29 ASP 29 29 29 ASP ASP B . n 
B 1 30 ASP 30 30 30 ASP ASP B . n 
B 1 31 THR 31 31 31 THR THR B . n 
B 1 32 VAL 32 32 32 VAL VAL B . n 
B 1 33 LEU 33 33 33 LEU LEU B . n 
B 1 34 GLU 34 34 34 GLU GLU B . n 
B 1 35 GLU 35 35 35 GLU GLU B . n 
B 1 36 VAL 36 36 36 VAL VAL B . n 
B 1 37 ASN 37 37 37 ASN ASN B . n 
B 1 38 LEU 38 38 38 LEU LEU B . n 
B 1 39 PRO 39 39 39 PRO PRO B . n 
B 1 40 GLY 40 40 40 GLY GLY B . n 
B 1 41 ARG 41 41 41 ARG ARG B . n 
B 1 42 TRP 42 42 42 TRP TRP B . n 
B 1 43 LYS 43 43 43 LYS LYS B . n 
B 1 44 PRO 44 44 44 PRO PRO B . n 
B 1 45 LYS 45 45 45 LYS LYS B . n 
B 1 46 LEU 46 46 46 LEU LEU B . n 
B 1 47 ILE 47 47 47 ILE ILE B . n 
B 1 48 GLY 48 48 48 GLY GLY B . n 
B 1 49 GLY 49 49 49 GLY GLY B . n 
B 1 50 ILE 50 50 50 ILE ILE B . n 
B 1 51 GLY 51 51 51 GLY GLY B . n 
B 1 52 GLY 52 52 52 GLY GLY B . n 
B 1 53 PHE 53 53 53 PHE PHE B . n 
B 1 54 VAL 54 54 54 VAL VAL B . n 
B 1 55 LYS 55 55 55 LYS LYS B . n 
B 1 56 VAL 56 56 56 VAL VAL B . n 
B 1 57 ARG 57 57 57 ARG ARG B . n 
B 1 58 GLN 58 58 58 GLN GLN B . n 
B 1 59 TYR 59 59 59 TYR TYR B . n 
B 1 60 ASP 60 60 60 ASP ASP B . n 
B 1 61 GLN 61 61 61 GLN GLN B . n 
B 1 62 VAL 62 62 62 VAL VAL B . n 
B 1 63 PRO 63 63 63 PRO PRO B . n 
B 1 64 ILE 64 64 64 ILE ILE B . n 
B 1 65 GLU 65 65 65 GLU GLU B . n 
B 1 66 ILE 66 66 66 ILE ILE B . n 
B 1 67 CYS 67 67 67 CYS CYS B . n 
B 1 68 GLY 68 68 68 GLY GLY B . n 
B 1 69 HIS 69 69 69 HIS HIS B . n 
B 1 70 LYS 70 70 70 LYS LYS B . n 
B 1 71 VAL 71 71 71 VAL VAL B . n 
B 1 72 ILE 72 72 72 ILE ILE B . n 
B 1 73 GLY 73 73 73 GLY GLY B . n 
B 1 74 THR 74 74 74 THR THR B . n 
B 1 75 VAL 75 75 75 VAL VAL B . n 
B 1 76 LEU 76 76 76 LEU LEU B . n 
B 1 77 VAL 77 77 77 VAL VAL B . n 
B 1 78 GLY 78 78 78 GLY GLY B . n 
B 1 79 PRO 79 79 79 PRO PRO B . n 
B 1 80 THR 80 80 80 THR THR B . n 
B 1 81 PRO 81 81 81 PRO PRO B . n 
B 1 82 ALA 82 82 82 ALA ALA B . n 
B 1 83 ASN 83 83 83 ASN ASN B . n 
B 1 84 VAL 84 84 84 VAL VAL B . n 
B 1 85 ILE 85 85 85 ILE ILE B . n 
B 1 86 GLY 86 86 86 GLY GLY B . n 
B 1 87 ARG 87 87 87 ARG ARG B . n 
B 1 88 ASN 88 88 88 ASN ASN B . n 
B 1 89 LEU 89 89 89 LEU LEU B . n 
B 1 90 MET 90 90 90 MET MET B . n 
B 1 91 THR 91 91 91 THR THR B . n 
B 1 92 GLN 92 92 92 GLN GLN B . n 
B 1 93 ILE 93 93 93 ILE ILE B . n 
B 1 94 GLY 94 94 94 GLY GLY B . n 
B 1 95 CYS 95 95 95 CYS CYS B . n 
B 1 96 THR 96 96 96 THR THR B . n 
B 1 97 LEU 97 97 97 LEU LEU B . n 
B 1 98 ASN 98 98 98 ASN ASN B . n 
B 1 99 PHE 99 99 99 PHE PHE B . n 
# 
loop_
_pdbx_nonpoly_scheme.asym_id 
_pdbx_nonpoly_scheme.entity_id 
_pdbx_nonpoly_scheme.mon_id 
_pdbx_nonpoly_scheme.ndb_seq_num 
_pdbx_nonpoly_scheme.pdb_seq_num 
_pdbx_nonpoly_scheme.auth_seq_num 
_pdbx_nonpoly_scheme.pdb_mon_id 
_pdbx_nonpoly_scheme.auth_mon_id 
_pdbx_nonpoly_scheme.pdb_strand_id 
_pdbx_nonpoly_scheme.pdb_ins_code 
C 2 DMQ 1  111 111 DMQ DMP B . 
D 3 HOH 1  100 1   HOH WAT A . 
D 3 HOH 2  101 2   HOH WAT A . 
D 3 HOH 3  102 3   HOH WAT A . 
D 3 HOH 4  103 4   HOH WAT A . 
D 3 HOH 5  104 5   HOH WAT A . 
D 3 HOH 6  105 6   HOH WAT A . 
D 3 HOH 7  106 7   HOH WAT A . 
D 3 HOH 8  107 8   HOH WAT A . 
D 3 HOH 9  108 9   HOH WAT A . 
D 3 HOH 10 109 10  HOH WAT A . 
D 3 HOH 11 110 11  HOH WAT A . 
D 3 HOH 12 111 12  HOH WAT A . 
D 3 HOH 13 112 13  HOH WAT A . 
D 3 HOH 14 113 14  HOH WAT A . 
D 3 HOH 15 114 15  HOH WAT A . 
D 3 HOH 16 115 16  HOH WAT A . 
D 3 HOH 17 116 17  HOH WAT A . 
D 3 HOH 18 117 18  HOH WAT A . 
D 3 HOH 19 118 19  HOH WAT A . 
D 3 HOH 20 119 20  HOH WAT A . 
D 3 HOH 21 120 21  HOH WAT A . 
D 3 HOH 22 121 22  HOH WAT A . 
D 3 HOH 23 122 23  HOH WAT A . 
D 3 HOH 24 123 24  HOH WAT A . 
D 3 HOH 25 124 25  HOH WAT A . 
D 3 HOH 26 125 26  HOH WAT A . 
D 3 HOH 27 126 27  HOH WAT A . 
D 3 HOH 28 127 28  HOH WAT A . 
D 3 HOH 29 128 29  HOH WAT A . 
D 3 HOH 30 129 30  HOH WAT A . 
D 3 HOH 31 130 32  HOH WAT A . 
D 3 HOH 32 131 33  HOH WAT A . 
D 3 HOH 33 132 34  HOH WAT A . 
D 3 HOH 34 133 35  HOH WAT A . 
D 3 HOH 35 134 36  HOH WAT A . 
D 3 HOH 36 135 37  HOH WAT A . 
D 3 HOH 37 136 38  HOH WAT A . 
D 3 HOH 38 137 39  HOH WAT A . 
D 3 HOH 39 138 40  HOH WAT A . 
D 3 HOH 40 139 41  HOH WAT A . 
D 3 HOH 41 140 42  HOH WAT A . 
# 
loop_
_software.name 
_software.classification 
_software.version 
_software.citation_id 
_software.pdbx_ordinal 
CNS          refinement       1.1            ? 1 
CrystalClear 'data reduction' '(MSC/RIGAKU)' ? 2 
d*TREK       'data scaling'   .              ? 3 
CCP4         phasing          .              ? 4 
# 
_cell.entry_id           1RQ9 
_cell.length_a           45.097 
_cell.length_b           45.097 
_cell.length_c           102.957 
_cell.angle_alpha        90.00 
_cell.angle_beta         90.00 
_cell.angle_gamma        90.00 
_cell.Z_PDB              8 
_cell.pdbx_unique_axis   ? 
_cell.length_a_esd       ? 
_cell.length_b_esd       ? 
_cell.length_c_esd       ? 
_cell.angle_alpha_esd    ? 
_cell.angle_beta_esd     ? 
_cell.angle_gamma_esd    ? 
# 
_symmetry.entry_id                         1RQ9 
_symmetry.space_group_name_H-M             'P 41' 
_symmetry.pdbx_full_space_group_name_H-M   ? 
_symmetry.cell_setting                     ? 
_symmetry.Int_Tables_number                76 
_symmetry.space_group_name_Hall            ? 
# 
_exptl.entry_id          1RQ9 
_exptl.method            'X-RAY DIFFRACTION' 
_exptl.crystals_number   1 
# 
_exptl_crystal.id                    1 
_exptl_crystal.density_meas          ? 
_exptl_crystal.density_percent_sol   49.50 
_exptl_crystal.description           ? 
_exptl_crystal.density_Matthews      2.44 
_exptl_crystal.F_000                 ? 
_exptl_crystal.preparation           ? 
# 
_exptl_crystal_grow.crystal_id      1 
_exptl_crystal_grow.method          'VAPOR DIFFUSION, HANGING DROP' 
_exptl_crystal_grow.temp            295 
_exptl_crystal_grow.temp_details    ? 
_exptl_crystal_grow.pH              6.5 
_exptl_crystal_grow.pdbx_details    'MES, sodium chloride, pH 6.5, VAPOR DIFFUSION, HANGING DROP, temperature 295K' 
_exptl_crystal_grow.pdbx_pH_range   . 
# 
_diffrn.id                     1 
_diffrn.ambient_temp           100 
_diffrn.ambient_temp_details   ? 
_diffrn.crystal_id             1 
# 
_diffrn_detector.diffrn_id              1 
_diffrn_detector.detector               'IMAGE PLATE' 
_diffrn_detector.type                   'RIGAKU RAXIS IV' 
_diffrn_detector.pdbx_collection_date   2003-03-13 
_diffrn_detector.details                'Osmic Mirrors' 
# 
_diffrn_radiation.diffrn_id                        1 
_diffrn_radiation.wavelength_id                    1 
_diffrn_radiation.pdbx_monochromatic_or_laue_m_l   M 
_diffrn_radiation.monochromator                    ? 
_diffrn_radiation.pdbx_diffrn_protocol             'SINGLE WAVELENGTH' 
_diffrn_radiation.pdbx_scattering_type             x-ray 
# 
_diffrn_radiation_wavelength.id           1 
_diffrn_radiation_wavelength.wavelength   1.5418 
_diffrn_radiation_wavelength.wt           1.0 
# 
_diffrn_source.diffrn_id                   1 
_diffrn_source.source                      'ROTATING ANODE' 
_diffrn_source.type                        'RIGAKU FR-D' 
_diffrn_source.pdbx_synchrotron_site       ? 
_diffrn_source.pdbx_synchrotron_beamline   ? 
_diffrn_source.pdbx_wavelength             1.5418 
_diffrn_source.pdbx_wavelength_list        1.5418 
# 
_reflns.entry_id                     1RQ9 
_reflns.observed_criterion_sigma_I   0.0 
_reflns.observed_criterion_sigma_F   0.0 
_reflns.d_resolution_low             23.36 
_reflns.d_resolution_high            2.5 
_reflns.number_obs                   7333 
_reflns.number_all                   ? 
_reflns.percent_possible_obs         97.6 
_reflns.pdbx_Rmerge_I_obs            0.17 
_reflns.pdbx_Rsym_value              0.17 
_reflns.pdbx_netI_over_sigmaI        ? 
_reflns.B_iso_Wilson_estimate        25.3 
_reflns.pdbx_redundancy              ? 
_reflns.R_free_details               ? 
_reflns.limit_h_max                  ? 
_reflns.limit_h_min                  ? 
_reflns.limit_k_max                  ? 
_reflns.limit_k_min                  ? 
_reflns.limit_l_max                  ? 
_reflns.limit_l_min                  ? 
_reflns.observed_criterion_F_max     ? 
_reflns.observed_criterion_F_min     ? 
_reflns.pdbx_chi_squared             ? 
_reflns.pdbx_scaling_rejects         ? 
_reflns.pdbx_diffrn_id               1 
_reflns.pdbx_ordinal                 1 
# 
_refine.entry_id                                 1RQ9 
_refine.ls_number_reflns_obs                     6422 
_refine.ls_number_reflns_all                     ? 
_refine.pdbx_ls_sigma_I                          ? 
_refine.pdbx_ls_sigma_F                          2.0 
_refine.pdbx_data_cutoff_high_absF               363103.29 
_refine.pdbx_data_cutoff_low_absF                0.000000 
_refine.pdbx_data_cutoff_high_rms_absF           363103.29 
_refine.ls_d_res_low                             23.36 
_refine.ls_d_res_high                            2.6 
_refine.ls_percent_reflns_obs                    100.0 
_refine.ls_R_factor_obs                          0.254 
_refine.ls_R_factor_all                          0.254 
_refine.ls_R_factor_R_work                       0.254 
_refine.ls_R_factor_R_free                       0.335 
_refine.ls_R_factor_R_free_error                 0.010 
_refine.ls_R_factor_R_free_error_details         ? 
_refine.ls_percent_reflns_R_free                 9.8 
_refine.ls_number_reflns_R_free                  321 
_refine.ls_number_parameters                     ? 
_refine.ls_number_restraints                     ? 
_refine.occupancy_min                            ? 
_refine.occupancy_max                            ? 
_refine.correlation_coeff_Fo_to_Fc               ? 
_refine.correlation_coeff_Fo_to_Fc_free          ? 
_refine.B_iso_mean                               40.3 
_refine.aniso_B[1][1]                            8.28 
_refine.aniso_B[2][2]                            8.28 
_refine.aniso_B[3][3]                            -16.56 
_refine.aniso_B[1][2]                            0.00 
_refine.aniso_B[1][3]                            0.00 
_refine.aniso_B[2][3]                            0.00 
_refine.solvent_model_details                    'FLAT MODEL' 
_refine.solvent_model_param_ksol                 0.424449 
_refine.solvent_model_param_bsol                 54.3818 
_refine.pdbx_solvent_vdw_probe_radii             ? 
_refine.pdbx_solvent_ion_probe_radii             ? 
_refine.pdbx_solvent_shrinkage_radii             ? 
_refine.pdbx_ls_cross_valid_method               THROUGHOUT 
_refine.details                                  ? 
_refine.pdbx_starting_model                      'higher resolution structure of the same protein' 
_refine.pdbx_method_to_determine_struct          'MOLECULAR REPLACEMENT' 
_refine.pdbx_isotropic_thermal_model             RESTRAINED 
_refine.pdbx_stereochemistry_target_values       'Engh & Huber' 
_refine.pdbx_stereochem_target_val_spec_case     ? 
_refine.pdbx_R_Free_selection_details            RANDOM 
_refine.pdbx_overall_ESU_R                       ? 
_refine.pdbx_overall_ESU_R_Free                  ? 
_refine.overall_SU_ML                            ? 
_refine.overall_SU_B                             ? 
_refine.ls_redundancy_reflns_obs                 ? 
_refine.B_iso_min                                ? 
_refine.B_iso_max                                ? 
_refine.overall_SU_R_Cruickshank_DPI             ? 
_refine.overall_SU_R_free                        ? 
_refine.ls_wR_factor_R_free                      ? 
_refine.ls_wR_factor_R_work                      ? 
_refine.overall_FOM_free_R_set                   ? 
_refine.overall_FOM_work_R_set                   ? 
_refine.pdbx_overall_phase_error                 ? 
_refine.pdbx_refine_id                           'X-RAY DIFFRACTION' 
_refine.pdbx_diffrn_id                           1 
_refine.pdbx_TLS_residual_ADP_flag               ? 
_refine.pdbx_overall_SU_R_free_Cruickshank_DPI   ? 
_refine.pdbx_overall_SU_R_Blow_DPI               ? 
_refine.pdbx_overall_SU_R_free_Blow_DPI          ? 
# 
_refine_analyze.entry_id                        1RQ9 
_refine_analyze.Luzzati_coordinate_error_obs    0.42 
_refine_analyze.Luzzati_sigma_a_obs             0.60 
_refine_analyze.Luzzati_d_res_low_obs           5.00 
_refine_analyze.Luzzati_coordinate_error_free   0.54 
_refine_analyze.Luzzati_sigma_a_free            0.65 
_refine_analyze.Luzzati_d_res_low_free          ? 
_refine_analyze.number_disordered_residues      ? 
_refine_analyze.occupancy_sum_hydrogen          ? 
_refine_analyze.occupancy_sum_non_hydrogen      ? 
_refine_analyze.pdbx_Luzzati_d_res_high_obs     ? 
_refine_analyze.pdbx_refine_id                  'X-RAY DIFFRACTION' 
# 
_refine_hist.pdbx_refine_id                   'X-RAY DIFFRACTION' 
_refine_hist.cycle_id                         LAST 
_refine_hist.pdbx_number_atoms_protein        1510 
_refine_hist.pdbx_number_atoms_nucleic_acid   0 
_refine_hist.pdbx_number_atoms_ligand         40 
_refine_hist.number_atoms_solvent             41 
_refine_hist.number_atoms_total               1591 
_refine_hist.d_res_high                       2.6 
_refine_hist.d_res_low                        23.36 
# 
loop_
_refine_ls_restr.type 
_refine_ls_restr.dev_ideal 
_refine_ls_restr.dev_ideal_target 
_refine_ls_restr.weight 
_refine_ls_restr.number 
_refine_ls_restr.pdbx_refine_id 
_refine_ls_restr.pdbx_restraint_function 
c_bond_d           0.010 ?    ? ? 'X-RAY DIFFRACTION' ? 
c_angle_deg        1.5   ?    ? ? 'X-RAY DIFFRACTION' ? 
c_dihedral_angle_d 26.3  ?    ? ? 'X-RAY DIFFRACTION' ? 
c_improper_angle_d 0.89  ?    ? ? 'X-RAY DIFFRACTION' ? 
c_mcbond_it        0.68  1.50 ? ? 'X-RAY DIFFRACTION' ? 
c_mcangle_it       1.20  2.00 ? ? 'X-RAY DIFFRACTION' ? 
c_scbond_it        2.61  2.00 ? ? 'X-RAY DIFFRACTION' ? 
c_scangle_it       2.96  2.50 ? ? 'X-RAY DIFFRACTION' ? 
# 
_refine_ls_shell.pdbx_total_number_of_bins_used   6 
_refine_ls_shell.d_res_high                       2.6 
_refine_ls_shell.d_res_low                        ? 
_refine_ls_shell.number_reflns_R_work             2016 
_refine_ls_shell.R_factor_R_work                  ? 
_refine_ls_shell.percent_reflns_obs               ? 
_refine_ls_shell.R_factor_R_free                  ? 
_refine_ls_shell.R_factor_R_free_error            ? 
_refine_ls_shell.percent_reflns_R_free            9.9 
_refine_ls_shell.number_reflns_R_free             ? 
_refine_ls_shell.number_reflns_obs                ? 
_refine_ls_shell.redundancy_reflns_obs            ? 
_refine_ls_shell.number_reflns_all                ? 
_refine_ls_shell.R_factor_all                     ? 
_refine_ls_shell.pdbx_refine_id                   'X-RAY DIFFRACTION' 
# 
loop_
_pdbx_xplor_file.serial_no 
_pdbx_xplor_file.param_file 
_pdbx_xplor_file.topol_file 
_pdbx_xplor_file.pdbx_refine_id 
1 PROTEIN_REP.PARAM PROTEIN.TOP 'X-RAY DIFFRACTION' 
2 WATER_REP.PARAM   WATER.TOP   'X-RAY DIFFRACTION' 
3 DMP450.PAR        DMP450.TOP  'X-RAY DIFFRACTION' 
# 
_struct.entry_id                  1RQ9 
_struct.title                     
'Crystal structures of a Multidrug-Resistant HIV-1 Protease Reveal an Expanded Active Site Cavity' 
_struct.pdbx_model_details        ? 
_struct.pdbx_CASP_flag            ? 
_struct.pdbx_model_type_details   ? 
# 
_struct_keywords.entry_id        1RQ9 
_struct_keywords.pdbx_keywords   HYDROLASE 
_struct_keywords.text            'HIV protease, AIDS, polyprotein, hydrolase, aspartyl protease, multi-drug resistance' 
# 
loop_
_struct_asym.id 
_struct_asym.pdbx_blank_PDB_chainid_flag 
_struct_asym.pdbx_modified 
_struct_asym.entity_id 
_struct_asym.details 
A N N 1 ? 
B N N 1 ? 
C N N 2 ? 
D N N 3 ? 
# 
_struct_ref.id                         1 
_struct_ref.db_name                    GB 
_struct_ref.db_code                    AAF05674 
_struct_ref.pdbx_db_accession          6179841 
_struct_ref.entity_id                  1 
_struct_ref.pdbx_seq_one_letter_code   
;PQITLWQRPIVTIKIGGQLKEALLDTGADDTVLEEMNLPGRWKPKLIGGIGGFVKVRQYDQVPIEICGHKVIGTVLVGPT
PANIIGRNLMTQIGCTLNF
;
_struct_ref.pdbx_align_begin           1 
_struct_ref.pdbx_db_isoform            ? 
# 
loop_
_struct_ref_seq.align_id 
_struct_ref_seq.ref_id 
_struct_ref_seq.pdbx_PDB_id_code 
_struct_ref_seq.pdbx_strand_id 
_struct_ref_seq.seq_align_beg 
_struct_ref_seq.pdbx_seq_align_beg_ins_code 
_struct_ref_seq.seq_align_end 
_struct_ref_seq.pdbx_seq_align_end_ins_code 
_struct_ref_seq.pdbx_db_accession 
_struct_ref_seq.db_align_beg 
_struct_ref_seq.pdbx_db_align_beg_ins_code 
_struct_ref_seq.db_align_end 
_struct_ref_seq.pdbx_db_align_end_ins_code 
_struct_ref_seq.pdbx_auth_seq_align_beg 
_struct_ref_seq.pdbx_auth_seq_align_end 
1 1 1RQ9 A 1 ? 99 ? 6179841 1 ? 99 ? 1 99 
2 1 1RQ9 B 1 ? 99 ? 6179841 1 ? 99 ? 1 99 
# 
loop_
_struct_ref_seq_dif.align_id 
_struct_ref_seq_dif.pdbx_pdb_id_code 
_struct_ref_seq_dif.mon_id 
_struct_ref_seq_dif.pdbx_pdb_strand_id 
_struct_ref_seq_dif.seq_num 
_struct_ref_seq_dif.pdbx_pdb_ins_code 
_struct_ref_seq_dif.pdbx_seq_db_name 
_struct_ref_seq_dif.pdbx_seq_db_accession_code 
_struct_ref_seq_dif.db_mon_id 
_struct_ref_seq_dif.pdbx_seq_db_seq_num 
_struct_ref_seq_dif.details 
_struct_ref_seq_dif.pdbx_auth_seq_num 
_struct_ref_seq_dif.pdbx_ordinal 
1 1RQ9 ASN A 25 ? GB 6179841 ASP 25 'engineered mutation' 25 1 
1 1RQ9 VAL A 36 ? GB 6179841 MET 36 'engineered mutation' 36 2 
1 1RQ9 VAL A 84 ? GB 6179841 ILE 84 'engineered mutation' 84 3 
2 1RQ9 ASN B 25 ? GB 6179841 ASP 25 'engineered mutation' 25 4 
2 1RQ9 VAL B 36 ? GB 6179841 MET 36 'engineered mutation' 36 5 
2 1RQ9 VAL B 84 ? GB 6179841 ILE 84 'engineered mutation' 84 6 
# 
_pdbx_struct_assembly.id                   1 
_pdbx_struct_assembly.details              author_and_software_defined_assembly 
_pdbx_struct_assembly.method_details       PISA 
_pdbx_struct_assembly.oligomeric_details   dimeric 
_pdbx_struct_assembly.oligomeric_count     2 
# 
loop_
_pdbx_struct_assembly_prop.biol_id 
_pdbx_struct_assembly_prop.type 
_pdbx_struct_assembly_prop.value 
_pdbx_struct_assembly_prop.details 
1 'ABSA (A^2)' 3830  ? 
1 MORE         -19   ? 
1 'SSA (A^2)'  10380 ? 
# 
_pdbx_struct_assembly_gen.assembly_id       1 
_pdbx_struct_assembly_gen.oper_expression   1 
_pdbx_struct_assembly_gen.asym_id_list      A,B,C,D 
# 
_pdbx_struct_oper_list.id                   1 
_pdbx_struct_oper_list.type                 'identity operation' 
_pdbx_struct_oper_list.name                 1_555 
_pdbx_struct_oper_list.symmetry_operation   x,y,z 
_pdbx_struct_oper_list.matrix[1][1]         1.0000000000 
_pdbx_struct_oper_list.matrix[1][2]         0.0000000000 
_pdbx_struct_oper_list.matrix[1][3]         0.0000000000 
_pdbx_struct_oper_list.vector[1]            0.0000000000 
_pdbx_struct_oper_list.matrix[2][1]         0.0000000000 
_pdbx_struct_oper_list.matrix[2][2]         1.0000000000 
_pdbx_struct_oper_list.matrix[2][3]         0.0000000000 
_pdbx_struct_oper_list.vector[2]            0.0000000000 
_pdbx_struct_oper_list.matrix[3][1]         0.0000000000 
_pdbx_struct_oper_list.matrix[3][2]         0.0000000000 
_pdbx_struct_oper_list.matrix[3][3]         1.0000000000 
_pdbx_struct_oper_list.vector[3]            0.0000000000 
# 
_struct_biol.id                    1 
_struct_biol.pdbx_parent_biol_id   ? 
_struct_biol.details               ? 
# 
loop_
_struct_conf.conf_type_id 
_struct_conf.id 
_struct_conf.pdbx_PDB_helix_id 
_struct_conf.beg_label_comp_id 
_struct_conf.beg_label_asym_id 
_struct_conf.beg_label_seq_id 
_struct_conf.pdbx_beg_PDB_ins_code 
_struct_conf.end_label_comp_id 
_struct_conf.end_label_asym_id 
_struct_conf.end_label_seq_id 
_struct_conf.pdbx_end_PDB_ins_code 
_struct_conf.beg_auth_comp_id 
_struct_conf.beg_auth_asym_id 
_struct_conf.beg_auth_seq_id 
_struct_conf.end_auth_comp_id 
_struct_conf.end_auth_asym_id 
_struct_conf.end_auth_seq_id 
_struct_conf.pdbx_PDB_helix_class 
_struct_conf.details 
_struct_conf.pdbx_PDB_helix_length 
HELX_P HELX_P1 1 GLY A 86 ? GLY A 94 ? GLY A 86 GLY A 94 1 ? 9 
HELX_P HELX_P2 2 GLY B 86 ? GLN B 92 ? GLY B 86 GLN B 92 1 ? 7 
# 
_struct_conf_type.id          HELX_P 
_struct_conf_type.criteria    ? 
_struct_conf_type.reference   ? 
# 
loop_
_struct_sheet.id 
_struct_sheet.type 
_struct_sheet.number_strands 
_struct_sheet.details 
A ? 4 ? 
B ? 5 ? 
C ? 2 ? 
D ? 2 ? 
E ? 3 ? 
F ? 4 ? 
# 
loop_
_struct_sheet_order.sheet_id 
_struct_sheet_order.range_id_1 
_struct_sheet_order.range_id_2 
_struct_sheet_order.offset 
_struct_sheet_order.sense 
A 1 2 ? anti-parallel 
A 2 3 ? anti-parallel 
A 3 4 ? anti-parallel 
B 1 2 ? anti-parallel 
B 2 3 ? anti-parallel 
B 3 4 ? anti-parallel 
B 4 5 ? parallel      
C 1 2 ? parallel      
D 1 2 ? anti-parallel 
E 1 2 ? anti-parallel 
E 2 3 ? parallel      
F 1 2 ? parallel      
F 2 3 ? anti-parallel 
F 3 4 ? anti-parallel 
# 
loop_
_struct_sheet_range.sheet_id 
_struct_sheet_range.id 
_struct_sheet_range.beg_label_comp_id 
_struct_sheet_range.beg_label_asym_id 
_struct_sheet_range.beg_label_seq_id 
_struct_sheet_range.pdbx_beg_PDB_ins_code 
_struct_sheet_range.end_label_comp_id 
_struct_sheet_range.end_label_asym_id 
_struct_sheet_range.end_label_seq_id 
_struct_sheet_range.pdbx_end_PDB_ins_code 
_struct_sheet_range.beg_auth_comp_id 
_struct_sheet_range.beg_auth_asym_id 
_struct_sheet_range.beg_auth_seq_id 
_struct_sheet_range.end_auth_comp_id 
_struct_sheet_range.end_auth_asym_id 
_struct_sheet_range.end_auth_seq_id 
A 1 GLN A 2  ? ILE A 3  ? GLN A 2  ILE A 3  
A 2 THR B 96 ? ASN B 98 ? THR B 96 ASN B 98 
A 3 THR A 96 ? ASN A 98 ? THR A 96 ASN A 98 
A 4 GLN B 2  ? ILE B 3  ? GLN B 2  ILE B 3  
B 1 HIS A 69 ? ILE A 72 ? HIS A 69 ILE A 72 
B 2 PRO A 63 ? ILE A 66 ? PRO A 63 ILE A 66 
B 3 ILE A 10 ? ILE A 15 ? ILE A 10 ILE A 15 
B 4 GLN A 18 ? LEU A 24 ? GLN A 18 LEU A 24 
B 5 VAL A 84 ? ILE A 85 ? VAL A 84 ILE A 85 
C 1 VAL A 32 ? GLU A 34 ? VAL A 32 GLU A 34 
C 2 LEU A 76 ? GLY A 78 ? LEU A 76 GLY A 78 
D 1 LYS A 43 ? GLY A 49 ? LYS A 43 GLY A 49 
D 2 GLY A 52 ? GLN A 58 ? GLY A 52 GLN A 58 
E 1 ILE B 10 ? ILE B 13 ? ILE B 10 ILE B 13 
E 2 LYS B 20 ? LEU B 24 ? LYS B 20 LEU B 24 
E 3 VAL B 84 ? ILE B 85 ? VAL B 84 ILE B 85 
F 1 VAL B 32 ? LEU B 33 ? VAL B 32 LEU B 33 
F 2 HIS B 69 ? VAL B 77 ? HIS B 69 VAL B 77 
F 3 GLY B 52 ? ILE B 66 ? GLY B 52 ILE B 66 
F 4 PRO B 44 ? GLY B 49 ? PRO B 44 GLY B 49 
# 
loop_
_pdbx_struct_sheet_hbond.sheet_id 
_pdbx_struct_sheet_hbond.range_id_1 
_pdbx_struct_sheet_hbond.range_id_2 
_pdbx_struct_sheet_hbond.range_1_label_atom_id 
_pdbx_struct_sheet_hbond.range_1_label_comp_id 
_pdbx_struct_sheet_hbond.range_1_label_asym_id 
_pdbx_struct_sheet_hbond.range_1_label_seq_id 
_pdbx_struct_sheet_hbond.range_1_PDB_ins_code 
_pdbx_struct_sheet_hbond.range_1_auth_atom_id 
_pdbx_struct_sheet_hbond.range_1_auth_comp_id 
_pdbx_struct_sheet_hbond.range_1_auth_asym_id 
_pdbx_struct_sheet_hbond.range_1_auth_seq_id 
_pdbx_struct_sheet_hbond.range_2_label_atom_id 
_pdbx_struct_sheet_hbond.range_2_label_comp_id 
_pdbx_struct_sheet_hbond.range_2_label_asym_id 
_pdbx_struct_sheet_hbond.range_2_label_seq_id 
_pdbx_struct_sheet_hbond.range_2_PDB_ins_code 
_pdbx_struct_sheet_hbond.range_2_auth_atom_id 
_pdbx_struct_sheet_hbond.range_2_auth_comp_id 
_pdbx_struct_sheet_hbond.range_2_auth_asym_id 
_pdbx_struct_sheet_hbond.range_2_auth_seq_id 
A 1 2 N ILE A 3  ? N ILE A 3  O LEU B 97 ? O LEU B 97 
A 2 3 O THR B 96 ? O THR B 96 N ASN A 98 ? N ASN A 98 
A 3 4 N LEU A 97 ? N LEU A 97 O ILE B 3  ? O ILE B 3  
B 1 2 O HIS A 69 ? O HIS A 69 N ILE A 66 ? N ILE A 66 
B 2 3 O GLU A 65 ? O GLU A 65 N LYS A 14 ? N LYS A 14 
B 3 4 N ILE A 15 ? N ILE A 15 O GLN A 18 ? O GLN A 18 
B 4 5 N LEU A 23 ? N LEU A 23 O ILE A 85 ? O ILE A 85 
C 1 2 N LEU A 33 ? N LEU A 33 O LEU A 76 ? O LEU A 76 
D 1 2 N LYS A 43 ? N LYS A 43 O GLN A 58 ? O GLN A 58 
E 1 2 N VAL B 11 ? N VAL B 11 O ALA B 22 ? O ALA B 22 
E 2 3 N LEU B 23 ? N LEU B 23 O ILE B 85 ? O ILE B 85 
F 1 2 N LEU B 33 ? N LEU B 33 O LEU B 76 ? O LEU B 76 
F 2 3 O VAL B 77 ? O VAL B 77 N ARG B 57 ? N ARG B 57 
F 3 4 O VAL B 54 ? O VAL B 54 N ILE B 47 ? N ILE B 47 
# 
_struct_site.id                   AC1 
_struct_site.pdbx_evidence_code   Software 
_struct_site.pdbx_auth_asym_id    B 
_struct_site.pdbx_auth_comp_id    DMQ 
_struct_site.pdbx_auth_seq_id     111 
_struct_site.pdbx_auth_ins_code   ? 
_struct_site.pdbx_num_residues    8 
_struct_site.details              'BINDING SITE FOR RESIDUE DMQ B 111' 
# 
loop_
_struct_site_gen.id 
_struct_site_gen.site_id 
_struct_site_gen.pdbx_num_res 
_struct_site_gen.label_comp_id 
_struct_site_gen.label_asym_id 
_struct_site_gen.label_seq_id 
_struct_site_gen.pdbx_auth_ins_code 
_struct_site_gen.auth_comp_id 
_struct_site_gen.auth_asym_id 
_struct_site_gen.auth_seq_id 
_struct_site_gen.label_atom_id 
_struct_site_gen.label_alt_id 
_struct_site_gen.symmetry 
_struct_site_gen.details 
1 AC1 8 ASN A 25 ? ASN A 25 . ? 1_555 ? 
2 AC1 8 GLY A 27 ? GLY A 27 . ? 1_555 ? 
3 AC1 8 ASN B 25 ? ASN B 25 . ? 1_555 ? 
4 AC1 8 GLY B 27 ? GLY B 27 . ? 1_555 ? 
5 AC1 8 ALA B 28 ? ALA B 28 . ? 1_555 ? 
6 AC1 8 ASP B 29 ? ASP B 29 . ? 1_555 ? 
7 AC1 8 ASP B 30 ? ASP B 30 . ? 1_555 ? 
8 AC1 8 GLY B 48 ? GLY B 48 . ? 1_555 ? 
# 
loop_
_pdbx_validate_torsion.id 
_pdbx_validate_torsion.PDB_model_num 
_pdbx_validate_torsion.auth_comp_id 
_pdbx_validate_torsion.auth_asym_id 
_pdbx_validate_torsion.auth_seq_id 
_pdbx_validate_torsion.PDB_ins_code 
_pdbx_validate_torsion.label_alt_id 
_pdbx_validate_torsion.phi 
_pdbx_validate_torsion.psi 
1  1 PRO A 9  ? ? -66.89  72.00   
2  1 GLU A 35 ? ? -8.00   125.94  
3  1 PRO A 39 ? ? -73.62  -156.10 
4  1 ILE A 47 ? ? -132.12 -158.50 
5  1 PRO B 9  ? ? -58.71  67.86   
6  1 LYS B 14 ? ? -168.13 74.87   
7  1 GLU B 35 ? ? 10.90   125.05  
8  1 ASN B 37 ? ? -56.27  88.37   
9  1 GLN B 61 ? ? 27.82   64.43   
10 1 CYS B 67 ? ? 38.12   67.57   
11 1 PRO B 81 ? ? -35.56  -15.14  
# 
loop_
_chem_comp_atom.comp_id 
_chem_comp_atom.atom_id 
_chem_comp_atom.type_symbol 
_chem_comp_atom.pdbx_aromatic_flag 
_chem_comp_atom.pdbx_stereo_config 
_chem_comp_atom.pdbx_ordinal 
ALA N    N N N 1   
ALA CA   C N S 2   
ALA C    C N N 3   
ALA O    O N N 4   
ALA CB   C N N 5   
ALA OXT  O N N 6   
ALA H    H N N 7   
ALA H2   H N N 8   
ALA HA   H N N 9   
ALA HB1  H N N 10  
ALA HB2  H N N 11  
ALA HB3  H N N 12  
ALA HXT  H N N 13  
ARG N    N N N 14  
ARG CA   C N S 15  
ARG C    C N N 16  
ARG O    O N N 17  
ARG CB   C N N 18  
ARG CG   C N N 19  
ARG CD   C N N 20  
ARG NE   N N N 21  
ARG CZ   C N N 22  
ARG NH1  N N N 23  
ARG NH2  N N N 24  
ARG OXT  O N N 25  
ARG H    H N N 26  
ARG H2   H N N 27  
ARG HA   H N N 28  
ARG HB2  H N N 29  
ARG HB3  H N N 30  
ARG HG2  H N N 31  
ARG HG3  H N N 32  
ARG HD2  H N N 33  
ARG HD3  H N N 34  
ARG HE   H N N 35  
ARG HH11 H N N 36  
ARG HH12 H N N 37  
ARG HH21 H N N 38  
ARG HH22 H N N 39  
ARG HXT  H N N 40  
ASN N    N N N 41  
ASN CA   C N S 42  
ASN C    C N N 43  
ASN O    O N N 44  
ASN CB   C N N 45  
ASN CG   C N N 46  
ASN OD1  O N N 47  
ASN ND2  N N N 48  
ASN OXT  O N N 49  
ASN H    H N N 50  
ASN H2   H N N 51  
ASN HA   H N N 52  
ASN HB2  H N N 53  
ASN HB3  H N N 54  
ASN HD21 H N N 55  
ASN HD22 H N N 56  
ASN HXT  H N N 57  
ASP N    N N N 58  
ASP CA   C N S 59  
ASP C    C N N 60  
ASP O    O N N 61  
ASP CB   C N N 62  
ASP CG   C N N 63  
ASP OD1  O N N 64  
ASP OD2  O N N 65  
ASP OXT  O N N 66  
ASP H    H N N 67  
ASP H2   H N N 68  
ASP HA   H N N 69  
ASP HB2  H N N 70  
ASP HB3  H N N 71  
ASP HD2  H N N 72  
ASP HXT  H N N 73  
CYS N    N N N 74  
CYS CA   C N R 75  
CYS C    C N N 76  
CYS O    O N N 77  
CYS CB   C N N 78  
CYS SG   S N N 79  
CYS OXT  O N N 80  
CYS H    H N N 81  
CYS H2   H N N 82  
CYS HA   H N N 83  
CYS HB2  H N N 84  
CYS HB3  H N N 85  
CYS HG   H N N 86  
CYS HXT  H N N 87  
DMQ C1   C N N 88  
DMQ O1   O N N 89  
DMQ N2   N N N 90  
DMQ C2   C N N 91  
DMQ C3   C N R 92  
DMQ C4   C N S 93  
DMQ O4   O N N 94  
DMQ C5   C N S 95  
DMQ O5   O N N 96  
DMQ C6   C N R 97  
DMQ C7   C N N 98  
DMQ N7   N N N 99  
DMQ C20  C Y N 100 
DMQ C21  C Y N 101 
DMQ C22  C Y N 102 
DMQ C23  C Y N 103 
DMQ C28  C Y N 104 
DMQ N29  N N N 105 
DMQ C29  C Y N 106 
DMQ C31  C N N 107 
DMQ C32  C Y N 108 
DMQ C33  C Y N 109 
DMQ C34  C Y N 110 
DMQ C35  C Y N 111 
DMQ C36  C Y N 112 
DMQ C37  C Y N 113 
DMQ C61  C N N 114 
DMQ C62  C Y N 115 
DMQ C63  C Y N 116 
DMQ C64  C Y N 117 
DMQ C65  C Y N 118 
DMQ C66  C Y N 119 
DMQ C67  C Y N 120 
DMQ C70  C Y N 121 
DMQ C71  C Y N 122 
DMQ C72  C Y N 123 
DMQ N79  N N N 124 
DMQ C77  C Y N 125 
DMQ C78  C Y N 126 
DMQ C79  C Y N 127 
DMQ H21A H N N 128 
DMQ H22A H N N 129 
DMQ H3   H N N 130 
DMQ H4   H N N 131 
DMQ HO4  H N N 132 
DMQ H5   H N N 133 
DMQ HO5  H N N 134 
DMQ H6   H N N 135 
DMQ H71A H N N 136 
DMQ H72  H N N 137 
DMQ H21  H N N 138 
DMQ H22  H N N 139 
DMQ H23  H N N 140 
DMQ HN21 H N N 141 
DMQ HN22 H N N 142 
DMQ H29  H N N 143 
DMQ H311 H N N 144 
DMQ H312 H N N 145 
DMQ H33  H N N 146 
DMQ H34  H N N 147 
DMQ H35  H N N 148 
DMQ H36  H N N 149 
DMQ H37  H N N 150 
DMQ H611 H N N 151 
DMQ H612 H N N 152 
DMQ H63  H N N 153 
DMQ H64  H N N 154 
DMQ H65  H N N 155 
DMQ H66  H N N 156 
DMQ H67  H N N 157 
DMQ H71  H N N 158 
DMQ HN71 H N N 159 
DMQ HN72 H N N 160 
DMQ H77  H N N 161 
DMQ H78  H N N 162 
DMQ H79  H N N 163 
GLN N    N N N 164 
GLN CA   C N S 165 
GLN C    C N N 166 
GLN O    O N N 167 
GLN CB   C N N 168 
GLN CG   C N N 169 
GLN CD   C N N 170 
GLN OE1  O N N 171 
GLN NE2  N N N 172 
GLN OXT  O N N 173 
GLN H    H N N 174 
GLN H2   H N N 175 
GLN HA   H N N 176 
GLN HB2  H N N 177 
GLN HB3  H N N 178 
GLN HG2  H N N 179 
GLN HG3  H N N 180 
GLN HE21 H N N 181 
GLN HE22 H N N 182 
GLN HXT  H N N 183 
GLU N    N N N 184 
GLU CA   C N S 185 
GLU C    C N N 186 
GLU O    O N N 187 
GLU CB   C N N 188 
GLU CG   C N N 189 
GLU CD   C N N 190 
GLU OE1  O N N 191 
GLU OE2  O N N 192 
GLU OXT  O N N 193 
GLU H    H N N 194 
GLU H2   H N N 195 
GLU HA   H N N 196 
GLU HB2  H N N 197 
GLU HB3  H N N 198 
GLU HG2  H N N 199 
GLU HG3  H N N 200 
GLU HE2  H N N 201 
GLU HXT  H N N 202 
GLY N    N N N 203 
GLY CA   C N N 204 
GLY C    C N N 205 
GLY O    O N N 206 
GLY OXT  O N N 207 
GLY H    H N N 208 
GLY H2   H N N 209 
GLY HA2  H N N 210 
GLY HA3  H N N 211 
GLY HXT  H N N 212 
HIS N    N N N 213 
HIS CA   C N S 214 
HIS C    C N N 215 
HIS O    O N N 216 
HIS CB   C N N 217 
HIS CG   C Y N 218 
HIS ND1  N Y N 219 
HIS CD2  C Y N 220 
HIS CE1  C Y N 221 
HIS NE2  N Y N 222 
HIS OXT  O N N 223 
HIS H    H N N 224 
HIS H2   H N N 225 
HIS HA   H N N 226 
HIS HB2  H N N 227 
HIS HB3  H N N 228 
HIS HD1  H N N 229 
HIS HD2  H N N 230 
HIS HE1  H N N 231 
HIS HE2  H N N 232 
HIS HXT  H N N 233 
HOH O    O N N 234 
HOH H1   H N N 235 
HOH H2   H N N 236 
ILE N    N N N 237 
ILE CA   C N S 238 
ILE C    C N N 239 
ILE O    O N N 240 
ILE CB   C N S 241 
ILE CG1  C N N 242 
ILE CG2  C N N 243 
ILE CD1  C N N 244 
ILE OXT  O N N 245 
ILE H    H N N 246 
ILE H2   H N N 247 
ILE HA   H N N 248 
ILE HB   H N N 249 
ILE HG12 H N N 250 
ILE HG13 H N N 251 
ILE HG21 H N N 252 
ILE HG22 H N N 253 
ILE HG23 H N N 254 
ILE HD11 H N N 255 
ILE HD12 H N N 256 
ILE HD13 H N N 257 
ILE HXT  H N N 258 
LEU N    N N N 259 
LEU CA   C N S 260 
LEU C    C N N 261 
LEU O    O N N 262 
LEU CB   C N N 263 
LEU CG   C N N 264 
LEU CD1  C N N 265 
LEU CD2  C N N 266 
LEU OXT  O N N 267 
LEU H    H N N 268 
LEU H2   H N N 269 
LEU HA   H N N 270 
LEU HB2  H N N 271 
LEU HB3  H N N 272 
LEU HG   H N N 273 
LEU HD11 H N N 274 
LEU HD12 H N N 275 
LEU HD13 H N N 276 
LEU HD21 H N N 277 
LEU HD22 H N N 278 
LEU HD23 H N N 279 
LEU HXT  H N N 280 
LYS N    N N N 281 
LYS CA   C N S 282 
LYS C    C N N 283 
LYS O    O N N 284 
LYS CB   C N N 285 
LYS CG   C N N 286 
LYS CD   C N N 287 
LYS CE   C N N 288 
LYS NZ   N N N 289 
LYS OXT  O N N 290 
LYS H    H N N 291 
LYS H2   H N N 292 
LYS HA   H N N 293 
LYS HB2  H N N 294 
LYS HB3  H N N 295 
LYS HG2  H N N 296 
LYS HG3  H N N 297 
LYS HD2  H N N 298 
LYS HD3  H N N 299 
LYS HE2  H N N 300 
LYS HE3  H N N 301 
LYS HZ1  H N N 302 
LYS HZ2  H N N 303 
LYS HZ3  H N N 304 
LYS HXT  H N N 305 
MET N    N N N 306 
MET CA   C N S 307 
MET C    C N N 308 
MET O    O N N 309 
MET CB   C N N 310 
MET CG   C N N 311 
MET SD   S N N 312 
MET CE   C N N 313 
MET OXT  O N N 314 
MET H    H N N 315 
MET H2   H N N 316 
MET HA   H N N 317 
MET HB2  H N N 318 
MET HB3  H N N 319 
MET HG2  H N N 320 
MET HG3  H N N 321 
MET HE1  H N N 322 
MET HE2  H N N 323 
MET HE3  H N N 324 
MET HXT  H N N 325 
PHE N    N N N 326 
PHE CA   C N S 327 
PHE C    C N N 328 
PHE O    O N N 329 
PHE CB   C N N 330 
PHE CG   C Y N 331 
PHE CD1  C Y N 332 
PHE CD2  C Y N 333 
PHE CE1  C Y N 334 
PHE CE2  C Y N 335 
PHE CZ   C Y N 336 
PHE OXT  O N N 337 
PHE H    H N N 338 
PHE H2   H N N 339 
PHE HA   H N N 340 
PHE HB2  H N N 341 
PHE HB3  H N N 342 
PHE HD1  H N N 343 
PHE HD2  H N N 344 
PHE HE1  H N N 345 
PHE HE2  H N N 346 
PHE HZ   H N N 347 
PHE HXT  H N N 348 
PRO N    N N N 349 
PRO CA   C N S 350 
PRO C    C N N 351 
PRO O    O N N 352 
PRO CB   C N N 353 
PRO CG   C N N 354 
PRO CD   C N N 355 
PRO OXT  O N N 356 
PRO H    H N N 357 
PRO HA   H N N 358 
PRO HB2  H N N 359 
PRO HB3  H N N 360 
PRO HG2  H N N 361 
PRO HG3  H N N 362 
PRO HD2  H N N 363 
PRO HD3  H N N 364 
PRO HXT  H N N 365 
THR N    N N N 366 
THR CA   C N S 367 
THR C    C N N 368 
THR O    O N N 369 
THR CB   C N R 370 
THR OG1  O N N 371 
THR CG2  C N N 372 
THR OXT  O N N 373 
THR H    H N N 374 
THR H2   H N N 375 
THR HA   H N N 376 
THR HB   H N N 377 
THR HG1  H N N 378 
THR HG21 H N N 379 
THR HG22 H N N 380 
THR HG23 H N N 381 
THR HXT  H N N 382 
TRP N    N N N 383 
TRP CA   C N S 384 
TRP C    C N N 385 
TRP O    O N N 386 
TRP CB   C N N 387 
TRP CG   C Y N 388 
TRP CD1  C Y N 389 
TRP CD2  C Y N 390 
TRP NE1  N Y N 391 
TRP CE2  C Y N 392 
TRP CE3  C Y N 393 
TRP CZ2  C Y N 394 
TRP CZ3  C Y N 395 
TRP CH2  C Y N 396 
TRP OXT  O N N 397 
TRP H    H N N 398 
TRP H2   H N N 399 
TRP HA   H N N 400 
TRP HB2  H N N 401 
TRP HB3  H N N 402 
TRP HD1  H N N 403 
TRP HE1  H N N 404 
TRP HE3  H N N 405 
TRP HZ2  H N N 406 
TRP HZ3  H N N 407 
TRP HH2  H N N 408 
TRP HXT  H N N 409 
TYR N    N N N 410 
TYR CA   C N S 411 
TYR C    C N N 412 
TYR O    O N N 413 
TYR CB   C N N 414 
TYR CG   C Y N 415 
TYR CD1  C Y N 416 
TYR CD2  C Y N 417 
TYR CE1  C Y N 418 
TYR CE2  C Y N 419 
TYR CZ   C Y N 420 
TYR OH   O N N 421 
TYR OXT  O N N 422 
TYR H    H N N 423 
TYR H2   H N N 424 
TYR HA   H N N 425 
TYR HB2  H N N 426 
TYR HB3  H N N 427 
TYR HD1  H N N 428 
TYR HD2  H N N 429 
TYR HE1  H N N 430 
TYR HE2  H N N 431 
TYR HH   H N N 432 
TYR HXT  H N N 433 
VAL N    N N N 434 
VAL CA   C N S 435 
VAL C    C N N 436 
VAL O    O N N 437 
VAL CB   C N N 438 
VAL CG1  C N N 439 
VAL CG2  C N N 440 
VAL OXT  O N N 441 
VAL H    H N N 442 
VAL H2   H N N 443 
VAL HA   H N N 444 
VAL HB   H N N 445 
VAL HG11 H N N 446 
VAL HG12 H N N 447 
VAL HG13 H N N 448 
VAL HG21 H N N 449 
VAL HG22 H N N 450 
VAL HG23 H N N 451 
VAL HXT  H N N 452 
# 
loop_
_chem_comp_bond.comp_id 
_chem_comp_bond.atom_id_1 
_chem_comp_bond.atom_id_2 
_chem_comp_bond.value_order 
_chem_comp_bond.pdbx_aromatic_flag 
_chem_comp_bond.pdbx_stereo_config 
_chem_comp_bond.pdbx_ordinal 
ALA N   CA   sing N N 1   
ALA N   H    sing N N 2   
ALA N   H2   sing N N 3   
ALA CA  C    sing N N 4   
ALA CA  CB   sing N N 5   
ALA CA  HA   sing N N 6   
ALA C   O    doub N N 7   
ALA C   OXT  sing N N 8   
ALA CB  HB1  sing N N 9   
ALA CB  HB2  sing N N 10  
ALA CB  HB3  sing N N 11  
ALA OXT HXT  sing N N 12  
ARG N   CA   sing N N 13  
ARG N   H    sing N N 14  
ARG N   H2   sing N N 15  
ARG CA  C    sing N N 16  
ARG CA  CB   sing N N 17  
ARG CA  HA   sing N N 18  
ARG C   O    doub N N 19  
ARG C   OXT  sing N N 20  
ARG CB  CG   sing N N 21  
ARG CB  HB2  sing N N 22  
ARG CB  HB3  sing N N 23  
ARG CG  CD   sing N N 24  
ARG CG  HG2  sing N N 25  
ARG CG  HG3  sing N N 26  
ARG CD  NE   sing N N 27  
ARG CD  HD2  sing N N 28  
ARG CD  HD3  sing N N 29  
ARG NE  CZ   sing N N 30  
ARG NE  HE   sing N N 31  
ARG CZ  NH1  sing N N 32  
ARG CZ  NH2  doub N N 33  
ARG NH1 HH11 sing N N 34  
ARG NH1 HH12 sing N N 35  
ARG NH2 HH21 sing N N 36  
ARG NH2 HH22 sing N N 37  
ARG OXT HXT  sing N N 38  
ASN N   CA   sing N N 39  
ASN N   H    sing N N 40  
ASN N   H2   sing N N 41  
ASN CA  C    sing N N 42  
ASN CA  CB   sing N N 43  
ASN CA  HA   sing N N 44  
ASN C   O    doub N N 45  
ASN C   OXT  sing N N 46  
ASN CB  CG   sing N N 47  
ASN CB  HB2  sing N N 48  
ASN CB  HB3  sing N N 49  
ASN CG  OD1  doub N N 50  
ASN CG  ND2  sing N N 51  
ASN ND2 HD21 sing N N 52  
ASN ND2 HD22 sing N N 53  
ASN OXT HXT  sing N N 54  
ASP N   CA   sing N N 55  
ASP N   H    sing N N 56  
ASP N   H2   sing N N 57  
ASP CA  C    sing N N 58  
ASP CA  CB   sing N N 59  
ASP CA  HA   sing N N 60  
ASP C   O    doub N N 61  
ASP C   OXT  sing N N 62  
ASP CB  CG   sing N N 63  
ASP CB  HB2  sing N N 64  
ASP CB  HB3  sing N N 65  
ASP CG  OD1  doub N N 66  
ASP CG  OD2  sing N N 67  
ASP OD2 HD2  sing N N 68  
ASP OXT HXT  sing N N 69  
CYS N   CA   sing N N 70  
CYS N   H    sing N N 71  
CYS N   H2   sing N N 72  
CYS CA  C    sing N N 73  
CYS CA  CB   sing N N 74  
CYS CA  HA   sing N N 75  
CYS C   O    doub N N 76  
CYS C   OXT  sing N N 77  
CYS CB  SG   sing N N 78  
CYS CB  HB2  sing N N 79  
CYS CB  HB3  sing N N 80  
CYS SG  HG   sing N N 81  
CYS OXT HXT  sing N N 82  
DMQ C1  O1   doub N N 83  
DMQ C1  N2   sing N N 84  
DMQ C1  N7   sing N N 85  
DMQ N2  C2   sing N N 86  
DMQ N2  C3   sing N N 87  
DMQ C2  C20  sing N N 88  
DMQ C2  H21A sing N N 89  
DMQ C2  H22A sing N N 90  
DMQ C3  C4   sing N N 91  
DMQ C3  C31  sing N N 92  
DMQ C3  H3   sing N N 93  
DMQ C4  O4   sing N N 94  
DMQ C4  C5   sing N N 95  
DMQ C4  H4   sing N N 96  
DMQ O4  HO4  sing N N 97  
DMQ C5  O5   sing N N 98  
DMQ C5  C6   sing N N 99  
DMQ C5  H5   sing N N 100 
DMQ O5  HO5  sing N N 101 
DMQ C6  N7   sing N N 102 
DMQ C6  C61  sing N N 103 
DMQ C6  H6   sing N N 104 
DMQ C7  N7   sing N N 105 
DMQ C7  C70  sing N N 106 
DMQ C7  H71A sing N N 107 
DMQ C7  H72  sing N N 108 
DMQ C20 C21  doub Y N 109 
DMQ C20 C29  sing Y N 110 
DMQ C21 C22  sing Y N 111 
DMQ C21 H21  sing N N 112 
DMQ C22 C23  doub Y N 113 
DMQ C22 H22  sing N N 114 
DMQ C23 C28  sing Y N 115 
DMQ C23 H23  sing N N 116 
DMQ C28 N29  sing N N 117 
DMQ C28 C29  doub Y N 118 
DMQ N29 HN21 sing N N 119 
DMQ N29 HN22 sing N N 120 
DMQ C29 H29  sing N N 121 
DMQ C31 C32  sing N N 122 
DMQ C31 H311 sing N N 123 
DMQ C31 H312 sing N N 124 
DMQ C32 C33  doub Y N 125 
DMQ C32 C37  sing Y N 126 
DMQ C33 C34  sing Y N 127 
DMQ C33 H33  sing N N 128 
DMQ C34 C35  doub Y N 129 
DMQ C34 H34  sing N N 130 
DMQ C35 C36  sing Y N 131 
DMQ C35 H35  sing N N 132 
DMQ C36 C37  doub Y N 133 
DMQ C36 H36  sing N N 134 
DMQ C37 H37  sing N N 135 
DMQ C61 C62  sing N N 136 
DMQ C61 H611 sing N N 137 
DMQ C61 H612 sing N N 138 
DMQ C62 C63  doub Y N 139 
DMQ C62 C67  sing Y N 140 
DMQ C63 C64  sing Y N 141 
DMQ C63 H63  sing N N 142 
DMQ C64 C65  doub Y N 143 
DMQ C64 H64  sing N N 144 
DMQ C65 C66  sing Y N 145 
DMQ C65 H65  sing N N 146 
DMQ C66 C67  doub Y N 147 
DMQ C66 H66  sing N N 148 
DMQ C67 H67  sing N N 149 
DMQ C70 C71  doub Y N 150 
DMQ C70 C79  sing Y N 151 
DMQ C71 C72  sing Y N 152 
DMQ C71 H71  sing N N 153 
DMQ C72 N79  sing N N 154 
DMQ C72 C77  doub Y N 155 
DMQ N79 HN71 sing N N 156 
DMQ N79 HN72 sing N N 157 
DMQ C77 C78  sing Y N 158 
DMQ C77 H77  sing N N 159 
DMQ C78 C79  doub Y N 160 
DMQ C78 H78  sing N N 161 
DMQ C79 H79  sing N N 162 
GLN N   CA   sing N N 163 
GLN N   H    sing N N 164 
GLN N   H2   sing N N 165 
GLN CA  C    sing N N 166 
GLN CA  CB   sing N N 167 
GLN CA  HA   sing N N 168 
GLN C   O    doub N N 169 
GLN C   OXT  sing N N 170 
GLN CB  CG   sing N N 171 
GLN CB  HB2  sing N N 172 
GLN CB  HB3  sing N N 173 
GLN CG  CD   sing N N 174 
GLN CG  HG2  sing N N 175 
GLN CG  HG3  sing N N 176 
GLN CD  OE1  doub N N 177 
GLN CD  NE2  sing N N 178 
GLN NE2 HE21 sing N N 179 
GLN NE2 HE22 sing N N 180 
GLN OXT HXT  sing N N 181 
GLU N   CA   sing N N 182 
GLU N   H    sing N N 183 
GLU N   H2   sing N N 184 
GLU CA  C    sing N N 185 
GLU CA  CB   sing N N 186 
GLU CA  HA   sing N N 187 
GLU C   O    doub N N 188 
GLU C   OXT  sing N N 189 
GLU CB  CG   sing N N 190 
GLU CB  HB2  sing N N 191 
GLU CB  HB3  sing N N 192 
GLU CG  CD   sing N N 193 
GLU CG  HG2  sing N N 194 
GLU CG  HG3  sing N N 195 
GLU CD  OE1  doub N N 196 
GLU CD  OE2  sing N N 197 
GLU OE2 HE2  sing N N 198 
GLU OXT HXT  sing N N 199 
GLY N   CA   sing N N 200 
GLY N   H    sing N N 201 
GLY N   H2   sing N N 202 
GLY CA  C    sing N N 203 
GLY CA  HA2  sing N N 204 
GLY CA  HA3  sing N N 205 
GLY C   O    doub N N 206 
GLY C   OXT  sing N N 207 
GLY OXT HXT  sing N N 208 
HIS N   CA   sing N N 209 
HIS N   H    sing N N 210 
HIS N   H2   sing N N 211 
HIS CA  C    sing N N 212 
HIS CA  CB   sing N N 213 
HIS CA  HA   sing N N 214 
HIS C   O    doub N N 215 
HIS C   OXT  sing N N 216 
HIS CB  CG   sing N N 217 
HIS CB  HB2  sing N N 218 
HIS CB  HB3  sing N N 219 
HIS CG  ND1  sing Y N 220 
HIS CG  CD2  doub Y N 221 
HIS ND1 CE1  doub Y N 222 
HIS ND1 HD1  sing N N 223 
HIS CD2 NE2  sing Y N 224 
HIS CD2 HD2  sing N N 225 
HIS CE1 NE2  sing Y N 226 
HIS CE1 HE1  sing N N 227 
HIS NE2 HE2  sing N N 228 
HIS OXT HXT  sing N N 229 
HOH O   H1   sing N N 230 
HOH O   H2   sing N N 231 
ILE N   CA   sing N N 232 
ILE N   H    sing N N 233 
ILE N   H2   sing N N 234 
ILE CA  C    sing N N 235 
ILE CA  CB   sing N N 236 
ILE CA  HA   sing N N 237 
ILE C   O    doub N N 238 
ILE C   OXT  sing N N 239 
ILE CB  CG1  sing N N 240 
ILE CB  CG2  sing N N 241 
ILE CB  HB   sing N N 242 
ILE CG1 CD1  sing N N 243 
ILE CG1 HG12 sing N N 244 
ILE CG1 HG13 sing N N 245 
ILE CG2 HG21 sing N N 246 
ILE CG2 HG22 sing N N 247 
ILE CG2 HG23 sing N N 248 
ILE CD1 HD11 sing N N 249 
ILE CD1 HD12 sing N N 250 
ILE CD1 HD13 sing N N 251 
ILE OXT HXT  sing N N 252 
LEU N   CA   sing N N 253 
LEU N   H    sing N N 254 
LEU N   H2   sing N N 255 
LEU CA  C    sing N N 256 
LEU CA  CB   sing N N 257 
LEU CA  HA   sing N N 258 
LEU C   O    doub N N 259 
LEU C   OXT  sing N N 260 
LEU CB  CG   sing N N 261 
LEU CB  HB2  sing N N 262 
LEU CB  HB3  sing N N 263 
LEU CG  CD1  sing N N 264 
LEU CG  CD2  sing N N 265 
LEU CG  HG   sing N N 266 
LEU CD1 HD11 sing N N 267 
LEU CD1 HD12 sing N N 268 
LEU CD1 HD13 sing N N 269 
LEU CD2 HD21 sing N N 270 
LEU CD2 HD22 sing N N 271 
LEU CD2 HD23 sing N N 272 
LEU OXT HXT  sing N N 273 
LYS N   CA   sing N N 274 
LYS N   H    sing N N 275 
LYS N   H2   sing N N 276 
LYS CA  C    sing N N 277 
LYS CA  CB   sing N N 278 
LYS CA  HA   sing N N 279 
LYS C   O    doub N N 280 
LYS C   OXT  sing N N 281 
LYS CB  CG   sing N N 282 
LYS CB  HB2  sing N N 283 
LYS CB  HB3  sing N N 284 
LYS CG  CD   sing N N 285 
LYS CG  HG2  sing N N 286 
LYS CG  HG3  sing N N 287 
LYS CD  CE   sing N N 288 
LYS CD  HD2  sing N N 289 
LYS CD  HD3  sing N N 290 
LYS CE  NZ   sing N N 291 
LYS CE  HE2  sing N N 292 
LYS CE  HE3  sing N N 293 
LYS NZ  HZ1  sing N N 294 
LYS NZ  HZ2  sing N N 295 
LYS NZ  HZ3  sing N N 296 
LYS OXT HXT  sing N N 297 
MET N   CA   sing N N 298 
MET N   H    sing N N 299 
MET N   H2   sing N N 300 
MET CA  C    sing N N 301 
MET CA  CB   sing N N 302 
MET CA  HA   sing N N 303 
MET C   O    doub N N 304 
MET C   OXT  sing N N 305 
MET CB  CG   sing N N 306 
MET CB  HB2  sing N N 307 
MET CB  HB3  sing N N 308 
MET CG  SD   sing N N 309 
MET CG  HG2  sing N N 310 
MET CG  HG3  sing N N 311 
MET SD  CE   sing N N 312 
MET CE  HE1  sing N N 313 
MET CE  HE2  sing N N 314 
MET CE  HE3  sing N N 315 
MET OXT HXT  sing N N 316 
PHE N   CA   sing N N 317 
PHE N   H    sing N N 318 
PHE N   H2   sing N N 319 
PHE CA  C    sing N N 320 
PHE CA  CB   sing N N 321 
PHE CA  HA   sing N N 322 
PHE C   O    doub N N 323 
PHE C   OXT  sing N N 324 
PHE CB  CG   sing N N 325 
PHE CB  HB2  sing N N 326 
PHE CB  HB3  sing N N 327 
PHE CG  CD1  doub Y N 328 
PHE CG  CD2  sing Y N 329 
PHE CD1 CE1  sing Y N 330 
PHE CD1 HD1  sing N N 331 
PHE CD2 CE2  doub Y N 332 
PHE CD2 HD2  sing N N 333 
PHE CE1 CZ   doub Y N 334 
PHE CE1 HE1  sing N N 335 
PHE CE2 CZ   sing Y N 336 
PHE CE2 HE2  sing N N 337 
PHE CZ  HZ   sing N N 338 
PHE OXT HXT  sing N N 339 
PRO N   CA   sing N N 340 
PRO N   CD   sing N N 341 
PRO N   H    sing N N 342 
PRO CA  C    sing N N 343 
PRO CA  CB   sing N N 344 
PRO CA  HA   sing N N 345 
PRO C   O    doub N N 346 
PRO C   OXT  sing N N 347 
PRO CB  CG   sing N N 348 
PRO CB  HB2  sing N N 349 
PRO CB  HB3  sing N N 350 
PRO CG  CD   sing N N 351 
PRO CG  HG2  sing N N 352 
PRO CG  HG3  sing N N 353 
PRO CD  HD2  sing N N 354 
PRO CD  HD3  sing N N 355 
PRO OXT HXT  sing N N 356 
THR N   CA   sing N N 357 
THR N   H    sing N N 358 
THR N   H2   sing N N 359 
THR CA  C    sing N N 360 
THR CA  CB   sing N N 361 
THR CA  HA   sing N N 362 
THR C   O    doub N N 363 
THR C   OXT  sing N N 364 
THR CB  OG1  sing N N 365 
THR CB  CG2  sing N N 366 
THR CB  HB   sing N N 367 
THR OG1 HG1  sing N N 368 
THR CG2 HG21 sing N N 369 
THR CG2 HG22 sing N N 370 
THR CG2 HG23 sing N N 371 
THR OXT HXT  sing N N 372 
TRP N   CA   sing N N 373 
TRP N   H    sing N N 374 
TRP N   H2   sing N N 375 
TRP CA  C    sing N N 376 
TRP CA  CB   sing N N 377 
TRP CA  HA   sing N N 378 
TRP C   O    doub N N 379 
TRP C   OXT  sing N N 380 
TRP CB  CG   sing N N 381 
TRP CB  HB2  sing N N 382 
TRP CB  HB3  sing N N 383 
TRP CG  CD1  doub Y N 384 
TRP CG  CD2  sing Y N 385 
TRP CD1 NE1  sing Y N 386 
TRP CD1 HD1  sing N N 387 
TRP CD2 CE2  doub Y N 388 
TRP CD2 CE3  sing Y N 389 
TRP NE1 CE2  sing Y N 390 
TRP NE1 HE1  sing N N 391 
TRP CE2 CZ2  sing Y N 392 
TRP CE3 CZ3  doub Y N 393 
TRP CE3 HE3  sing N N 394 
TRP CZ2 CH2  doub Y N 395 
TRP CZ2 HZ2  sing N N 396 
TRP CZ3 CH2  sing Y N 397 
TRP CZ3 HZ3  sing N N 398 
TRP CH2 HH2  sing N N 399 
TRP OXT HXT  sing N N 400 
TYR N   CA   sing N N 401 
TYR N   H    sing N N 402 
TYR N   H2   sing N N 403 
TYR CA  C    sing N N 404 
TYR CA  CB   sing N N 405 
TYR CA  HA   sing N N 406 
TYR C   O    doub N N 407 
TYR C   OXT  sing N N 408 
TYR CB  CG   sing N N 409 
TYR CB  HB2  sing N N 410 
TYR CB  HB3  sing N N 411 
TYR CG  CD1  doub Y N 412 
TYR CG  CD2  sing Y N 413 
TYR CD1 CE1  sing Y N 414 
TYR CD1 HD1  sing N N 415 
TYR CD2 CE2  doub Y N 416 
TYR CD2 HD2  sing N N 417 
TYR CE1 CZ   doub Y N 418 
TYR CE1 HE1  sing N N 419 
TYR CE2 CZ   sing Y N 420 
TYR CE2 HE2  sing N N 421 
TYR CZ  OH   sing N N 422 
TYR OH  HH   sing N N 423 
TYR OXT HXT  sing N N 424 
VAL N   CA   sing N N 425 
VAL N   H    sing N N 426 
VAL N   H2   sing N N 427 
VAL CA  C    sing N N 428 
VAL CA  CB   sing N N 429 
VAL CA  HA   sing N N 430 
VAL C   O    doub N N 431 
VAL C   OXT  sing N N 432 
VAL CB  CG1  sing N N 433 
VAL CB  CG2  sing N N 434 
VAL CB  HB   sing N N 435 
VAL CG1 HG11 sing N N 436 
VAL CG1 HG12 sing N N 437 
VAL CG1 HG13 sing N N 438 
VAL CG2 HG21 sing N N 439 
VAL CG2 HG22 sing N N 440 
VAL CG2 HG23 sing N N 441 
VAL OXT HXT  sing N N 442 
# 
_pdbx_initial_refinement_model.accession_code   ? 
_pdbx_initial_refinement_model.id               1 
_pdbx_initial_refinement_model.entity_id_list   ? 
_pdbx_initial_refinement_model.type             'experimental model' 
_pdbx_initial_refinement_model.source_name      Other 
_pdbx_initial_refinement_model.details          'higher resolution structure of the same protein' 
# 
_atom_sites.entry_id                    1RQ9 
_atom_sites.fract_transf_matrix[1][1]   -0.00877561 
_atom_sites.fract_transf_matrix[1][2]   -0.00764642 
_atom_sites.fract_transf_matrix[1][3]   -0.01887345 
_atom_sites.fract_transf_matrix[2][1]   -0.01729881 
_atom_sites.fract_transf_matrix[2][2]   0.01364201 
_atom_sites.fract_transf_matrix[2][3]   0.00251650 
_atom_sites.fract_transf_matrix[3][1]   0.00470610 
_atom_sites.fract_transf_matrix[3][2]   0.00688586 
_atom_sites.fract_transf_matrix[3][3]   -0.00497795 
_atom_sites.fract_transf_vector[1]      0.922341 
_atom_sites.fract_transf_vector[2]      0.421814 
_atom_sites.fract_transf_vector[3]      -0.122462 
# 
loop_
_atom_type.symbol 
C 
N 
O 
S 
# 
loop_
_atom_site.group_PDB 
_atom_site.id 
_atom_site.type_symbol 
_atom_site.label_atom_id 
_atom_site.label_alt_id 
_atom_site.label_comp_id 
_atom_site.label_asym_id 
_atom_site.label_entity_id 
_atom_site.label_seq_id 
_atom_site.pdbx_PDB_ins_code 
_atom_site.Cartn_x 
_atom_site.Cartn_y 
_atom_site.Cartn_z 
_atom_site.occupancy 
_atom_site.B_iso_or_equiv 
_atom_site.pdbx_formal_charge 
_atom_site.auth_seq_id 
_atom_site.auth_comp_id 
_atom_site.auth_asym_id 
_atom_site.auth_atom_id 
_atom_site.pdbx_PDB_model_num 
ATOM   1    N N   . PRO A 1 1  ? -9.354  5.701   -15.693 1.00 42.55 ? 1   PRO A N   1 
ATOM   2    C CA  . PRO A 1 1  ? -9.075  4.287   -16.022 1.00 41.81 ? 1   PRO A CA  1 
ATOM   3    C C   . PRO A 1 1  ? -9.127  3.463   -14.754 1.00 41.41 ? 1   PRO A C   1 
ATOM   4    O O   . PRO A 1 1  ? -8.512  3.811   -13.751 1.00 41.51 ? 1   PRO A O   1 
ATOM   5    C CB  . PRO A 1 1  ? -7.681  4.241   -16.614 1.00 41.88 ? 1   PRO A CB  1 
ATOM   6    C CG  . PRO A 1 1  ? -7.018  5.412   -15.857 1.00 43.56 ? 1   PRO A CG  1 
ATOM   7    C CD  . PRO A 1 1  ? -8.119  6.498   -15.844 1.00 42.59 ? 1   PRO A CD  1 
ATOM   8    N N   . GLN A 1 2  ? -9.865  2.367   -14.802 1.00 40.80 ? 2   GLN A N   1 
ATOM   9    C CA  . GLN A 1 2  ? -9.985  1.497   -13.650 1.00 39.69 ? 2   GLN A CA  1 
ATOM   10   C C   . GLN A 1 2  ? -8.844  0.491   -13.668 1.00 39.09 ? 2   GLN A C   1 
ATOM   11   O O   . GLN A 1 2  ? -8.546  -0.094  -14.709 1.00 39.47 ? 2   GLN A O   1 
ATOM   12   C CB  . GLN A 1 2  ? -11.316 0.771   -13.696 1.00 39.28 ? 2   GLN A CB  1 
ATOM   13   C CG  . GLN A 1 2  ? -11.649 0.015   -12.442 1.00 39.74 ? 2   GLN A CG  1 
ATOM   14   C CD  . GLN A 1 2  ? -12.921 -0.768  -12.607 1.00 36.76 ? 2   GLN A CD  1 
ATOM   15   O OE1 . GLN A 1 2  ? -13.040 -1.569  -13.539 1.00 34.53 ? 2   GLN A OE1 1 
ATOM   16   N NE2 . GLN A 1 2  ? -13.890 -0.542  -11.714 1.00 40.29 ? 2   GLN A NE2 1 
ATOM   17   N N   . ILE A 1 3  ? -8.204  0.304   -12.516 1.00 38.09 ? 3   ILE A N   1 
ATOM   18   C CA  . ILE A 1 3  ? -7.091  -0.628  -12.408 1.00 36.36 ? 3   ILE A CA  1 
ATOM   19   C C   . ILE A 1 3  ? -7.356  -1.731  -11.396 1.00 36.09 ? 3   ILE A C   1 
ATOM   20   O O   . ILE A 1 3  ? -7.307  -1.512  -10.178 1.00 34.94 ? 3   ILE A O   1 
ATOM   21   C CB  . ILE A 1 3  ? -5.791  0.078   -11.993 1.00 36.46 ? 3   ILE A CB  1 
ATOM   22   C CG1 . ILE A 1 3  ? -5.445  1.172   -13.000 1.00 34.59 ? 3   ILE A CG1 1 
ATOM   23   C CG2 . ILE A 1 3  ? -4.666  -0.936  -11.911 1.00 37.57 ? 3   ILE A CG2 1 
ATOM   24   C CD1 . ILE A 1 3  ? -4.210  1.970   -12.642 1.00 40.29 ? 3   ILE A CD1 1 
ATOM   25   N N   . THR A 1 4  ? -7.639  -2.919  -11.915 1.00 34.94 ? 4   THR A N   1 
ATOM   26   C CA  . THR A 1 4  ? -7.876  -4.073  -11.077 1.00 33.27 ? 4   THR A CA  1 
ATOM   27   C C   . THR A 1 4  ? -6.580  -4.278  -10.285 1.00 32.78 ? 4   THR A C   1 
ATOM   28   O O   . THR A 1 4  ? -5.563  -3.648  -10.577 1.00 32.51 ? 4   THR A O   1 
ATOM   29   C CB  . THR A 1 4  ? -8.221  -5.305  -11.943 1.00 33.70 ? 4   THR A CB  1 
ATOM   30   O OG1 . THR A 1 4  ? -7.054  -5.791  -12.619 1.00 31.95 ? 4   THR A OG1 1 
ATOM   31   C CG2 . THR A 1 4  ? -9.244  -4.910  -12.988 1.00 34.69 ? 4   THR A CG2 1 
ATOM   32   N N   . LEU A 1 5  ? -6.611  -5.150  -9.287  1.00 32.05 ? 5   LEU A N   1 
ATOM   33   C CA  . LEU A 1 5  ? -5.444  -5.370  -8.450  1.00 30.98 ? 5   LEU A CA  1 
ATOM   34   C C   . LEU A 1 5  ? -4.991  -6.822  -8.453  1.00 30.84 ? 5   LEU A C   1 
ATOM   35   O O   . LEU A 1 5  ? -4.512  -7.353  -7.442  1.00 30.74 ? 5   LEU A O   1 
ATOM   36   C CB  . LEU A 1 5  ? -5.775  -4.906  -7.030  1.00 31.31 ? 5   LEU A CB  1 
ATOM   37   C CG  . LEU A 1 5  ? -6.358  -3.486  -7.052  1.00 30.96 ? 5   LEU A CG  1 
ATOM   38   C CD1 . LEU A 1 5  ? -7.000  -3.125  -5.720  1.00 30.29 ? 5   LEU A CD1 1 
ATOM   39   C CD2 . LEU A 1 5  ? -5.241  -2.515  -7.435  1.00 31.49 ? 5   LEU A CD2 1 
ATOM   40   N N   . TRP A 1 6  ? -5.150  -7.476  -9.595  1.00 30.81 ? 6   TRP A N   1 
ATOM   41   C CA  . TRP A 1 6  ? -4.730  -8.860  -9.703  1.00 30.86 ? 6   TRP A CA  1 
ATOM   42   C C   . TRP A 1 6  ? -3.208  -8.868  -9.809  1.00 32.00 ? 6   TRP A C   1 
ATOM   43   O O   . TRP A 1 6  ? -2.565  -9.890  -9.612  1.00 31.37 ? 6   TRP A O   1 
ATOM   44   C CB  . TRP A 1 6  ? -5.368  -9.504  -10.933 1.00 30.27 ? 6   TRP A CB  1 
ATOM   45   C CG  . TRP A 1 6  ? -6.842  -9.695  -10.792 1.00 30.03 ? 6   TRP A CG  1 
ATOM   46   C CD1 . TRP A 1 6  ? -7.834  -8.889  -11.286 1.00 26.80 ? 6   TRP A CD1 1 
ATOM   47   C CD2 . TRP A 1 6  ? -7.498  -10.748 -10.072 1.00 29.53 ? 6   TRP A CD2 1 
ATOM   48   N NE1 . TRP A 1 6  ? -9.070  -9.384  -10.915 1.00 24.27 ? 6   TRP A NE1 1 
ATOM   49   C CE2 . TRP A 1 6  ? -8.887  -10.520 -10.167 1.00 25.75 ? 6   TRP A CE2 1 
ATOM   50   C CE3 . TRP A 1 6  ? -7.044  -11.862 -9.350  1.00 40.29 ? 6   TRP A CE3 1 
ATOM   51   C CZ2 . TRP A 1 6  ? -9.822  -11.365 -9.572  1.00 40.29 ? 6   TRP A CZ2 1 
ATOM   52   C CZ3 . TRP A 1 6  ? -7.968  -12.700 -8.764  1.00 40.29 ? 6   TRP A CZ3 1 
ATOM   53   C CH2 . TRP A 1 6  ? -9.343  -12.448 -8.876  1.00 40.29 ? 6   TRP A CH2 1 
ATOM   54   N N   . GLN A 1 7  ? -2.653  -7.690  -10.090 1.00 33.25 ? 7   GLN A N   1 
ATOM   55   C CA  . GLN A 1 7  ? -1.211  -7.479  -10.239 1.00 35.23 ? 7   GLN A CA  1 
ATOM   56   C C   . GLN A 1 7  ? -0.798  -6.253  -9.409  1.00 35.65 ? 7   GLN A C   1 
ATOM   57   O O   . GLN A 1 7  ? -1.660  -5.523  -8.930  1.00 35.99 ? 7   GLN A O   1 
ATOM   58   C CB  . GLN A 1 7  ? -0.881  -7.217  -11.714 1.00 35.32 ? 7   GLN A CB  1 
ATOM   59   C CG  . GLN A 1 7  ? -2.049  -7.472  -12.688 1.00 38.91 ? 7   GLN A CG  1 
ATOM   60   C CD  . GLN A 1 7  ? -3.286  -6.591  -12.434 1.00 41.02 ? 7   GLN A CD  1 
ATOM   61   O OE1 . GLN A 1 7  ? -4.298  -6.710  -13.129 1.00 43.43 ? 7   GLN A OE1 1 
ATOM   62   N NE2 . GLN A 1 7  ? -3.198  -5.702  -11.442 1.00 40.29 ? 7   GLN A NE2 1 
ATOM   63   N N   . ARG A 1 8  ? 0.504   -6.030  -9.239  1.00 35.79 ? 8   ARG A N   1 
ATOM   64   C CA  . ARG A 1 8  ? 0.990   -4.863  -8.493  1.00 36.17 ? 8   ARG A CA  1 
ATOM   65   C C   . ARG A 1 8  ? 0.647   -3.594  -9.305  1.00 36.51 ? 8   ARG A C   1 
ATOM   66   O O   . ARG A 1 8  ? 1.045   -3.475  -10.473 1.00 36.67 ? 8   ARG A O   1 
ATOM   67   C CB  . ARG A 1 8  ? 2.514   -4.892  -8.329  1.00 36.90 ? 8   ARG A CB  1 
ATOM   68   C CG  . ARG A 1 8  ? 3.153   -6.000  -7.503  1.00 37.39 ? 8   ARG A CG  1 
ATOM   69   C CD  . ARG A 1 8  ? 4.672   -5.744  -7.501  1.00 38.69 ? 8   ARG A CD  1 
ATOM   70   N NE  . ARG A 1 8  ? 5.470   -6.764  -6.827  1.00 43.49 ? 8   ARG A NE  1 
ATOM   71   C CZ  . ARG A 1 8  ? 5.393   -7.040  -5.528  1.00 42.88 ? 8   ARG A CZ  1 
ATOM   72   N NH1 . ARG A 1 8  ? 6.159   -7.989  -4.998  1.00 40.29 ? 8   ARG A NH1 1 
ATOM   73   N NH2 . ARG A 1 8  ? 4.548   -6.364  -4.755  1.00 40.29 ? 8   ARG A NH2 1 
ATOM   74   N N   . PRO A 1 9  ? -0.083  -2.631  -8.701  1.00 36.22 ? 9   PRO A N   1 
ATOM   75   C CA  . PRO A 1 9  ? -0.467  -1.385  -9.384  1.00 36.15 ? 9   PRO A CA  1 
ATOM   76   C C   . PRO A 1 9  ? 0.695   -0.429  -9.732  1.00 36.31 ? 9   PRO A C   1 
ATOM   77   O O   . PRO A 1 9  ? 0.841   0.644   -9.137  1.00 36.72 ? 9   PRO A O   1 
ATOM   78   C CB  . PRO A 1 9  ? -1.476  -0.763  -8.415  1.00 35.75 ? 9   PRO A CB  1 
ATOM   79   C CG  . PRO A 1 9  ? -1.030  -1.272  -7.079  1.00 35.66 ? 9   PRO A CG  1 
ATOM   80   C CD  . PRO A 1 9  ? -0.701  -2.706  -7.364  1.00 35.69 ? 9   PRO A CD  1 
ATOM   81   N N   . ILE A 1 10 ? 1.499   -0.814  -10.720 1.00 36.82 ? 10  ILE A N   1 
ATOM   82   C CA  . ILE A 1 10 ? 2.648   -0.013  -11.131 1.00 37.16 ? 10  ILE A CA  1 
ATOM   83   C C   . ILE A 1 10 ? 2.409   0.796   -12.411 1.00 37.63 ? 10  ILE A C   1 
ATOM   84   O O   . ILE A 1 10 ? 2.455   0.256   -13.521 1.00 38.33 ? 10  ILE A O   1 
ATOM   85   C CB  . ILE A 1 10 ? 3.876   -0.902  -11.365 1.00 36.96 ? 10  ILE A CB  1 
ATOM   86   C CG1 . ILE A 1 10 ? 3.972   -1.956  -10.260 1.00 36.09 ? 10  ILE A CG1 1 
ATOM   87   C CG2 . ILE A 1 10 ? 5.125   -0.040  -11.392 1.00 37.13 ? 10  ILE A CG2 1 
ATOM   88   C CD1 . ILE A 1 10 ? 5.189   -2.847  -10.364 1.00 40.29 ? 10  ILE A CD1 1 
ATOM   89   N N   . VAL A 1 11 ? 2.171   2.094   -12.257 1.00 37.04 ? 11  VAL A N   1 
ATOM   90   C CA  . VAL A 1 11 ? 1.936   2.941   -13.407 1.00 36.74 ? 11  VAL A CA  1 
ATOM   91   C C   . VAL A 1 11 ? 3.161   3.797   -13.659 1.00 37.13 ? 11  VAL A C   1 
ATOM   92   O O   . VAL A 1 11 ? 4.078   3.842   -12.842 1.00 36.33 ? 11  VAL A O   1 
ATOM   93   C CB  . VAL A 1 11 ? 0.725   3.873   -13.189 1.00 36.75 ? 11  VAL A CB  1 
ATOM   94   C CG1 . VAL A 1 11 ? -0.410  3.099   -12.540 1.00 37.20 ? 11  VAL A CG1 1 
ATOM   95   C CG2 . VAL A 1 11 ? 1.123   5.076   -12.342 1.00 35.46 ? 11  VAL A CG2 1 
ATOM   96   N N   . THR A 1 12 ? 3.171   4.482   -14.793 1.00 37.13 ? 12  THR A N   1 
ATOM   97   C CA  . THR A 1 12 ? 4.284   5.340   -15.137 1.00 36.99 ? 12  THR A CA  1 
ATOM   98   C C   . THR A 1 12 ? 3.966   6.803   -14.856 1.00 36.70 ? 12  THR A C   1 
ATOM   99   O O   . THR A 1 12 ? 2.869   7.283   -15.141 1.00 36.23 ? 12  THR A O   1 
ATOM   100  C CB  . THR A 1 12 ? 4.668   5.180   -16.625 1.00 37.51 ? 12  THR A CB  1 
ATOM   101  O OG1 . THR A 1 12 ? 5.524   4.034   -16.779 1.00 37.96 ? 12  THR A OG1 1 
ATOM   102  C CG2 . THR A 1 12 ? 5.366   6.440   -17.139 1.00 36.64 ? 12  THR A CG2 1 
ATOM   103  N N   . ILE A 1 13 ? 4.930   7.503   -14.274 1.00 36.79 ? 13  ILE A N   1 
ATOM   104  C CA  . ILE A 1 13 ? 4.763   8.910   -13.978 1.00 36.67 ? 13  ILE A CA  1 
ATOM   105  C C   . ILE A 1 13 ? 5.895   9.657   -14.657 1.00 37.54 ? 13  ILE A C   1 
ATOM   106  O O   . ILE A 1 13 ? 6.918   9.064   -15.010 1.00 37.88 ? 13  ILE A O   1 
ATOM   107  C CB  . ILE A 1 13 ? 4.795   9.181   -12.455 1.00 36.69 ? 13  ILE A CB  1 
ATOM   108  C CG1 . ILE A 1 13 ? 5.878   8.334   -11.783 1.00 34.21 ? 13  ILE A CG1 1 
ATOM   109  C CG2 . ILE A 1 13 ? 3.425   8.924   -11.852 1.00 35.92 ? 13  ILE A CG2 1 
ATOM   110  C CD1 . ILE A 1 13 ? 7.288   8.848   -11.981 1.00 40.29 ? 13  ILE A CD1 1 
ATOM   111  N N   . LYS A 1 14 ? 5.709   10.954  -14.855 1.00 38.50 ? 14  LYS A N   1 
ATOM   112  C CA  . LYS A 1 14 ? 6.738   11.755  -15.490 1.00 39.56 ? 14  LYS A CA  1 
ATOM   113  C C   . LYS A 1 14 ? 7.224   12.788  -14.477 1.00 40.05 ? 14  LYS A C   1 
ATOM   114  O O   . LYS A 1 14 ? 6.490   13.710  -14.126 1.00 40.02 ? 14  LYS A O   1 
ATOM   115  C CB  . LYS A 1 14 ? 6.175   12.440  -16.735 1.00 39.36 ? 14  LYS A CB  1 
ATOM   116  C CG  . LYS A 1 14 ? 7.206   12.611  -17.827 1.00 40.22 ? 14  LYS A CG  1 
ATOM   117  C CD  . LYS A 1 14 ? 6.724   13.483  -18.981 1.00 41.09 ? 14  LYS A CD  1 
ATOM   118  C CE  . LYS A 1 14 ? 5.569   12.862  -19.748 1.00 42.20 ? 14  LYS A CE  1 
ATOM   119  N NZ  . LYS A 1 14 ? 5.294   13.625  -21.002 1.00 41.57 ? 14  LYS A NZ  1 
ATOM   120  N N   . ILE A 1 15 ? 8.456   12.626  -14.000 1.00 40.59 ? 15  ILE A N   1 
ATOM   121  C CA  . ILE A 1 15 ? 9.001   13.549  -13.009 1.00 40.90 ? 15  ILE A CA  1 
ATOM   122  C C   . ILE A 1 15 ? 10.381  14.138  -13.349 1.00 41.63 ? 15  ILE A C   1 
ATOM   123  O O   . ILE A 1 15 ? 11.231  13.475  -13.961 1.00 41.86 ? 15  ILE A O   1 
ATOM   124  C CB  . ILE A 1 15 ? 9.054   12.872  -11.612 1.00 40.11 ? 15  ILE A CB  1 
ATOM   125  C CG1 . ILE A 1 15 ? 9.048   13.942  -10.518 1.00 41.57 ? 15  ILE A CG1 1 
ATOM   126  C CG2 . ILE A 1 15 ? 10.290  11.998  -11.489 1.00 39.77 ? 15  ILE A CG2 1 
ATOM   127  C CD1 . ILE A 1 15 ? 8.754   13.392  -9.138  1.00 40.29 ? 15  ILE A CD1 1 
ATOM   128  N N   . GLY A 1 16 ? 10.586  15.392  -12.944 1.00 42.88 ? 16  GLY A N   1 
ATOM   129  C CA  . GLY A 1 16 ? 11.846  16.072  -13.197 1.00 44.17 ? 16  GLY A CA  1 
ATOM   130  C C   . GLY A 1 16 ? 12.314  15.943  -14.635 1.00 45.28 ? 16  GLY A C   1 
ATOM   131  O O   . GLY A 1 16 ? 13.503  16.052  -14.921 1.00 45.50 ? 16  GLY A O   1 
ATOM   132  N N   . GLY A 1 17 ? 11.376  15.708  -15.545 1.00 45.89 ? 17  GLY A N   1 
ATOM   133  C CA  . GLY A 1 17 ? 11.724  15.559  -16.945 1.00 46.32 ? 17  GLY A CA  1 
ATOM   134  C C   . GLY A 1 17 ? 11.959  14.107  -17.340 1.00 46.76 ? 17  GLY A C   1 
ATOM   135  O O   . GLY A 1 17 ? 11.918  13.760  -18.524 1.00 46.87 ? 17  GLY A O   1 
ATOM   136  N N   . GLN A 1 18 ? 12.196  13.251  -16.352 1.00 46.72 ? 18  GLN A N   1 
ATOM   137  C CA  . GLN A 1 18 ? 12.444  11.843  -16.624 1.00 46.82 ? 18  GLN A CA  1 
ATOM   138  C C   . GLN A 1 18 ? 11.175  11.002  -16.518 1.00 46.96 ? 18  GLN A C   1 
ATOM   139  O O   . GLN A 1 18 ? 10.164  11.468  -15.987 1.00 47.62 ? 18  GLN A O   1 
ATOM   140  C CB  . GLN A 1 18 ? 13.488  11.314  -15.649 1.00 46.46 ? 18  GLN A CB  1 
ATOM   141  C CG  . GLN A 1 18 ? 14.753  12.134  -15.599 1.00 48.01 ? 18  GLN A CG  1 
ATOM   142  C CD  . GLN A 1 18 ? 15.613  11.733  -14.430 1.00 49.46 ? 18  GLN A CD  1 
ATOM   143  O OE1 . GLN A 1 18 ? 16.603  12.387  -14.118 1.00 49.96 ? 18  GLN A OE1 1 
ATOM   144  N NE2 . GLN A 1 18 ? 15.237  10.644  -13.771 1.00 40.29 ? 18  GLN A NE2 1 
ATOM   145  N N   . LEU A 1 19 ? 11.242  9.769   -17.028 1.00 46.76 ? 19  LEU A N   1 
ATOM   146  C CA  . LEU A 1 19 ? 10.117  8.821   -17.006 1.00 46.47 ? 19  LEU A CA  1 
ATOM   147  C C   . LEU A 1 19 ? 10.433  7.609   -16.140 1.00 46.52 ? 19  LEU A C   1 
ATOM   148  O O   . LEU A 1 19 ? 11.417  6.911   -16.380 1.00 46.55 ? 19  LEU A O   1 
ATOM   149  C CB  . LEU A 1 19 ? 9.792   8.338   -18.424 1.00 46.51 ? 19  LEU A CB  1 
ATOM   150  C CG  . LEU A 1 19 ? 8.867   9.219   -19.261 1.00 46.12 ? 19  LEU A CG  1 
ATOM   151  C CD1 . LEU A 1 19 ? 8.823   8.725   -20.701 1.00 44.23 ? 19  LEU A CD1 1 
ATOM   152  C CD2 . LEU A 1 19 ? 7.480   9.203   -18.633 1.00 44.50 ? 19  LEU A CD2 1 
ATOM   153  N N   . LYS A 1 20 ? 9.599   7.347   -15.142 1.00 45.68 ? 20  LYS A N   1 
ATOM   154  C CA  . LYS A 1 20 ? 9.847   6.210   -14.263 1.00 44.95 ? 20  LYS A CA  1 
ATOM   155  C C   . LYS A 1 20 ? 8.576   5.438   -13.938 1.00 44.26 ? 20  LYS A C   1 
ATOM   156  O O   . LYS A 1 20 ? 7.470   5.865   -14.275 1.00 44.34 ? 20  LYS A O   1 
ATOM   157  C CB  . LYS A 1 20 ? 10.487  6.675   -12.942 1.00 45.19 ? 20  LYS A CB  1 
ATOM   158  C CG  . LYS A 1 20 ? 11.522  7.786   -13.079 1.00 46.80 ? 20  LYS A CG  1 
ATOM   159  C CD  . LYS A 1 20 ? 12.409  7.876   -11.849 1.00 47.90 ? 20  LYS A CD  1 
ATOM   160  C CE  . LYS A 1 20 ? 13.504  6.824   -11.893 1.00 50.68 ? 20  LYS A CE  1 
ATOM   161  N NZ  . LYS A 1 20 ? 14.401  7.014   -13.070 1.00 52.33 ? 20  LYS A NZ  1 
ATOM   162  N N   . GLU A 1 21 ? 8.750   4.298   -13.278 1.00 43.19 ? 21  GLU A N   1 
ATOM   163  C CA  . GLU A 1 21 ? 7.622   3.468   -12.865 1.00 42.63 ? 21  GLU A CA  1 
ATOM   164  C C   . GLU A 1 21 ? 7.334   3.806   -11.407 1.00 42.15 ? 21  GLU A C   1 
ATOM   165  O O   . GLU A 1 21 ? 8.199   4.323   -10.696 1.00 42.32 ? 21  GLU A O   1 
ATOM   166  C CB  . GLU A 1 21 ? 7.979   1.982   -12.968 1.00 42.57 ? 21  GLU A CB  1 
ATOM   167  C CG  . GLU A 1 21 ? 6.973   1.143   -13.755 1.00 43.91 ? 21  GLU A CG  1 
ATOM   168  C CD  . GLU A 1 21 ? 7.293   1.108   -15.238 1.00 41.67 ? 21  GLU A CD  1 
ATOM   169  O OE1 . GLU A 1 21 ? 7.320   2.195   -15.865 1.00 40.78 ? 21  GLU A OE1 1 
ATOM   170  O OE2 . GLU A 1 21 ? 7.524   -0.006  -15.768 1.00 40.29 ? 21  GLU A OE2 1 
ATOM   171  N N   . ALA A 1 22 ? 6.125   3.503   -10.962 1.00 41.21 ? 22  ALA A N   1 
ATOM   172  C CA  . ALA A 1 22 ? 5.744   3.767   -9.582  1.00 40.68 ? 22  ALA A CA  1 
ATOM   173  C C   . ALA A 1 22 ? 4.517   2.945   -9.193  1.00 40.28 ? 22  ALA A C   1 
ATOM   174  O O   . ALA A 1 22 ? 3.553   2.840   -9.959  1.00 39.66 ? 22  ALA A O   1 
ATOM   175  C CB  . ALA A 1 22 ? 5.477   5.262   -9.387  1.00 40.48 ? 22  ALA A CB  1 
ATOM   176  N N   . LEU A 1 23 ? 4.567   2.357   -8.003  1.00 40.12 ? 23  LEU A N   1 
ATOM   177  C CA  . LEU A 1 23 ? 3.472   1.539   -7.494  1.00 39.73 ? 23  LEU A CA  1 
ATOM   178  C C   . LEU A 1 23 ? 2.448   2.434   -6.795  1.00 39.39 ? 23  LEU A C   1 
ATOM   179  O O   . LEU A 1 23 ? 2.811   3.245   -5.951  1.00 39.88 ? 23  LEU A O   1 
ATOM   180  C CB  . LEU A 1 23 ? 4.024   0.509   -6.502  1.00 38.95 ? 23  LEU A CB  1 
ATOM   181  C CG  . LEU A 1 23 ? 3.072   -0.520  -5.883  1.00 39.69 ? 23  LEU A CG  1 
ATOM   182  C CD1 . LEU A 1 23 ? 2.502   -1.399  -6.985  1.00 39.35 ? 23  LEU A CD1 1 
ATOM   183  C CD2 . LEU A 1 23 ? 3.806   -1.375  -4.856  1.00 37.97 ? 23  LEU A CD2 1 
ATOM   184  N N   . LEU A 1 24 ? 1.175   2.301   -7.158  1.00 39.07 ? 24  LEU A N   1 
ATOM   185  C CA  . LEU A 1 24 ? 0.120   3.093   -6.529  1.00 38.69 ? 24  LEU A CA  1 
ATOM   186  C C   . LEU A 1 24 ? -0.224  2.478   -5.169  1.00 38.31 ? 24  LEU A C   1 
ATOM   187  O O   . LEU A 1 24 ? -1.270  1.854   -4.987  1.00 37.92 ? 24  LEU A O   1 
ATOM   188  C CB  . LEU A 1 24 ? -1.121  3.146   -7.427  1.00 38.90 ? 24  LEU A CB  1 
ATOM   189  C CG  . LEU A 1 24 ? -1.032  4.097   -8.631  1.00 39.09 ? 24  LEU A CG  1 
ATOM   190  C CD1 . LEU A 1 24 ? -2.311  3.981   -9.465  1.00 36.24 ? 24  LEU A CD1 1 
ATOM   191  C CD2 . LEU A 1 24 ? -0.837  5.538   -8.161  1.00 38.45 ? 24  LEU A CD2 1 
ATOM   192  N N   . ASN A 1 25 ? 0.692   2.683   -4.226  1.00 38.06 ? 25  ASN A N   1 
ATOM   193  C CA  . ASN A 1 25 ? 0.626   2.180   -2.855  1.00 37.54 ? 25  ASN A CA  1 
ATOM   194  C C   . ASN A 1 25 ? -0.286  3.048   -1.982  1.00 37.05 ? 25  ASN A C   1 
ATOM   195  O O   . ASN A 1 25 ? 0.109   4.162   -1.619  1.00 37.32 ? 25  ASN A O   1 
ATOM   196  C CB  . ASN A 1 25 ? 2.046   2.193   -2.279  1.00 37.83 ? 25  ASN A CB  1 
ATOM   197  C CG  . ASN A 1 25 ? 2.143   1.526   -0.935  1.00 38.40 ? 25  ASN A CG  1 
ATOM   198  O OD1 . ASN A 1 25 ? 1.316   1.838   -0.058  1.00 39.18 ? 25  ASN A OD1 1 
ATOM   199  N ND2 . ASN A 1 25 ? 3.060   0.697   -0.753  1.00 37.80 ? 25  ASN A ND2 1 
ATOM   200  N N   . THR A 1 26 ? -1.477  2.542   -1.631  1.00 36.31 ? 26  THR A N   1 
ATOM   201  C CA  . THR A 1 26 ? -2.429  3.298   -0.809  1.00 34.85 ? 26  THR A CA  1 
ATOM   202  C C   . THR A 1 26 ? -2.124  3.205   0.681   1.00 35.00 ? 26  THR A C   1 
ATOM   203  O O   . THR A 1 26 ? -2.602  4.017   1.473   1.00 35.33 ? 26  THR A O   1 
ATOM   204  C CB  . THR A 1 26 ? -3.884  2.838   -1.021  1.00 34.65 ? 26  THR A CB  1 
ATOM   205  O OG1 . THR A 1 26 ? -4.066  1.543   -0.437  1.00 33.06 ? 26  THR A OG1 1 
ATOM   206  C CG2 . THR A 1 26 ? -4.217  2.779   -2.502  1.00 33.06 ? 26  THR A CG2 1 
ATOM   207  N N   . GLY A 1 27 ? -1.340  2.206   1.067   1.00 34.66 ? 27  GLY A N   1 
ATOM   208  C CA  . GLY A 1 27 ? -0.973  2.068   2.469   1.00 34.20 ? 27  GLY A CA  1 
ATOM   209  C C   . GLY A 1 27 ? 0.266   2.912   2.725   1.00 34.52 ? 27  GLY A C   1 
ATOM   210  O O   . GLY A 1 27 ? 1.069   2.630   3.622   1.00 34.31 ? 27  GLY A O   1 
ATOM   211  N N   . ALA A 1 28 ? 0.423   3.949   1.901   1.00 34.99 ? 28  ALA A N   1 
ATOM   212  C CA  . ALA A 1 28 ? 1.562   4.863   1.989   1.00 35.49 ? 28  ALA A CA  1 
ATOM   213  C C   . ALA A 1 28 ? 1.055   6.289   2.133   1.00 36.10 ? 28  ALA A C   1 
ATOM   214  O O   . ALA A 1 28 ? 0.239   6.755   1.332   1.00 36.71 ? 28  ALA A O   1 
ATOM   215  C CB  . ALA A 1 28 ? 2.441   4.747   0.740   1.00 35.19 ? 28  ALA A CB  1 
ATOM   216  N N   . ASP A 1 29 ? 1.541   6.973   3.161   1.00 36.74 ? 29  ASP A N   1 
ATOM   217  C CA  . ASP A 1 29 ? 1.138   8.342   3.408   1.00 37.12 ? 29  ASP A CA  1 
ATOM   218  C C   . ASP A 1 29 ? 1.843   9.230   2.404   1.00 36.10 ? 29  ASP A C   1 
ATOM   219  O O   . ASP A 1 29 ? 1.221   10.091  1.772   1.00 36.00 ? 29  ASP A O   1 
ATOM   220  C CB  . ASP A 1 29 ? 1.506   8.753   4.842   1.00 38.41 ? 29  ASP A CB  1 
ATOM   221  C CG  . ASP A 1 29 ? 1.078   10.188  5.183   1.00 42.48 ? 29  ASP A CG  1 
ATOM   222  O OD1 . ASP A 1 29 ? 0.813   10.470  6.381   1.00 45.84 ? 29  ASP A OD1 1 
ATOM   223  O OD2 . ASP A 1 29 ? 1.020   11.042  4.264   1.00 46.63 ? 29  ASP A OD2 1 
ATOM   224  N N   . ASP A 1 30 ? 3.137   8.978   2.231   1.00 35.25 ? 30  ASP A N   1 
ATOM   225  C CA  . ASP A 1 30 ? 3.985   9.770   1.345   1.00 33.44 ? 30  ASP A CA  1 
ATOM   226  C C   . ASP A 1 30 ? 4.428   9.105   0.044   1.00 33.57 ? 30  ASP A C   1 
ATOM   227  O O   . ASP A 1 30 ? 4.239   7.904   -0.173  1.00 32.83 ? 30  ASP A O   1 
ATOM   228  C CB  . ASP A 1 30 ? 5.229   10.198  2.119   1.00 33.60 ? 30  ASP A CB  1 
ATOM   229  C CG  . ASP A 1 30 ? 4.893   10.735  3.486   1.00 31.91 ? 30  ASP A CG  1 
ATOM   230  O OD1 . ASP A 1 30 ? 4.551   11.930  3.592   1.00 30.86 ? 30  ASP A OD1 1 
ATOM   231  O OD2 . ASP A 1 30 ? 4.951   9.951   4.457   1.00 28.26 ? 30  ASP A OD2 1 
ATOM   232  N N   . THR A 1 31 ? 5.048   9.921   -0.802  1.00 34.15 ? 31  THR A N   1 
ATOM   233  C CA  . THR A 1 31 ? 5.556   9.497   -2.091  1.00 35.19 ? 31  THR A CA  1 
ATOM   234  C C   . THR A 1 31 ? 7.081   9.555   -2.064  1.00 36.31 ? 31  THR A C   1 
ATOM   235  O O   . THR A 1 31 ? 7.664   10.619  -1.868  1.00 37.48 ? 31  THR A O   1 
ATOM   236  C CB  . THR A 1 31 ? 5.041   10.426  -3.186  1.00 34.99 ? 31  THR A CB  1 
ATOM   237  O OG1 . THR A 1 31 ? 3.616   10.525  -3.080  1.00 34.26 ? 31  THR A OG1 1 
ATOM   238  C CG2 . THR A 1 31 ? 5.415   9.904   -4.560  1.00 35.48 ? 31  THR A CG2 1 
ATOM   239  N N   . VAL A 1 32 ? 7.727   8.415   -2.256  1.00 36.66 ? 32  VAL A N   1 
ATOM   240  C CA  . VAL A 1 32 ? 9.180   8.376   -2.244  1.00 37.48 ? 32  VAL A CA  1 
ATOM   241  C C   . VAL A 1 32 ? 9.720   7.915   -3.592  1.00 38.35 ? 32  VAL A C   1 
ATOM   242  O O   . VAL A 1 32 ? 9.306   6.882   -4.121  1.00 38.66 ? 32  VAL A O   1 
ATOM   243  C CB  . VAL A 1 32 ? 9.717   7.411   -1.161  1.00 37.51 ? 32  VAL A CB  1 
ATOM   244  C CG1 . VAL A 1 32 ? 11.222  7.596   -1.001  1.00 37.06 ? 32  VAL A CG1 1 
ATOM   245  C CG2 . VAL A 1 32 ? 9.000   7.644   0.149   1.00 36.67 ? 32  VAL A CG2 1 
ATOM   246  N N   . LEU A 1 33 ? 10.652  8.680   -4.139  1.00 39.97 ? 33  LEU A N   1 
ATOM   247  C CA  . LEU A 1 33 ? 11.239  8.336   -5.421  1.00 41.57 ? 33  LEU A CA  1 
ATOM   248  C C   . LEU A 1 33 ? 12.728  8.040   -5.302  1.00 42.98 ? 33  LEU A C   1 
ATOM   249  O O   . LEU A 1 33 ? 13.441  8.655   -4.499  1.00 42.61 ? 33  LEU A O   1 
ATOM   250  C CB  . LEU A 1 33 ? 11.012  9.463   -6.427  1.00 41.57 ? 33  LEU A CB  1 
ATOM   251  C CG  . LEU A 1 33 ? 9.611   9.617   -7.035  1.00 41.39 ? 33  LEU A CG  1 
ATOM   252  C CD1 . LEU A 1 33 ? 9.238   8.316   -7.722  1.00 42.33 ? 33  LEU A CD1 1 
ATOM   253  C CD2 . LEU A 1 33 ? 8.580   9.952   -5.975  1.00 40.59 ? 33  LEU A CD2 1 
ATOM   254  N N   . GLU A 1 34 ? 13.178  7.071   -6.096  1.00 44.82 ? 34  GLU A N   1 
ATOM   255  C CA  . GLU A 1 34 ? 14.582  6.677   -6.134  1.00 46.32 ? 34  GLU A CA  1 
ATOM   256  C C   . GLU A 1 34 ? 15.389  7.887   -6.555  1.00 47.29 ? 34  GLU A C   1 
ATOM   257  O O   . GLU A 1 34 ? 15.074  8.530   -7.553  1.00 46.86 ? 34  GLU A O   1 
ATOM   258  C CB  . GLU A 1 34 ? 14.816  5.574   -7.168  1.00 46.77 ? 34  GLU A CB  1 
ATOM   259  C CG  . GLU A 1 34 ? 14.184  4.240   -6.853  1.00 48.38 ? 34  GLU A CG  1 
ATOM   260  C CD  . GLU A 1 34 ? 14.317  3.258   -8.002  1.00 50.93 ? 34  GLU A CD  1 
ATOM   261  O OE1 . GLU A 1 34 ? 14.039  2.052   -7.799  1.00 51.90 ? 34  GLU A OE1 1 
ATOM   262  O OE2 . GLU A 1 34 ? 14.694  3.698   -9.114  1.00 40.29 ? 34  GLU A OE2 1 
ATOM   263  N N   . GLU A 1 35 ? 16.426  8.184   -5.789  1.00 48.52 ? 35  GLU A N   1 
ATOM   264  C CA  . GLU A 1 35 ? 17.321  9.304   -6.055  1.00 49.48 ? 35  GLU A CA  1 
ATOM   265  C C   . GLU A 1 35 ? 17.072  9.995   -7.409  1.00 50.18 ? 35  GLU A C   1 
ATOM   266  O O   . GLU A 1 35 ? 17.039  9.341   -8.457  1.00 50.24 ? 35  GLU A O   1 
ATOM   267  C CB  . GLU A 1 35 ? 18.766  8.800   -5.974  1.00 49.59 ? 35  GLU A CB  1 
ATOM   268  C CG  . GLU A 1 35 ? 18.923  7.542   -5.084  1.00 51.30 ? 35  GLU A CG  1 
ATOM   269  C CD  . GLU A 1 35 ? 18.891  6.211   -5.869  1.00 52.29 ? 35  GLU A CD  1 
ATOM   270  O OE1 . GLU A 1 35 ? 18.619  5.141   -5.256  1.00 53.28 ? 35  GLU A OE1 1 
ATOM   271  O OE2 . GLU A 1 35 ? 19.160  6.235   -7.098  1.00 40.29 ? 35  GLU A OE2 1 
ATOM   272  N N   . VAL A 1 36 ? 16.870  11.313  -7.370  1.00 50.78 ? 36  VAL A N   1 
ATOM   273  C CA  . VAL A 1 36 ? 16.644  12.132  -8.565  1.00 50.14 ? 36  VAL A CA  1 
ATOM   274  C C   . VAL A 1 36 ? 17.347  13.450  -8.269  1.00 50.27 ? 36  VAL A C   1 
ATOM   275  O O   . VAL A 1 36 ? 18.104  13.524  -7.305  1.00 49.82 ? 36  VAL A O   1 
ATOM   276  C CB  . VAL A 1 36 ? 15.136  12.393  -8.832  1.00 49.96 ? 36  VAL A CB  1 
ATOM   277  C CG1 . VAL A 1 36 ? 14.426  11.081  -9.112  1.00 49.97 ? 36  VAL A CG1 1 
ATOM   278  C CG2 . VAL A 1 36 ? 14.501  13.091  -7.641  1.00 48.46 ? 36  VAL A CG2 1 
ATOM   279  N N   . ASN A 1 37 ? 17.108  14.491  -9.062  1.00 50.30 ? 37  ASN A N   1 
ATOM   280  C CA  . ASN A 1 37 ? 17.792  15.764  -8.820  1.00 50.47 ? 37  ASN A CA  1 
ATOM   281  C C   . ASN A 1 37 ? 16.886  16.962  -9.014  1.00 49.79 ? 37  ASN A C   1 
ATOM   282  O O   . ASN A 1 37 ? 17.293  17.964  -9.581  1.00 50.34 ? 37  ASN A O   1 
ATOM   283  C CB  . ASN A 1 37 ? 19.006  15.878  -9.754  1.00 51.05 ? 37  ASN A CB  1 
ATOM   284  C CG  . ASN A 1 37 ? 19.841  17.133  -9.504  1.00 53.45 ? 37  ASN A CG  1 
ATOM   285  O OD1 . ASN A 1 37 ? 20.393  17.325  -8.421  1.00 56.52 ? 37  ASN A OD1 1 
ATOM   286  N ND2 . ASN A 1 37 ? 19.941  17.985  -10.520 1.00 55.65 ? 37  ASN A ND2 1 
ATOM   287  N N   . LEU A 1 38 ? 15.655  16.857  -8.539  1.00 49.09 ? 38  LEU A N   1 
ATOM   288  C CA  . LEU A 1 38 ? 14.701  17.947  -8.683  1.00 47.84 ? 38  LEU A CA  1 
ATOM   289  C C   . LEU A 1 38 ? 15.311  19.273  -8.269  1.00 47.52 ? 38  LEU A C   1 
ATOM   290  O O   . LEU A 1 38 ? 16.072  19.347  -7.305  1.00 46.82 ? 38  LEU A O   1 
ATOM   291  C CB  . LEU A 1 38 ? 13.467  17.694  -7.821  1.00 47.60 ? 38  LEU A CB  1 
ATOM   292  C CG  . LEU A 1 38 ? 12.729  16.375  -8.029  1.00 46.01 ? 38  LEU A CG  1 
ATOM   293  C CD1 . LEU A 1 38 ? 11.653  16.263  -6.953  1.00 44.53 ? 38  LEU A CD1 1 
ATOM   294  C CD2 . LEU A 1 38 ? 12.136  16.315  -9.435  1.00 44.11 ? 38  LEU A CD2 1 
ATOM   295  N N   . PRO A 1 39 ? 14.983  20.344  -8.995  1.00 47.70 ? 39  PRO A N   1 
ATOM   296  C CA  . PRO A 1 39 ? 15.524  21.658  -8.656  1.00 47.82 ? 39  PRO A CA  1 
ATOM   297  C C   . PRO A 1 39 ? 14.824  22.163  -7.402  1.00 48.25 ? 39  PRO A C   1 
ATOM   298  O O   . PRO A 1 39 ? 14.296  21.374  -6.616  1.00 48.22 ? 39  PRO A O   1 
ATOM   299  C CB  . PRO A 1 39 ? 15.178  22.493  -9.881  1.00 47.61 ? 39  PRO A CB  1 
ATOM   300  C CG  . PRO A 1 39 ? 13.860  21.917  -10.290 1.00 47.80 ? 39  PRO A CG  1 
ATOM   301  C CD  . PRO A 1 39 ? 14.105  20.425  -10.176 1.00 48.06 ? 39  PRO A CD  1 
ATOM   302  N N   . GLY A 1 40 ? 14.810  23.479  -7.226  1.00 48.30 ? 40  GLY A N   1 
ATOM   303  C CA  . GLY A 1 40 ? 14.160  24.053  -6.063  1.00 48.21 ? 40  GLY A CA  1 
ATOM   304  C C   . GLY A 1 40 ? 14.769  23.569  -4.763  1.00 48.12 ? 40  GLY A C   1 
ATOM   305  O O   . GLY A 1 40 ? 15.566  22.626  -4.743  1.00 48.02 ? 40  GLY A O   1 
ATOM   306  N N   . ARG A 1 41 ? 14.395  24.223  -3.671  1.00 47.85 ? 41  ARG A N   1 
ATOM   307  C CA  . ARG A 1 41 ? 14.915  23.854  -2.371  1.00 48.38 ? 41  ARG A CA  1 
ATOM   308  C C   . ARG A 1 41 ? 14.175  22.636  -1.888  1.00 48.51 ? 41  ARG A C   1 
ATOM   309  O O   . ARG A 1 41 ? 13.294  22.111  -2.567  1.00 48.97 ? 41  ARG A O   1 
ATOM   310  C CB  . ARG A 1 41 ? 14.743  24.986  -1.350  1.00 48.44 ? 41  ARG A CB  1 
ATOM   311  C CG  . ARG A 1 41 ? 13.319  25.194  -0.823  1.00 49.56 ? 41  ARG A CG  1 
ATOM   312  C CD  . ARG A 1 41 ? 13.345  26.145  0.373   1.00 50.23 ? 41  ARG A CD  1 
ATOM   313  N NE  . ARG A 1 41 ? 14.057  27.379  0.038   1.00 50.44 ? 41  ARG A NE  1 
ATOM   314  C CZ  . ARG A 1 41 ? 13.525  28.398  -0.631  1.00 51.57 ? 41  ARG A CZ  1 
ATOM   315  N NH1 . ARG A 1 41 ? 14.270  29.466  -0.894  1.00 40.29 ? 41  ARG A NH1 1 
ATOM   316  N NH2 . ARG A 1 41 ? 12.248  28.369  -1.011  1.00 40.29 ? 41  ARG A NH2 1 
ATOM   317  N N   . TRP A 1 42 ? 14.533  22.207  -0.689  1.00 48.72 ? 42  TRP A N   1 
ATOM   318  C CA  . TRP A 1 42 ? 13.940  21.041  -0.085  1.00 48.99 ? 42  TRP A CA  1 
ATOM   319  C C   . TRP A 1 42 ? 14.312  21.092  1.376   1.00 49.09 ? 42  TRP A C   1 
ATOM   320  O O   . TRP A 1 42 ? 15.099  21.944  1.794   1.00 49.22 ? 42  TRP A O   1 
ATOM   321  C CB  . TRP A 1 42 ? 14.542  19.790  -0.703  1.00 48.87 ? 42  TRP A CB  1 
ATOM   322  C CG  . TRP A 1 42 ? 16.030  19.813  -0.649  1.00 49.43 ? 42  TRP A CG  1 
ATOM   323  C CD1 . TRP A 1 42 ? 16.876  20.258  -1.618  1.00 49.21 ? 42  TRP A CD1 1 
ATOM   324  C CD2 . TRP A 1 42 ? 16.851  19.440  0.461   1.00 49.49 ? 42  TRP A CD2 1 
ATOM   325  N NE1 . TRP A 1 42 ? 18.178  20.188  -1.181  1.00 50.55 ? 42  TRP A NE1 1 
ATOM   326  C CE2 . TRP A 1 42 ? 18.192  19.688  0.093   1.00 49.48 ? 42  TRP A CE2 1 
ATOM   327  C CE3 . TRP A 1 42 ? 16.586  18.921  1.734   1.00 40.29 ? 42  TRP A CE3 1 
ATOM   328  C CZ2 . TRP A 1 42 ? 19.268  19.438  0.952   1.00 40.29 ? 42  TRP A CZ2 1 
ATOM   329  C CZ3 . TRP A 1 42 ? 17.658  18.672  2.595   1.00 40.29 ? 42  TRP A CZ3 1 
ATOM   330  C CH2 . TRP A 1 42 ? 18.982  18.930  2.197   1.00 40.29 ? 42  TRP A CH2 1 
ATOM   331  N N   . LYS A 1 43 ? 13.755  20.166  2.145   1.00 49.08 ? 43  LYS A N   1 
ATOM   332  C CA  . LYS A 1 43 ? 14.045  20.084  3.563   1.00 49.78 ? 43  LYS A CA  1 
ATOM   333  C C   . LYS A 1 43 ? 14.327  18.626  3.857   1.00 49.87 ? 43  LYS A C   1 
ATOM   334  O O   . LYS A 1 43 ? 13.810  17.739  3.175   1.00 50.32 ? 43  LYS A O   1 
ATOM   335  C CB  . LYS A 1 43 ? 12.845  20.542  4.389   1.00 49.67 ? 43  LYS A CB  1 
ATOM   336  C CG  . LYS A 1 43 ? 12.352  21.944  4.078   1.00 50.81 ? 43  LYS A CG  1 
ATOM   337  C CD  . LYS A 1 43 ? 10.893  22.107  4.515   1.00 51.43 ? 43  LYS A CD  1 
ATOM   338  C CE  . LYS A 1 43 ? 10.705  21.779  5.997   1.00 51.13 ? 43  LYS A CE  1 
ATOM   339  N NZ  . LYS A 1 43 ? 9.278   21.869  6.427   1.00 52.71 ? 43  LYS A NZ  1 
ATOM   340  N N   . PRO A 1 44 ? 15.178  18.356  4.856   1.00 49.88 ? 44  PRO A N   1 
ATOM   341  C CA  . PRO A 1 44 ? 15.480  16.966  5.193   1.00 50.01 ? 44  PRO A CA  1 
ATOM   342  C C   . PRO A 1 44 ? 14.411  16.405  6.131   1.00 50.08 ? 44  PRO A C   1 
ATOM   343  O O   . PRO A 1 44 ? 14.079  17.023  7.146   1.00 50.26 ? 44  PRO A O   1 
ATOM   344  C CB  . PRO A 1 44 ? 16.849  17.071  5.849   1.00 49.79 ? 44  PRO A CB  1 
ATOM   345  C CG  . PRO A 1 44 ? 16.766  18.381  6.551   1.00 49.60 ? 44  PRO A CG  1 
ATOM   346  C CD  . PRO A 1 44 ? 16.123  19.273  5.517   1.00 49.82 ? 44  PRO A CD  1 
ATOM   347  N N   . LYS A 1 45 ? 13.870  15.239  5.783   1.00 49.95 ? 45  LYS A N   1 
ATOM   348  C CA  . LYS A 1 45 ? 12.847  14.605  6.601   1.00 49.06 ? 45  LYS A CA  1 
ATOM   349  C C   . LYS A 1 45 ? 13.176  13.132  6.836   1.00 48.53 ? 45  LYS A C   1 
ATOM   350  O O   . LYS A 1 45 ? 13.848  12.496  6.022   1.00 48.36 ? 45  LYS A O   1 
ATOM   351  C CB  . LYS A 1 45 ? 11.481  14.721  5.932   1.00 48.70 ? 45  LYS A CB  1 
ATOM   352  C CG  . LYS A 1 45 ? 10.337  14.500  6.894   1.00 48.29 ? 45  LYS A CG  1 
ATOM   353  C CD  . LYS A 1 45 ? 9.047   14.123  6.177   1.00 49.01 ? 45  LYS A CD  1 
ATOM   354  C CE  . LYS A 1 45 ? 7.954   13.757  7.176   1.00 50.63 ? 45  LYS A CE  1 
ATOM   355  N NZ  . LYS A 1 45 ? 6.850   12.996  6.535   1.00 51.82 ? 45  LYS A NZ  1 
ATOM   356  N N   . LEU A 1 46 ? 12.702  12.600  7.960   1.00 48.26 ? 46  LEU A N   1 
ATOM   357  C CA  . LEU A 1 46 ? 12.933  11.205  8.319   1.00 48.27 ? 46  LEU A CA  1 
ATOM   358  C C   . LEU A 1 46 ? 11.638  10.425  8.136   1.00 48.02 ? 46  LEU A C   1 
ATOM   359  O O   . LEU A 1 46 ? 10.557  10.930  8.433   1.00 47.71 ? 46  LEU A O   1 
ATOM   360  C CB  . LEU A 1 46 ? 13.369  11.102  9.781   1.00 48.00 ? 46  LEU A CB  1 
ATOM   361  C CG  . LEU A 1 46 ? 14.444  12.063  10.302  1.00 48.14 ? 46  LEU A CG  1 
ATOM   362  C CD1 . LEU A 1 46 ? 14.533  11.960  11.806  1.00 46.16 ? 46  LEU A CD1 1 
ATOM   363  C CD2 . LEU A 1 46 ? 15.778  11.735  9.679   1.00 47.87 ? 46  LEU A CD2 1 
ATOM   364  N N   . ILE A 1 47 ? 11.745  9.205   7.626   1.00 48.06 ? 47  ILE A N   1 
ATOM   365  C CA  . ILE A 1 47 ? 10.571  8.362   7.438   1.00 47.54 ? 47  ILE A CA  1 
ATOM   366  C C   . ILE A 1 47 ? 10.863  6.981   7.996   1.00 48.09 ? 47  ILE A C   1 
ATOM   367  O O   . ILE A 1 47 ? 11.761  6.826   8.822   1.00 47.47 ? 47  ILE A O   1 
ATOM   368  C CB  . ILE A 1 47 ? 10.149  8.240   5.946   1.00 47.28 ? 47  ILE A CB  1 
ATOM   369  C CG1 . ILE A 1 47 ? 11.282  7.652   5.097   1.00 46.42 ? 47  ILE A CG1 1 
ATOM   370  C CG2 . ILE A 1 47 ? 9.724   9.600   5.427   1.00 46.61 ? 47  ILE A CG2 1 
ATOM   371  C CD1 . ILE A 1 47 ? 10.876  7.344   3.643   1.00 40.29 ? 47  ILE A CD1 1 
ATOM   372  N N   . GLY A 1 48 ? 10.125  5.974   7.547   1.00 48.51 ? 48  GLY A N   1 
ATOM   373  C CA  . GLY A 1 48 ? 10.350  4.651   8.090   1.00 49.32 ? 48  GLY A CA  1 
ATOM   374  C C   . GLY A 1 48 ? 10.147  4.781   9.588   1.00 50.05 ? 48  GLY A C   1 
ATOM   375  O O   . GLY A 1 48 ? 9.437   5.680   10.039  1.00 50.23 ? 48  GLY A O   1 
ATOM   376  N N   . GLY A 1 49 ? 10.778  3.911   10.368  1.00 50.84 ? 49  GLY A N   1 
ATOM   377  C CA  . GLY A 1 49 ? 10.619  3.978   11.811  1.00 51.18 ? 49  GLY A CA  1 
ATOM   378  C C   . GLY A 1 49 ? 10.871  2.618   12.416  1.00 51.47 ? 49  GLY A C   1 
ATOM   379  O O   . GLY A 1 49 ? 11.220  2.480   13.593  1.00 52.23 ? 49  GLY A O   1 
ATOM   380  N N   . ILE A 1 50 ? 10.671  1.601   11.589  1.00 51.51 ? 50  ILE A N   1 
ATOM   381  C CA  . ILE A 1 50 ? 10.898  0.228   11.987  1.00 51.45 ? 50  ILE A CA  1 
ATOM   382  C C   . ILE A 1 50 ? 12.318  -0.093  11.518  1.00 51.75 ? 50  ILE A C   1 
ATOM   383  O O   . ILE A 1 50 ? 12.594  -0.090  10.312  1.00 52.29 ? 50  ILE A O   1 
ATOM   384  C CB  . ILE A 1 50 ? 9.872   -0.717  11.316  1.00 51.45 ? 50  ILE A CB  1 
ATOM   385  C CG1 . ILE A 1 50 ? 8.463   -0.486  11.893  1.00 50.30 ? 50  ILE A CG1 1 
ATOM   386  C CG2 . ILE A 1 50 ? 10.272  -2.145  11.542  1.00 51.72 ? 50  ILE A CG2 1 
ATOM   387  C CD1 . ILE A 1 50 ? 7.885   0.916   11.662  1.00 40.29 ? 50  ILE A CD1 1 
ATOM   388  N N   . GLY A 1 51 ? 13.213  -0.329  12.482  1.00 51.04 ? 51  GLY A N   1 
ATOM   389  C CA  . GLY A 1 51 ? 14.610  -0.627  12.188  1.00 50.12 ? 51  GLY A CA  1 
ATOM   390  C C   . GLY A 1 51 ? 15.498  0.613   12.174  1.00 49.72 ? 51  GLY A C   1 
ATOM   391  O O   . GLY A 1 51 ? 16.674  0.549   11.818  1.00 49.57 ? 51  GLY A O   1 
ATOM   392  N N   . GLY A 1 52 ? 14.933  1.743   12.589  1.00 49.34 ? 52  GLY A N   1 
ATOM   393  C CA  . GLY A 1 52 ? 15.656  2.999   12.585  1.00 48.53 ? 52  GLY A CA  1 
ATOM   394  C C   . GLY A 1 52 ? 14.960  3.858   11.550  1.00 48.20 ? 52  GLY A C   1 
ATOM   395  O O   . GLY A 1 52 ? 14.032  3.397   10.896  1.00 47.80 ? 52  GLY A O   1 
ATOM   396  N N   . PHE A 1 53 ? 15.384  5.099   11.384  1.00 47.53 ? 53  PHE A N   1 
ATOM   397  C CA  . PHE A 1 53 ? 14.737  5.957   10.403  1.00 46.72 ? 53  PHE A CA  1 
ATOM   398  C C   . PHE A 1 53 ? 15.599  6.179   9.167   1.00 46.21 ? 53  PHE A C   1 
ATOM   399  O O   . PHE A 1 53 ? 16.823  6.239   9.252   1.00 46.54 ? 53  PHE A O   1 
ATOM   400  C CB  . PHE A 1 53 ? 14.403  7.317   11.022  1.00 46.46 ? 53  PHE A CB  1 
ATOM   401  C CG  . PHE A 1 53 ? 13.285  7.281   12.024  1.00 46.68 ? 53  PHE A CG  1 
ATOM   402  C CD1 . PHE A 1 53 ? 11.956  7.208   11.606  1.00 47.15 ? 53  PHE A CD1 1 
ATOM   403  C CD2 . PHE A 1 53 ? 13.554  7.369   13.387  1.00 45.53 ? 53  PHE A CD2 1 
ATOM   404  C CE1 . PHE A 1 53 ? 10.906  7.230   12.528  1.00 46.11 ? 53  PHE A CE1 1 
ATOM   405  C CE2 . PHE A 1 53 ? 12.516  7.389   14.320  1.00 45.43 ? 53  PHE A CE2 1 
ATOM   406  C CZ  . PHE A 1 53 ? 11.186  7.322   13.886  1.00 45.74 ? 53  PHE A CZ  1 
ATOM   407  N N   . VAL A 1 54 ? 14.952  6.281   8.013   1.00 45.66 ? 54  VAL A N   1 
ATOM   408  C CA  . VAL A 1 54 ? 15.659  6.548   6.775   1.00 44.73 ? 54  VAL A CA  1 
ATOM   409  C C   . VAL A 1 54 ? 15.394  8.020   6.452   1.00 43.57 ? 54  VAL A C   1 
ATOM   410  O O   . VAL A 1 54 ? 14.244  8.454   6.383   1.00 43.82 ? 54  VAL A O   1 
ATOM   411  C CB  . VAL A 1 54 ? 15.188  5.612   5.605   1.00 45.28 ? 54  VAL A CB  1 
ATOM   412  C CG1 . VAL A 1 54 ? 13.683  5.521   5.558   1.00 45.71 ? 54  VAL A CG1 1 
ATOM   413  C CG2 . VAL A 1 54 ? 15.720  6.125   4.279   1.00 45.89 ? 54  VAL A CG2 1 
ATOM   414  N N   . LYS A 1 55 ? 16.471  8.787   6.297   1.00 42.31 ? 55  LYS A N   1 
ATOM   415  C CA  . LYS A 1 55 ? 16.381  10.212  6.003   1.00 40.68 ? 55  LYS A CA  1 
ATOM   416  C C   . LYS A 1 55 ? 16.335  10.492  4.509   1.00 39.88 ? 55  LYS A C   1 
ATOM   417  O O   . LYS A 1 55 ? 17.102  9.909   3.745   1.00 39.40 ? 55  LYS A O   1 
ATOM   418  C CB  . LYS A 1 55 ? 17.583  10.942  6.592   1.00 40.94 ? 55  LYS A CB  1 
ATOM   419  C CG  . LYS A 1 55 ? 17.620  12.429  6.259   1.00 39.83 ? 55  LYS A CG  1 
ATOM   420  C CD  . LYS A 1 55 ? 19.042  12.980  6.317   1.00 39.64 ? 55  LYS A CD  1 
ATOM   421  C CE  . LYS A 1 55 ? 19.646  12.864  7.715   1.00 39.00 ? 55  LYS A CE  1 
ATOM   422  N NZ  . LYS A 1 55 ? 18.966  13.751  8.694   1.00 37.96 ? 55  LYS A NZ  1 
ATOM   423  N N   . VAL A 1 56 ? 15.452  11.394  4.094   1.00 38.84 ? 56  VAL A N   1 
ATOM   424  C CA  . VAL A 1 56 ? 15.346  11.747  2.679   1.00 38.06 ? 56  VAL A CA  1 
ATOM   425  C C   . VAL A 1 56 ? 15.208  13.251  2.502   1.00 37.89 ? 56  VAL A C   1 
ATOM   426  O O   . VAL A 1 56 ? 15.299  14.014  3.470   1.00 38.18 ? 56  VAL A O   1 
ATOM   427  C CB  . VAL A 1 56 ? 14.124  11.089  2.008   1.00 37.71 ? 56  VAL A CB  1 
ATOM   428  C CG1 . VAL A 1 56 ? 14.132  9.595   2.272   1.00 36.65 ? 56  VAL A CG1 1 
ATOM   429  C CG2 . VAL A 1 56 ? 12.843  11.733  2.506   1.00 37.89 ? 56  VAL A CG2 1 
ATOM   430  N N   . ARG A 1 57 ? 14.987  13.665  1.256   1.00 37.39 ? 57  ARG A N   1 
ATOM   431  C CA  . ARG A 1 57 ? 14.817  15.079  0.930   1.00 37.02 ? 57  ARG A CA  1 
ATOM   432  C C   . ARG A 1 57 ? 13.365  15.364  0.571   1.00 37.31 ? 57  ARG A C   1 
ATOM   433  O O   . ARG A 1 57 ? 12.786  14.725  -0.309  1.00 37.73 ? 57  ARG A O   1 
ATOM   434  C CB  . ARG A 1 57 ? 15.742  15.488  -0.227  1.00 36.90 ? 57  ARG A CB  1 
ATOM   435  C CG  . ARG A 1 57 ? 17.209  15.219  0.056   1.00 36.05 ? 57  ARG A CG  1 
ATOM   436  C CD  . ARG A 1 57 ? 18.110  16.266  -0.546  1.00 33.37 ? 57  ARG A CD  1 
ATOM   437  N NE  . ARG A 1 57 ? 18.127  16.231  -2.000  1.00 36.34 ? 57  ARG A NE  1 
ATOM   438  C CZ  . ARG A 1 57 ? 18.660  15.248  -2.720  1.00 35.74 ? 57  ARG A CZ  1 
ATOM   439  N NH1 . ARG A 1 57 ? 19.225  14.210  -2.123  1.00 40.29 ? 57  ARG A NH1 1 
ATOM   440  N NH2 . ARG A 1 57 ? 18.626  15.300  -4.044  1.00 40.29 ? 57  ARG A NH2 1 
ATOM   441  N N   . GLN A 1 58 ? 12.775  16.325  1.274   1.00 37.40 ? 58  GLN A N   1 
ATOM   442  C CA  . GLN A 1 58 ? 11.389  16.695  1.049   1.00 37.52 ? 58  GLN A CA  1 
ATOM   443  C C   . GLN A 1 58 ? 11.328  17.870  0.086   1.00 38.10 ? 58  GLN A C   1 
ATOM   444  O O   . GLN A 1 58 ? 12.079  18.836  0.221   1.00 38.06 ? 58  GLN A O   1 
ATOM   445  C CB  . GLN A 1 58 ? 10.734  17.068  2.380   1.00 36.95 ? 58  GLN A CB  1 
ATOM   446  C CG  . GLN A 1 58 ? 9.217   17.066  2.353   1.00 37.28 ? 58  GLN A CG  1 
ATOM   447  C CD  . GLN A 1 58 ? 8.589   17.428  3.700   1.00 36.65 ? 58  GLN A CD  1 
ATOM   448  O OE1 . GLN A 1 58 ? 8.897   16.822  4.738   1.00 40.46 ? 58  GLN A OE1 1 
ATOM   449  N NE2 . GLN A 1 58 ? 7.698   18.415  3.687   1.00 40.29 ? 58  GLN A NE2 1 
ATOM   450  N N   . TYR A 1 59 ? 10.447  17.775  -0.900  1.00 38.36 ? 59  TYR A N   1 
ATOM   451  C CA  . TYR A 1 59 ? 10.272  18.835  -1.884  1.00 38.58 ? 59  TYR A CA  1 
ATOM   452  C C   . TYR A 1 59 ? 8.790   19.192  -1.932  1.00 40.07 ? 59  TYR A C   1 
ATOM   453  O O   . TYR A 1 59 ? 7.943   18.358  -1.604  1.00 41.02 ? 59  TYR A O   1 
ATOM   454  C CB  . TYR A 1 59 ? 10.711  18.355  -3.263  1.00 37.64 ? 59  TYR A CB  1 
ATOM   455  C CG  . TYR A 1 59 ? 12.194  18.233  -3.463  1.00 35.04 ? 59  TYR A CG  1 
ATOM   456  C CD1 . TYR A 1 59 ? 12.908  17.157  -2.942  1.00 32.43 ? 59  TYR A CD1 1 
ATOM   457  C CD2 . TYR A 1 59 ? 12.889  19.201  -4.199  1.00 33.40 ? 59  TYR A CD2 1 
ATOM   458  C CE1 . TYR A 1 59 ? 14.282  17.044  -3.153  1.00 32.88 ? 59  TYR A CE1 1 
ATOM   459  C CE2 . TYR A 1 59 ? 14.268  19.104  -4.417  1.00 31.72 ? 59  TYR A CE2 1 
ATOM   460  C CZ  . TYR A 1 59 ? 14.955  18.024  -3.894  1.00 29.04 ? 59  TYR A CZ  1 
ATOM   461  O OH  . TYR A 1 59 ? 16.303  17.939  -4.122  1.00 40.29 ? 59  TYR A OH  1 
ATOM   462  N N   . ASP A 1 60 ? 8.462   20.413  -2.343  1.00 41.76 ? 60  ASP A N   1 
ATOM   463  C CA  . ASP A 1 60 ? 7.054   20.803  -2.410  1.00 43.37 ? 60  ASP A CA  1 
ATOM   464  C C   . ASP A 1 60 ? 6.615   21.334  -3.763  1.00 43.91 ? 60  ASP A C   1 
ATOM   465  O O   . ASP A 1 60 ? 7.406   21.932  -4.505  1.00 44.03 ? 60  ASP A O   1 
ATOM   466  C CB  . ASP A 1 60 ? 6.730   21.830  -1.329  1.00 43.57 ? 60  ASP A CB  1 
ATOM   467  C CG  . ASP A 1 60 ? 6.851   21.252  0.050   1.00 46.76 ? 60  ASP A CG  1 
ATOM   468  O OD1 . ASP A 1 60 ? 6.329   20.137  0.245   1.00 50.23 ? 60  ASP A OD1 1 
ATOM   469  O OD2 . ASP A 1 60 ? 7.457   21.896  0.934   1.00 47.90 ? 60  ASP A OD2 1 
ATOM   470  N N   . GLN A 1 61 ? 5.346   21.102  -4.079  1.00 44.52 ? 61  GLN A N   1 
ATOM   471  C CA  . GLN A 1 61 ? 4.787   21.541  -5.342  1.00 44.88 ? 61  GLN A CA  1 
ATOM   472  C C   . GLN A 1 61 ? 5.630   21.080  -6.519  1.00 45.23 ? 61  GLN A C   1 
ATOM   473  O O   . GLN A 1 61 ? 5.637   21.722  -7.568  1.00 45.78 ? 61  GLN A O   1 
ATOM   474  C CB  . GLN A 1 61 ? 4.655   23.063  -5.368  1.00 44.88 ? 61  GLN A CB  1 
ATOM   475  C CG  . GLN A 1 61 ? 3.470   23.598  -4.584  1.00 46.74 ? 61  GLN A CG  1 
ATOM   476  C CD  . GLN A 1 61 ? 3.828   24.790  -3.734  1.00 48.01 ? 61  GLN A CD  1 
ATOM   477  O OE1 . GLN A 1 61 ? 4.494   24.654  -2.709  1.00 51.13 ? 61  GLN A OE1 1 
ATOM   478  N NE2 . GLN A 1 61 ? 3.397   25.972  -4.158  1.00 40.29 ? 61  GLN A NE2 1 
ATOM   479  N N   . VAL A 1 62 ? 6.355   19.978  -6.346  1.00 45.48 ? 62  VAL A N   1 
ATOM   480  C CA  . VAL A 1 62 ? 7.175   19.458  -7.433  1.00 45.55 ? 62  VAL A CA  1 
ATOM   481  C C   . VAL A 1 62 ? 6.198   18.919  -8.479  1.00 46.00 ? 62  VAL A C   1 
ATOM   482  O O   . VAL A 1 62 ? 5.593   17.871  -8.286  1.00 46.54 ? 62  VAL A O   1 
ATOM   483  C CB  . VAL A 1 62 ? 8.090   18.304  -6.958  1.00 45.28 ? 62  VAL A CB  1 
ATOM   484  C CG1 . VAL A 1 62 ? 8.880   17.744  -8.125  1.00 44.48 ? 62  VAL A CG1 1 
ATOM   485  C CG2 . VAL A 1 62 ? 9.028   18.802  -5.892  1.00 44.85 ? 62  VAL A CG2 1 
ATOM   486  N N   . PRO A 1 63 ? 6.016   19.637  -9.593  1.00 45.83 ? 63  PRO A N   1 
ATOM   487  C CA  . PRO A 1 63 ? 5.082   19.128  -10.594 1.00 45.73 ? 63  PRO A CA  1 
ATOM   488  C C   . PRO A 1 63 ? 5.293   17.644  -10.867 1.00 45.59 ? 63  PRO A C   1 
ATOM   489  O O   . PRO A 1 63 ? 6.419   17.175  -10.854 1.00 45.64 ? 63  PRO A O   1 
ATOM   490  C CB  . PRO A 1 63 ? 5.400   19.989  -11.810 1.00 46.12 ? 63  PRO A CB  1 
ATOM   491  C CG  . PRO A 1 63 ? 5.752   21.301  -11.194 1.00 45.64 ? 63  PRO A CG  1 
ATOM   492  C CD  . PRO A 1 63 ? 6.645   20.890  -10.047 1.00 45.94 ? 63  PRO A CD  1 
ATOM   493  N N   . ILE A 1 64 ? 4.210   16.899  -11.075 1.00 45.18 ? 64  ILE A N   1 
ATOM   494  C CA  . ILE A 1 64 ? 4.305   15.469  -11.403 1.00 44.36 ? 64  ILE A CA  1 
ATOM   495  C C   . ILE A 1 64 ? 3.106   15.103  -12.268 1.00 44.21 ? 64  ILE A C   1 
ATOM   496  O O   . ILE A 1 64 ? 2.028   15.650  -12.082 1.00 44.36 ? 64  ILE A O   1 
ATOM   497  C CB  . ILE A 1 64 ? 4.281   14.516  -10.149 1.00 44.67 ? 64  ILE A CB  1 
ATOM   498  C CG1 . ILE A 1 64 ? 4.723   15.241  -8.878  1.00 45.05 ? 64  ILE A CG1 1 
ATOM   499  C CG2 . ILE A 1 64 ? 5.203   13.327  -10.391 1.00 42.92 ? 64  ILE A CG2 1 
ATOM   500  C CD1 . ILE A 1 64 ? 3.626   16.070  -8.233  1.00 40.29 ? 64  ILE A CD1 1 
ATOM   501  N N   . GLU A 1 65 ? 3.293   14.181  -13.206 1.00 44.17 ? 65  GLU A N   1 
ATOM   502  C CA  . GLU A 1 65 ? 2.206   13.751  -14.087 1.00 44.81 ? 65  GLU A CA  1 
ATOM   503  C C   . GLU A 1 65 ? 1.951   12.255  -13.904 1.00 44.98 ? 65  GLU A C   1 
ATOM   504  O O   . GLU A 1 65 ? 2.896   11.464  -13.883 1.00 44.23 ? 65  GLU A O   1 
ATOM   505  C CB  . GLU A 1 65 ? 2.587   14.019  -15.540 1.00 44.62 ? 65  GLU A CB  1 
ATOM   506  C CG  . GLU A 1 65 ? 1.496   13.713  -16.555 1.00 44.16 ? 65  GLU A CG  1 
ATOM   507  C CD  . GLU A 1 65 ? 2.024   13.734  -17.984 1.00 45.27 ? 65  GLU A CD  1 
ATOM   508  O OE1 . GLU A 1 65 ? 2.873   14.601  -18.297 1.00 44.94 ? 65  GLU A OE1 1 
ATOM   509  O OE2 . GLU A 1 65 ? 1.588   12.892  -18.794 1.00 40.29 ? 65  GLU A OE2 1 
ATOM   510  N N   . ILE A 1 66 ? 0.686   11.860  -13.776 1.00 44.92 ? 66  ILE A N   1 
ATOM   511  C CA  . ILE A 1 66 ? 0.369   10.443  -13.603 1.00 44.79 ? 66  ILE A CA  1 
ATOM   512  C C   . ILE A 1 66 ? -0.610  9.946   -14.654 1.00 45.00 ? 66  ILE A C   1 
ATOM   513  O O   . ILE A 1 66 ? -1.743  10.413  -14.716 1.00 44.96 ? 66  ILE A O   1 
ATOM   514  C CB  . ILE A 1 66 ? -0.261  10.160  -12.237 1.00 44.86 ? 66  ILE A CB  1 
ATOM   515  C CG1 . ILE A 1 66 ? 0.438   10.987  -11.159 1.00 44.32 ? 66  ILE A CG1 1 
ATOM   516  C CG2 . ILE A 1 66 ? -0.174  8.651   -11.931 1.00 43.77 ? 66  ILE A CG2 1 
ATOM   517  C CD1 . ILE A 1 66 ? -0.183  10.844  -9.775  1.00 40.29 ? 66  ILE A CD1 1 
ATOM   518  N N   . CYS A 1 67 ? -0.183  8.986   -15.467 1.00 45.05 ? 67  CYS A N   1 
ATOM   519  C CA  . CYS A 1 67 ? -1.054  8.462   -16.506 1.00 45.52 ? 67  CYS A CA  1 
ATOM   520  C C   . CYS A 1 67 ? -1.738  9.661   -17.153 1.00 45.72 ? 67  CYS A C   1 
ATOM   521  O O   . CYS A 1 67 ? -2.965  9.774   -17.135 1.00 45.98 ? 67  CYS A O   1 
ATOM   522  C CB  . CYS A 1 67 ? -2.115  7.539   -15.903 1.00 45.71 ? 67  CYS A CB  1 
ATOM   523  S SG  . CYS A 1 67 ? -1.466  6.272   -14.802 1.00 46.73 ? 67  CYS A SG  1 
ATOM   524  N N   . GLY A 1 68 ? -0.940  10.577  -17.691 1.00 45.42 ? 68  GLY A N   1 
ATOM   525  C CA  . GLY A 1 68 ? -1.501  11.749  -18.334 1.00 44.47 ? 68  GLY A CA  1 
ATOM   526  C C   . GLY A 1 68 ? -2.142  12.740  -17.383 1.00 43.76 ? 68  GLY A C   1 
ATOM   527  O O   . GLY A 1 68 ? -2.562  13.813  -17.813 1.00 44.21 ? 68  GLY A O   1 
ATOM   528  N N   . HIS A 1 69 ? -2.220  12.398  -16.098 1.00 42.81 ? 69  HIS A N   1 
ATOM   529  C CA  . HIS A 1 69 ? -2.818  13.282  -15.102 1.00 41.55 ? 69  HIS A CA  1 
ATOM   530  C C   . HIS A 1 69 ? -1.847  14.291  -14.496 1.00 41.15 ? 69  HIS A C   1 
ATOM   531  O O   . HIS A 1 69 ? -1.273  14.043  -13.436 1.00 41.21 ? 69  HIS A O   1 
ATOM   532  C CB  . HIS A 1 69 ? -3.442  12.463  -13.977 1.00 41.42 ? 69  HIS A CB  1 
ATOM   533  C CG  . HIS A 1 69 ? -4.836  11.998  -14.268 1.00 40.62 ? 69  HIS A CG  1 
ATOM   534  N ND1 . HIS A 1 69 ? -5.160  11.274  -15.394 1.00 40.22 ? 69  HIS A ND1 1 
ATOM   535  C CD2 . HIS A 1 69 ? -5.990  12.153  -13.577 1.00 40.35 ? 69  HIS A CD2 1 
ATOM   536  C CE1 . HIS A 1 69 ? -6.452  11.003  -15.384 1.00 39.91 ? 69  HIS A CE1 1 
ATOM   537  N NE2 . HIS A 1 69 ? -6.979  11.526  -14.291 1.00 40.04 ? 69  HIS A NE2 1 
ATOM   538  N N   . LYS A 1 70 ? -1.677  15.425  -15.172 1.00 40.56 ? 70  LYS A N   1 
ATOM   539  C CA  . LYS A 1 70 ? -0.787  16.489  -14.709 1.00 40.45 ? 70  LYS A CA  1 
ATOM   540  C C   . LYS A 1 70 ? -1.245  16.992  -13.349 1.00 39.46 ? 70  LYS A C   1 
ATOM   541  O O   . LYS A 1 70 ? -2.386  17.434  -13.207 1.00 38.97 ? 70  LYS A O   1 
ATOM   542  C CB  . LYS A 1 70 ? -0.787  17.642  -15.716 1.00 40.65 ? 70  LYS A CB  1 
ATOM   543  C CG  . LYS A 1 70 ? -0.034  17.325  -16.991 1.00 42.27 ? 70  LYS A CG  1 
ATOM   544  C CD  . LYS A 1 70 ? -0.602  18.066  -18.188 1.00 47.15 ? 70  LYS A CD  1 
ATOM   545  C CE  . LYS A 1 70 ? -1.995  17.548  -18.547 1.00 46.85 ? 70  LYS A CE  1 
ATOM   546  N NZ  . LYS A 1 70 ? -3.008  17.872  -17.497 1.00 48.86 ? 70  LYS A NZ  1 
ATOM   547  N N   . VAL A 1 71 ? -0.348  16.935  -12.363 1.00 38.61 ? 71  VAL A N   1 
ATOM   548  C CA  . VAL A 1 71 ? -0.659  17.352  -10.993 1.00 37.98 ? 71  VAL A CA  1 
ATOM   549  C C   . VAL A 1 71 ? 0.555   17.919  -10.241 1.00 37.58 ? 71  VAL A C   1 
ATOM   550  O O   . VAL A 1 71 ? 1.675   17.893  -10.742 1.00 37.47 ? 71  VAL A O   1 
ATOM   551  C CB  . VAL A 1 71 ? -1.228  16.153  -10.184 1.00 37.83 ? 71  VAL A CB  1 
ATOM   552  C CG1 . VAL A 1 71 ? -0.087  15.298  -9.618  1.00 37.78 ? 71  VAL A CG1 1 
ATOM   553  C CG2 . VAL A 1 71 ? -2.136  16.653  -9.091  1.00 37.98 ? 71  VAL A CG2 1 
ATOM   554  N N   . ILE A 1 72 ? 0.327   18.419  -9.029  1.00 37.58 ? 72  ILE A N   1 
ATOM   555  C CA  . ILE A 1 72 ? 1.395   18.982  -8.205  1.00 37.78 ? 72  ILE A CA  1 
ATOM   556  C C   . ILE A 1 72 ? 1.416   18.378  -6.797  1.00 38.63 ? 72  ILE A C   1 
ATOM   557  O O   . ILE A 1 72 ? 0.366   18.230  -6.169  1.00 39.09 ? 72  ILE A O   1 
ATOM   558  C CB  . ILE A 1 72 ? 1.227   20.500  -8.069  1.00 36.99 ? 72  ILE A CB  1 
ATOM   559  C CG1 . ILE A 1 72 ? 1.545   21.182  -9.396  1.00 35.62 ? 72  ILE A CG1 1 
ATOM   560  C CG2 . ILE A 1 72 ? 2.108   21.015  -6.963  1.00 38.19 ? 72  ILE A CG2 1 
ATOM   561  C CD1 . ILE A 1 72 ? 1.460   22.692  -9.331  1.00 40.29 ? 72  ILE A CD1 1 
ATOM   562  N N   . GLY A 1 73 ? 2.599   18.037  -6.286  1.00 39.29 ? 73  GLY A N   1 
ATOM   563  C CA  . GLY A 1 73 ? 2.642   17.466  -4.947  1.00 39.48 ? 73  GLY A CA  1 
ATOM   564  C C   . GLY A 1 73 ? 3.986   17.058  -4.354  1.00 39.54 ? 73  GLY A C   1 
ATOM   565  O O   . GLY A 1 73 ? 4.927   16.689  -5.074  1.00 39.40 ? 73  GLY A O   1 
ATOM   566  N N   . THR A 1 74 ? 4.053   17.112  -3.022  1.00 39.45 ? 74  THR A N   1 
ATOM   567  C CA  . THR A 1 74 ? 5.244   16.762  -2.241  1.00 39.43 ? 74  THR A CA  1 
ATOM   568  C C   . THR A 1 74 ? 5.873   15.416  -2.601  1.00 39.95 ? 74  THR A C   1 
ATOM   569  O O   . THR A 1 74 ? 5.227   14.370  -2.521  1.00 40.43 ? 74  THR A O   1 
ATOM   570  C CB  . THR A 1 74 ? 4.907   16.737  -0.745  1.00 39.10 ? 74  THR A CB  1 
ATOM   571  O OG1 . THR A 1 74 ? 4.374   18.011  -0.357  1.00 39.60 ? 74  THR A OG1 1 
ATOM   572  C CG2 . THR A 1 74 ? 6.152   16.438  0.073   1.00 37.32 ? 74  THR A CG2 1 
ATOM   573  N N   . VAL A 1 75 ? 7.152   15.445  -2.961  1.00 40.11 ? 75  VAL A N   1 
ATOM   574  C CA  . VAL A 1 75 ? 7.858   14.234  -3.352  1.00 40.23 ? 75  VAL A CA  1 
ATOM   575  C C   . VAL A 1 75 ? 9.126   14.020  -2.543  1.00 40.75 ? 75  VAL A C   1 
ATOM   576  O O   . VAL A 1 75 ? 10.134  14.701  -2.765  1.00 41.58 ? 75  VAL A O   1 
ATOM   577  C CB  . VAL A 1 75 ? 8.267   14.299  -4.834  1.00 40.17 ? 75  VAL A CB  1 
ATOM   578  C CG1 . VAL A 1 75 ? 8.877   12.984  -5.268  1.00 39.82 ? 75  VAL A CG1 1 
ATOM   579  C CG2 . VAL A 1 75 ? 7.064   14.663  -5.693  1.00 39.29 ? 75  VAL A CG2 1 
ATOM   580  N N   . LEU A 1 76 ? 9.077   13.076  -1.607  1.00 40.23 ? 76  LEU A N   1 
ATOM   581  C CA  . LEU A 1 76 ? 10.242  12.758  -0.791  1.00 39.73 ? 76  LEU A CA  1 
ATOM   582  C C   . LEU A 1 76 ? 11.230  12.081  -1.739  1.00 40.53 ? 76  LEU A C   1 
ATOM   583  O O   . LEU A 1 76 ? 10.861  11.139  -2.455  1.00 39.83 ? 76  LEU A O   1 
ATOM   584  C CB  . LEU A 1 76 ? 9.855   11.787  0.324   1.00 39.32 ? 76  LEU A CB  1 
ATOM   585  C CG  . LEU A 1 76 ? 8.619   12.145  1.158   1.00 38.50 ? 76  LEU A CG  1 
ATOM   586  C CD1 . LEU A 1 76 ? 8.424   11.094  2.219   1.00 35.34 ? 76  LEU A CD1 1 
ATOM   587  C CD2 . LEU A 1 76 ? 8.783   13.509  1.798   1.00 36.79 ? 76  LEU A CD2 1 
ATOM   588  N N   . VAL A 1 77 ? 12.474  12.564  -1.761  1.00 40.76 ? 77  VAL A N   1 
ATOM   589  C CA  . VAL A 1 77 ? 13.498  11.994  -2.637  1.00 40.75 ? 77  VAL A CA  1 
ATOM   590  C C   . VAL A 1 77 ? 14.680  11.347  -1.908  1.00 42.00 ? 77  VAL A C   1 
ATOM   591  O O   . VAL A 1 77 ? 15.500  12.031  -1.275  1.00 42.32 ? 77  VAL A O   1 
ATOM   592  C CB  . VAL A 1 77 ? 14.040  13.042  -3.603  1.00 40.44 ? 77  VAL A CB  1 
ATOM   593  C CG1 . VAL A 1 77 ? 15.253  12.490  -4.332  1.00 38.11 ? 77  VAL A CG1 1 
ATOM   594  C CG2 . VAL A 1 77 ? 12.953  13.423  -4.598  1.00 39.89 ? 77  VAL A CG2 1 
ATOM   595  N N   . GLY A 1 78 ? 14.757  10.020  -2.027  1.00 42.99 ? 78  GLY A N   1 
ATOM   596  C CA  . GLY A 1 78 ? 15.814  9.253   -1.389  1.00 44.79 ? 78  GLY A CA  1 
ATOM   597  C C   . GLY A 1 78 ? 15.842  7.780   -1.777  1.00 46.13 ? 78  GLY A C   1 
ATOM   598  O O   . GLY A 1 78 ? 15.349  7.403   -2.843  1.00 46.55 ? 78  GLY A O   1 
ATOM   599  N N   . PRO A 1 79 ? 16.405  6.919   -0.911  1.00 47.09 ? 79  PRO A N   1 
ATOM   600  C CA  . PRO A 1 79 ? 16.542  5.466   -1.090  1.00 47.37 ? 79  PRO A CA  1 
ATOM   601  C C   . PRO A 1 79 ? 15.319  4.636   -0.711  1.00 47.43 ? 79  PRO A C   1 
ATOM   602  O O   . PRO A 1 79 ? 14.999  4.472   0.469   1.00 47.16 ? 79  PRO A O   1 
ATOM   603  C CB  . PRO A 1 79 ? 17.730  5.129   -0.207  1.00 47.43 ? 79  PRO A CB  1 
ATOM   604  C CG  . PRO A 1 79 ? 17.456  6.002   0.989   1.00 47.82 ? 79  PRO A CG  1 
ATOM   605  C CD  . PRO A 1 79 ? 17.029  7.339   0.359   1.00 47.56 ? 79  PRO A CD  1 
ATOM   606  N N   . THR A 1 80 ? 14.662  4.102   -1.732  1.00 47.41 ? 80  THR A N   1 
ATOM   607  C CA  . THR A 1 80 ? 13.490  3.268   -1.559  1.00 46.94 ? 80  THR A CA  1 
ATOM   608  C C   . THR A 1 80 ? 13.653  2.049   -2.472  1.00 46.75 ? 80  THR A C   1 
ATOM   609  O O   . THR A 1 80 ? 14.228  2.152   -3.564  1.00 46.36 ? 80  THR A O   1 
ATOM   610  C CB  . THR A 1 80 ? 12.194  4.051   -1.932  1.00 47.14 ? 80  THR A CB  1 
ATOM   611  O OG1 . THR A 1 80 ? 11.053  3.189   -1.803  1.00 46.79 ? 80  THR A OG1 1 
ATOM   612  C CG2 . THR A 1 80 ? 12.273  4.590   -3.358  1.00 46.69 ? 80  THR A CG2 1 
ATOM   613  N N   . PRO A 1 81 ? 13.189  0.866   -2.021  1.00 46.32 ? 81  PRO A N   1 
ATOM   614  C CA  . PRO A 1 81 ? 13.319  -0.326  -2.872  1.00 46.33 ? 81  PRO A CA  1 
ATOM   615  C C   . PRO A 1 81 ? 12.473  -0.250  -4.155  1.00 46.47 ? 81  PRO A C   1 
ATOM   616  O O   . PRO A 1 81 ? 12.650  -1.055  -5.073  1.00 46.53 ? 81  PRO A O   1 
ATOM   617  C CB  . PRO A 1 81 ? 12.901  -1.473  -1.938  1.00 45.70 ? 81  PRO A CB  1 
ATOM   618  C CG  . PRO A 1 81 ? 12.024  -0.816  -0.928  1.00 45.89 ? 81  PRO A CG  1 
ATOM   619  C CD  . PRO A 1 81 ? 12.726  0.495   -0.672  1.00 46.31 ? 81  PRO A CD  1 
ATOM   620  N N   . ALA A 1 82 ? 11.576  0.735   -4.221  1.00 46.74 ? 82  ALA A N   1 
ATOM   621  C CA  . ALA A 1 82 ? 10.704  0.929   -5.388  1.00 46.57 ? 82  ALA A CA  1 
ATOM   622  C C   . ALA A 1 82 ? 9.978   2.271   -5.303  1.00 46.39 ? 82  ALA A C   1 
ATOM   623  O O   . ALA A 1 82 ? 9.411   2.605   -4.254  1.00 46.41 ? 82  ALA A O   1 
ATOM   624  C CB  . ALA A 1 82 ? 9.681   -0.204  -5.467  1.00 47.37 ? 82  ALA A CB  1 
ATOM   625  N N   . ASN A 1 83 ? 9.992   3.042   -6.390  1.00 45.51 ? 83  ASN A N   1 
ATOM   626  C CA  . ASN A 1 83 ? 9.308   4.338   -6.394  1.00 44.35 ? 83  ASN A CA  1 
ATOM   627  C C   . ASN A 1 83 ? 7.866   4.082   -5.964  1.00 43.45 ? 83  ASN A C   1 
ATOM   628  O O   . ASN A 1 83 ? 7.279   3.070   -6.349  1.00 43.66 ? 83  ASN A O   1 
ATOM   629  C CB  . ASN A 1 83 ? 9.334   4.957   -7.790  1.00 44.53 ? 83  ASN A CB  1 
ATOM   630  C CG  . ASN A 1 83 ? 10.746  5.257   -8.270  1.00 46.05 ? 83  ASN A CG  1 
ATOM   631  O OD1 . ASN A 1 83 ? 11.727  4.868   -7.633  1.00 48.40 ? 83  ASN A OD1 1 
ATOM   632  N ND2 . ASN A 1 83 ? 10.856  5.941   -9.410  1.00 44.61 ? 83  ASN A ND2 1 
ATOM   633  N N   . VAL A 1 84 ? 7.299   4.970   -5.153  1.00 41.66 ? 84  VAL A N   1 
ATOM   634  C CA  . VAL A 1 84 ? 5.931   4.769   -4.696  1.00 39.88 ? 84  VAL A CA  1 
ATOM   635  C C   . VAL A 1 84 ? 5.123   6.044   -4.649  1.00 38.85 ? 84  VAL A C   1 
ATOM   636  O O   . VAL A 1 84 ? 5.587   7.083   -4.186  1.00 38.67 ? 84  VAL A O   1 
ATOM   637  C CB  . VAL A 1 84 ? 5.873   4.136   -3.280  1.00 39.65 ? 84  VAL A CB  1 
ATOM   638  C CG1 . VAL A 1 84 ? 6.474   2.745   -3.292  1.00 39.36 ? 84  VAL A CG1 1 
ATOM   639  C CG2 . VAL A 1 84 ? 6.606   5.019   -2.292  1.00 40.06 ? 84  VAL A CG2 1 
ATOM   640  N N   . ILE A 1 85 ? 3.893   5.940   -5.129  1.00 37.18 ? 85  ILE A N   1 
ATOM   641  C CA  . ILE A 1 85 ? 2.964   7.050   -5.142  1.00 35.45 ? 85  ILE A CA  1 
ATOM   642  C C   . ILE A 1 85 ? 2.047   6.803   -3.952  1.00 34.86 ? 85  ILE A C   1 
ATOM   643  O O   . ILE A 1 85 ? 1.288   5.833   -3.934  1.00 34.50 ? 85  ILE A O   1 
ATOM   644  C CB  . ILE A 1 85 ? 2.121   7.050   -6.431  1.00 35.60 ? 85  ILE A CB  1 
ATOM   645  C CG1 . ILE A 1 85 ? 3.024   6.910   -7.664  1.00 33.73 ? 85  ILE A CG1 1 
ATOM   646  C CG2 . ILE A 1 85 ? 1.290   8.317   -6.498  1.00 34.33 ? 85  ILE A CG2 1 
ATOM   647  C CD1 . ILE A 1 85 ? 4.011   8.056   -7.859  1.00 40.29 ? 85  ILE A CD1 1 
ATOM   648  N N   . GLY A 1 86 ? 2.139   7.673   -2.954  1.00 33.85 ? 86  GLY A N   1 
ATOM   649  C CA  . GLY A 1 86 ? 1.319   7.525   -1.770  1.00 33.07 ? 86  GLY A CA  1 
ATOM   650  C C   . GLY A 1 86 ? -0.074  8.071   -1.968  1.00 33.76 ? 86  GLY A C   1 
ATOM   651  O O   . GLY A 1 86 ? -0.503  8.310   -3.101  1.00 33.34 ? 86  GLY A O   1 
ATOM   652  N N   . ARG A 1 87 ? -0.789  8.268   -0.864  1.00 34.16 ? 87  ARG A N   1 
ATOM   653  C CA  . ARG A 1 87 ? -2.145  8.799   -0.925  1.00 33.97 ? 87  ARG A CA  1 
ATOM   654  C C   . ARG A 1 87 ? -2.114  10.296  -1.161  1.00 34.51 ? 87  ARG A C   1 
ATOM   655  O O   . ARG A 1 87 ? -2.987  10.847  -1.835  1.00 34.80 ? 87  ARG A O   1 
ATOM   656  C CB  . ARG A 1 87 ? -2.894  8.497   0.370   1.00 33.46 ? 87  ARG A CB  1 
ATOM   657  C CG  . ARG A 1 87 ? -3.142  7.026   0.573   1.00 32.60 ? 87  ARG A CG  1 
ATOM   658  C CD  . ARG A 1 87 ? -3.944  6.734   1.834   1.00 30.89 ? 87  ARG A CD  1 
ATOM   659  N NE  . ARG A 1 87 ? -3.202  6.957   3.076   1.00 30.11 ? 87  ARG A NE  1 
ATOM   660  C CZ  . ARG A 1 87 ? -3.153  8.112   3.735   1.00 27.16 ? 87  ARG A CZ  1 
ATOM   661  N NH1 . ARG A 1 87 ? -2.450  8.198   4.860   1.00 40.29 ? 87  ARG A NH1 1 
ATOM   662  N NH2 . ARG A 1 87 ? -3.807  9.175   3.277   1.00 40.29 ? 87  ARG A NH2 1 
ATOM   663  N N   . ASN A 1 88 ? -1.093  10.945  -0.610  1.00 34.10 ? 88  ASN A N   1 
ATOM   664  C CA  . ASN A 1 88 ? -0.944  12.388  -0.742  1.00 33.97 ? 88  ASN A CA  1 
ATOM   665  C C   . ASN A 1 88 ? -1.094  12.799  -2.202  1.00 34.13 ? 88  ASN A C   1 
ATOM   666  O O   . ASN A 1 88 ? -1.679  13.846  -2.504  1.00 34.36 ? 88  ASN A O   1 
ATOM   667  C CB  . ASN A 1 88 ? 0.432   12.845  -0.242  1.00 33.21 ? 88  ASN A CB  1 
ATOM   668  C CG  . ASN A 1 88 ? 1.552   12.504  -1.224  1.00 32.45 ? 88  ASN A CG  1 
ATOM   669  O OD1 . ASN A 1 88 ? 1.924   11.340  -1.379  1.00 27.99 ? 88  ASN A OD1 1 
ATOM   670  N ND2 . ASN A 1 88 ? 2.085   13.523  -1.902  1.00 30.89 ? 88  ASN A ND2 1 
ATOM   671  N N   . LEU A 1 89 ? -0.559  11.978  -3.103  1.00 34.30 ? 89  LEU A N   1 
ATOM   672  C CA  . LEU A 1 89 ? -0.619  12.281  -4.522  1.00 34.68 ? 89  LEU A CA  1 
ATOM   673  C C   . LEU A 1 89 ? -1.824  11.623  -5.179  1.00 34.65 ? 89  LEU A C   1 
ATOM   674  O O   . LEU A 1 89 ? -2.446  12.203  -6.060  1.00 35.71 ? 89  LEU A O   1 
ATOM   675  C CB  . LEU A 1 89 ? 0.698   11.859  -5.200  1.00 34.60 ? 89  LEU A CB  1 
ATOM   676  C CG  . LEU A 1 89 ? 1.623   12.961  -5.766  1.00 34.63 ? 89  LEU A CG  1 
ATOM   677  C CD1 . LEU A 1 89 ? 1.731   14.127  -4.815  1.00 32.49 ? 89  LEU A CD1 1 
ATOM   678  C CD2 . LEU A 1 89 ? 3.008   12.387  -6.043  1.00 35.09 ? 89  LEU A CD2 1 
ATOM   679  N N   . MET A 1 90 ? -2.170  10.416  -4.742  1.00 34.76 ? 90  MET A N   1 
ATOM   680  C CA  . MET A 1 90 ? -3.333  9.732   -5.303  1.00 34.22 ? 90  MET A CA  1 
ATOM   681  C C   . MET A 1 90 ? -4.584  10.578  -5.106  1.00 34.35 ? 90  MET A C   1 
ATOM   682  O O   . MET A 1 90 ? -5.479  10.555  -5.946  1.00 34.31 ? 90  MET A O   1 
ATOM   683  C CB  . MET A 1 90 ? -3.533  8.359   -4.653  1.00 34.35 ? 90  MET A CB  1 
ATOM   684  C CG  . MET A 1 90 ? -2.596  7.286   -5.189  1.00 34.28 ? 90  MET A CG  1 
ATOM   685  S SD  . MET A 1 90 ? -2.686  5.723   -4.283  1.00 38.98 ? 90  MET A SD  1 
ATOM   686  C CE  . MET A 1 90 ? -3.947  4.878   -5.215  1.00 40.29 ? 90  MET A CE  1 
ATOM   687  N N   . THR A 1 91 ? -4.651  11.320  -3.999  1.00 34.37 ? 91  THR A N   1 
ATOM   688  C CA  . THR A 1 91 ? -5.805  12.184  -3.729  1.00 34.75 ? 91  THR A CA  1 
ATOM   689  C C   . THR A 1 91 ? -5.809  13.422  -4.645  1.00 35.11 ? 91  THR A C   1 
ATOM   690  O O   . THR A 1 91 ? -6.837  14.082  -4.807  1.00 36.04 ? 91  THR A O   1 
ATOM   691  C CB  . THR A 1 91 ? -5.825  12.676  -2.264  1.00 34.08 ? 91  THR A CB  1 
ATOM   692  O OG1 . THR A 1 91 ? -4.699  13.526  -2.024  1.00 34.53 ? 91  THR A OG1 1 
ATOM   693  C CG2 . THR A 1 91 ? -5.783  11.510  -1.311  1.00 34.54 ? 91  THR A CG2 1 
ATOM   694  N N   . GLN A 1 92 ? -4.654  13.724  -5.236  1.00 35.27 ? 92  GLN A N   1 
ATOM   695  C CA  . GLN A 1 92 ? -4.515  14.869  -6.134  1.00 35.75 ? 92  GLN A CA  1 
ATOM   696  C C   . GLN A 1 92 ? -4.901  14.534  -7.571  1.00 35.63 ? 92  GLN A C   1 
ATOM   697  O O   . GLN A 1 92 ? -5.154  15.428  -8.374  1.00 35.33 ? 92  GLN A O   1 
ATOM   698  C CB  . GLN A 1 92 ? -3.077  15.396  -6.106  1.00 35.65 ? 92  GLN A CB  1 
ATOM   699  C CG  . GLN A 1 92 ? -2.656  15.946  -4.760  1.00 38.35 ? 92  GLN A CG  1 
ATOM   700  C CD  . GLN A 1 92 ? -3.671  16.938  -4.209  1.00 40.20 ? 92  GLN A CD  1 
ATOM   701  O OE1 . GLN A 1 92 ? -3.969  17.964  -4.840  1.00 44.36 ? 92  GLN A OE1 1 
ATOM   702  N NE2 . GLN A 1 92 ? -4.217  16.636  -3.031  1.00 40.29 ? 92  GLN A NE2 1 
ATOM   703  N N   . ILE A 1 93 ? -4.959  13.245  -7.894  1.00 35.40 ? 93  ILE A N   1 
ATOM   704  C CA  . ILE A 1 93 ? -5.312  12.849  -9.250  1.00 35.46 ? 93  ILE A CA  1 
ATOM   705  C C   . ILE A 1 93 ? -6.739  12.332  -9.394  1.00 35.32 ? 93  ILE A C   1 
ATOM   706  O O   . ILE A 1 93 ? -7.234  12.164  -10.512 1.00 35.47 ? 93  ILE A O   1 
ATOM   707  C CB  . ILE A 1 93 ? -4.346  11.782  -9.782  1.00 35.41 ? 93  ILE A CB  1 
ATOM   708  C CG1 . ILE A 1 93 ? -4.496  10.486  -8.977  1.00 35.09 ? 93  ILE A CG1 1 
ATOM   709  C CG2 . ILE A 1 93 ? -2.913  12.330  -9.733  1.00 36.01 ? 93  ILE A CG2 1 
ATOM   710  C CD1 . ILE A 1 93 ? -3.860  9.270   -9.645  1.00 40.29 ? 93  ILE A CD1 1 
ATOM   711  N N   . GLY A 1 94 ? -7.399  12.088  -8.268  1.00 35.16 ? 94  GLY A N   1 
ATOM   712  C CA  . GLY A 1 94 ? -8.766  11.603  -8.315  1.00 35.52 ? 94  GLY A CA  1 
ATOM   713  C C   . GLY A 1 94 ? -8.928  10.151  -7.904  1.00 36.09 ? 94  GLY A C   1 
ATOM   714  O O   . GLY A 1 94 ? -10.049 9.695   -7.677  1.00 36.51 ? 94  GLY A O   1 
ATOM   715  N N   . CYS A 1 95 ? -7.813  9.433   -7.785  1.00 36.42 ? 95  CYS A N   1 
ATOM   716  C CA  . CYS A 1 95 ? -7.830  8.017   -7.425  1.00 35.97 ? 95  CYS A CA  1 
ATOM   717  C C   . CYS A 1 95 ? -8.616  7.637   -6.187  1.00 35.79 ? 95  CYS A C   1 
ATOM   718  O O   . CYS A 1 95 ? -8.399  8.186   -5.111  1.00 36.29 ? 95  CYS A O   1 
ATOM   719  C CB  . CYS A 1 95 ? -6.425  7.492   -7.252  1.00 35.89 ? 95  CYS A CB  1 
ATOM   720  S SG  . CYS A 1 95 ? -6.484  5.746   -6.991  1.00 37.11 ? 95  CYS A SG  1 
ATOM   721  N N   . THR A 1 96 ? -9.509  6.664   -6.329  1.00 35.46 ? 96  THR A N   1 
ATOM   722  C CA  . THR A 1 96 ? -10.329 6.231   -5.203  1.00 35.16 ? 96  THR A CA  1 
ATOM   723  C C   . THR A 1 96 ? -10.319 4.733   -5.020  1.00 35.54 ? 96  THR A C   1 
ATOM   724  O O   . THR A 1 96 ? -9.928  3.989   -5.924  1.00 36.01 ? 96  THR A O   1 
ATOM   725  C CB  . THR A 1 96 ? -11.801 6.646   -5.377  1.00 35.51 ? 96  THR A CB  1 
ATOM   726  O OG1 . THR A 1 96 ? -12.290 6.166   -6.635  1.00 35.97 ? 96  THR A OG1 1 
ATOM   727  C CG2 . THR A 1 96 ? -11.935 8.155   -5.313  1.00 33.24 ? 96  THR A CG2 1 
ATOM   728  N N   . LEU A 1 97 ? -10.754 4.292   -3.843  1.00 35.58 ? 97  LEU A N   1 
ATOM   729  C CA  . LEU A 1 97 ? -10.818 2.868   -3.542  1.00 35.37 ? 97  LEU A CA  1 
ATOM   730  C C   . LEU A 1 97 ? -12.258 2.500   -3.829  1.00 35.89 ? 97  LEU A C   1 
ATOM   731  O O   . LEU A 1 97 ? -13.170 3.066   -3.241  1.00 36.12 ? 97  LEU A O   1 
ATOM   732  C CB  . LEU A 1 97 ? -10.448 2.615   -2.075  1.00 34.87 ? 97  LEU A CB  1 
ATOM   733  C CG  . LEU A 1 97 ? -9.351  1.569   -1.769  1.00 32.14 ? 97  LEU A CG  1 
ATOM   734  C CD1 . LEU A 1 97 ? -8.411  1.381   -2.970  1.00 26.68 ? 97  LEU A CD1 1 
ATOM   735  C CD2 . LEU A 1 97 ? -8.565  2.017   -0.535  1.00 30.83 ? 97  LEU A CD2 1 
ATOM   736  N N   . ASN A 1 98 ? -12.467 1.569   -4.754  1.00 36.05 ? 98  ASN A N   1 
ATOM   737  C CA  . ASN A 1 98 ? -13.829 1.198   -5.134  1.00 35.85 ? 98  ASN A CA  1 
ATOM   738  C C   . ASN A 1 98 ? -14.094 -0.299  -5.168  1.00 36.15 ? 98  ASN A C   1 
ATOM   739  O O   . ASN A 1 98 ? -13.303 -1.063  -5.727  1.00 35.66 ? 98  ASN A O   1 
ATOM   740  C CB  . ASN A 1 98 ? -14.158 1.790   -6.509  1.00 35.17 ? 98  ASN A CB  1 
ATOM   741  C CG  . ASN A 1 98 ? -13.916 3.278   -6.569  1.00 33.96 ? 98  ASN A CG  1 
ATOM   742  O OD1 . ASN A 1 98 ? -14.532 4.037   -5.839  1.00 30.66 ? 98  ASN A OD1 1 
ATOM   743  N ND2 . ASN A 1 98 ? -13.007 3.703   -7.436  1.00 32.78 ? 98  ASN A ND2 1 
ATOM   744  N N   . PHE A 1 99 ? -15.216 -0.705  -4.572  1.00 36.71 ? 99  PHE A N   1 
ATOM   745  C CA  . PHE A 1 99 ? -15.626 -2.108  -4.551  1.00 37.34 ? 99  PHE A CA  1 
ATOM   746  C C   . PHE A 1 99 ? -17.046 -2.175  -4.023  1.00 37.61 ? 99  PHE A C   1 
ATOM   747  O O   . PHE A 1 99 ? -17.838 -2.979  -4.550  1.00 40.29 ? 99  PHE A O   1 
ATOM   748  C CB  . PHE A 1 99 ? -14.713 -2.956  -3.655  1.00 37.33 ? 99  PHE A CB  1 
ATOM   749  C CG  . PHE A 1 99 ? -14.773 -2.581  -2.194  1.00 37.64 ? 99  PHE A CG  1 
ATOM   750  C CD1 . PHE A 1 99 ? -13.928 -1.595  -1.674  1.00 38.88 ? 99  PHE A CD1 1 
ATOM   751  C CD2 . PHE A 1 99 ? -15.687 -3.208  -1.338  1.00 37.06 ? 99  PHE A CD2 1 
ATOM   752  C CE1 . PHE A 1 99 ? -13.993 -1.234  -0.328  1.00 36.11 ? 99  PHE A CE1 1 
ATOM   753  C CE2 . PHE A 1 99 ? -15.760 -2.854  0.008   1.00 37.08 ? 99  PHE A CE2 1 
ATOM   754  C CZ  . PHE A 1 99 ? -14.907 -1.865  0.515   1.00 36.34 ? 99  PHE A CZ  1 
ATOM   755  O OXT . PHE A 1 99 ? -17.336 -1.427  -3.073  1.00 40.29 ? 99  PHE A OXT 1 
ATOM   756  N N   . PRO B 1 1  ? -18.254 0.389   -1.523  1.00 43.19 ? 1   PRO B N   1 
ATOM   757  C CA  . PRO B 1 1  ? -18.433 1.851   -1.490  1.00 42.34 ? 1   PRO B CA  1 
ATOM   758  C C   . PRO B 1 1  ? -17.321 2.519   -2.268  1.00 41.61 ? 1   PRO B C   1 
ATOM   759  O O   . PRO B 1 1  ? -16.672 1.894   -3.108  1.00 42.30 ? 1   PRO B O   1 
ATOM   760  C CB  . PRO B 1 1  ? -18.380 2.268   -0.036  1.00 42.03 ? 1   PRO B CB  1 
ATOM   761  C CG  . PRO B 1 1  ? -17.446 1.209   0.528   1.00 43.14 ? 1   PRO B CG  1 
ATOM   762  C CD  . PRO B 1 1  ? -17.838 -0.092  -0.191  1.00 43.26 ? 1   PRO B CD  1 
ATOM   763  N N   . GLN B 1 2  ? -17.113 3.797   -1.972  1.00 40.65 ? 2   GLN B N   1 
ATOM   764  C CA  . GLN B 1 2  ? -16.088 4.606   -2.623  1.00 39.36 ? 2   GLN B CA  1 
ATOM   765  C C   . GLN B 1 2  ? -15.201 5.238   -1.560  1.00 38.20 ? 2   GLN B C   1 
ATOM   766  O O   . GLN B 1 2  ? -15.486 6.334   -1.093  1.00 38.29 ? 2   GLN B O   1 
ATOM   767  C CB  . GLN B 1 2  ? -16.747 5.711   -3.458  1.00 39.89 ? 2   GLN B CB  1 
ATOM   768  C CG  . GLN B 1 2  ? -16.782 5.454   -4.963  1.00 41.46 ? 2   GLN B CG  1 
ATOM   769  C CD  . GLN B 1 2  ? -15.939 6.462   -5.752  1.00 42.57 ? 2   GLN B CD  1 
ATOM   770  O OE1 . GLN B 1 2  ? -14.729 6.591   -5.538  1.00 43.19 ? 2   GLN B OE1 1 
ATOM   771  N NE2 . GLN B 1 2  ? -16.581 7.175   -6.667  1.00 40.29 ? 2   GLN B NE2 1 
ATOM   772  N N   . ILE B 1 3  ? -14.134 4.546   -1.169  1.00 36.47 ? 3   ILE B N   1 
ATOM   773  C CA  . ILE B 1 3  ? -13.224 5.077   -0.159  1.00 34.12 ? 3   ILE B CA  1 
ATOM   774  C C   . ILE B 1 3  ? -12.201 6.046   -0.752  1.00 32.99 ? 3   ILE B C   1 
ATOM   775  O O   . ILE B 1 3  ? -11.292 5.643   -1.489  1.00 32.01 ? 3   ILE B O   1 
ATOM   776  C CB  . ILE B 1 3  ? -12.434 3.955   0.578   1.00 34.30 ? 3   ILE B CB  1 
ATOM   777  C CG1 . ILE B 1 3  ? -13.349 3.166   1.521   1.00 31.74 ? 3   ILE B CG1 1 
ATOM   778  C CG2 . ILE B 1 3  ? -11.285 4.571   1.379   1.00 35.24 ? 3   ILE B CG2 1 
ATOM   779  C CD1 . ILE B 1 3  ? -14.367 2.307   0.825   1.00 40.29 ? 3   ILE B CD1 1 
ATOM   780  N N   . THR B 1 4  ? -12.366 7.327   -0.428  1.00 31.13 ? 4   THR B N   1 
ATOM   781  C CA  . THR B 1 4  ? -11.453 8.372   -0.876  1.00 28.97 ? 4   THR B CA  1 
ATOM   782  C C   . THR B 1 4  ? -10.126 8.063   -0.167  1.00 28.09 ? 4   THR B C   1 
ATOM   783  O O   . THR B 1 4  ? -10.056 7.119   0.618   1.00 27.62 ? 4   THR B O   1 
ATOM   784  C CB  . THR B 1 4  ? -11.983 9.772   -0.459  1.00 29.31 ? 4   THR B CB  1 
ATOM   785  O OG1 . THR B 1 4  ? -11.764 9.988   0.947   1.00 27.21 ? 4   THR B OG1 1 
ATOM   786  C CG2 . THR B 1 4  ? -13.484 9.853   -0.720  1.00 29.71 ? 4   THR B CG2 1 
ATOM   787  N N   . LEU B 1 5  ? -9.086  8.855   -0.409  1.00 27.36 ? 5   LEU B N   1 
ATOM   788  C CA  . LEU B 1 5  ? -7.793  8.566   0.201   1.00 27.67 ? 5   LEU B CA  1 
ATOM   789  C C   . LEU B 1 5  ? -7.133  9.698   0.988   1.00 28.42 ? 5   LEU B C   1 
ATOM   790  O O   . LEU B 1 5  ? -5.899  9.757   1.075   1.00 29.20 ? 5   LEU B O   1 
ATOM   791  C CB  . LEU B 1 5  ? -6.829  8.096   -0.886  1.00 27.43 ? 5   LEU B CB  1 
ATOM   792  C CG  . LEU B 1 5  ? -7.464  7.288   -2.013  1.00 26.60 ? 5   LEU B CG  1 
ATOM   793  C CD1 . LEU B 1 5  ? -6.383  6.938   -3.012  1.00 28.45 ? 5   LEU B CD1 1 
ATOM   794  C CD2 . LEU B 1 5  ? -8.136  6.023   -1.461  1.00 24.83 ? 5   LEU B CD2 1 
ATOM   795  N N   . TRP B 1 6  ? -7.924  10.606  1.546   1.00 28.63 ? 6   TRP B N   1 
ATOM   796  C CA  . TRP B 1 6  ? -7.341  11.689  2.328   1.00 29.25 ? 6   TRP B CA  1 
ATOM   797  C C   . TRP B 1 6  ? -6.916  11.113  3.663   1.00 30.51 ? 6   TRP B C   1 
ATOM   798  O O   . TRP B 1 6  ? -6.031  11.629  4.330   1.00 30.11 ? 6   TRP B O   1 
ATOM   799  C CB  . TRP B 1 6  ? -8.358  12.803  2.542   1.00 28.52 ? 6   TRP B CB  1 
ATOM   800  C CG  . TRP B 1 6  ? -8.720  13.461  1.276   1.00 26.94 ? 6   TRP B CG  1 
ATOM   801  C CD1 . TRP B 1 6  ? -9.802  13.192  0.490   1.00 23.04 ? 6   TRP B CD1 1 
ATOM   802  C CD2 . TRP B 1 6  ? -7.984  14.497  0.614   1.00 27.07 ? 6   TRP B CD2 1 
ATOM   803  N NE1 . TRP B 1 6  ? -9.789  14.006  -0.621  1.00 24.32 ? 6   TRP B NE1 1 
ATOM   804  C CE2 . TRP B 1 6  ? -8.682  14.812  -0.569  1.00 27.51 ? 6   TRP B CE2 1 
ATOM   805  C CE3 . TRP B 1 6  ? -6.798  15.185  0.908   1.00 40.29 ? 6   TRP B CE3 1 
ATOM   806  C CZ2 . TRP B 1 6  ? -8.239  15.794  -1.457  1.00 40.29 ? 6   TRP B CZ2 1 
ATOM   807  C CZ3 . TRP B 1 6  ? -6.356  16.158  0.030   1.00 40.29 ? 6   TRP B CZ3 1 
ATOM   808  C CH2 . TRP B 1 6  ? -7.077  16.455  -1.143  1.00 40.29 ? 6   TRP B CH2 1 
ATOM   809  N N   . GLN B 1 7  ? -7.565  10.012  4.018   1.00 32.09 ? 7   GLN B N   1 
ATOM   810  C CA  . GLN B 1 7  ? -7.322  9.287   5.254   1.00 33.93 ? 7   GLN B CA  1 
ATOM   811  C C   . GLN B 1 7  ? -6.712  7.924   4.877   1.00 34.84 ? 7   GLN B C   1 
ATOM   812  O O   . GLN B 1 7  ? -6.501  7.631   3.698   1.00 35.52 ? 7   GLN B O   1 
ATOM   813  C CB  . GLN B 1 7  ? -8.660  9.096   5.984   1.00 33.96 ? 7   GLN B CB  1 
ATOM   814  C CG  . GLN B 1 7  ? -9.587  10.353  6.005   1.00 36.45 ? 7   GLN B CG  1 
ATOM   815  C CD  . GLN B 1 7  ? -10.818 10.262  5.052   1.00 40.10 ? 7   GLN B CD  1 
ATOM   816  O OE1 . GLN B 1 7  ? -10.687 10.311  3.822   1.00 40.44 ? 7   GLN B OE1 1 
ATOM   817  N NE2 . GLN B 1 7  ? -12.011 10.129  5.637   1.00 40.29 ? 7   GLN B NE2 1 
ATOM   818  N N   . ARG B 1 8  ? -6.420  7.094   5.869   1.00 35.36 ? 8   ARG B N   1 
ATOM   819  C CA  . ARG B 1 8  ? -5.851  5.777   5.591   1.00 35.65 ? 8   ARG B CA  1 
ATOM   820  C C   . ARG B 1 8  ? -6.988  4.762   5.458   1.00 35.15 ? 8   ARG B C   1 
ATOM   821  O O   . ARG B 1 8  ? -7.844  4.654   6.343   1.00 35.33 ? 8   ARG B O   1 
ATOM   822  C CB  . ARG B 1 8  ? -4.895  5.357   6.710   1.00 36.56 ? 8   ARG B CB  1 
ATOM   823  C CG  . ARG B 1 8  ? -3.909  6.449   7.087   1.00 37.93 ? 8   ARG B CG  1 
ATOM   824  C CD  . ARG B 1 8  ? -2.506  5.908   7.369   1.00 41.03 ? 8   ARG B CD  1 
ATOM   825  N NE  . ARG B 1 8  ? -2.259  5.574   8.773   1.00 44.43 ? 8   ARG B NE  1 
ATOM   826  C CZ  . ARG B 1 8  ? -1.051  5.626   9.336   1.00 43.41 ? 8   ARG B CZ  1 
ATOM   827  N NH1 . ARG B 1 8  ? 0.003   5.998   8.611   1.00 40.29 ? 8   ARG B NH1 1 
ATOM   828  N NH2 . ARG B 1 8  ? -0.893  5.314   10.621  1.00 40.29 ? 8   ARG B NH2 1 
ATOM   829  N N   . PRO B 1 9  ? -7.005  4.002   4.346   1.00 34.72 ? 9   PRO B N   1 
ATOM   830  C CA  . PRO B 1 9  ? -8.038  2.997   4.081   1.00 34.34 ? 9   PRO B CA  1 
ATOM   831  C C   . PRO B 1 9  ? -8.160  1.900   5.134   1.00 34.69 ? 9   PRO B C   1 
ATOM   832  O O   . PRO B 1 9  ? -7.855  0.740   4.863   1.00 35.15 ? 9   PRO B O   1 
ATOM   833  C CB  . PRO B 1 9  ? -7.639  2.455   2.706   1.00 34.24 ? 9   PRO B CB  1 
ATOM   834  C CG  . PRO B 1 9  ? -6.152  2.572   2.718   1.00 33.68 ? 9   PRO B CG  1 
ATOM   835  C CD  . PRO B 1 9  ? -5.950  3.944   3.317   1.00 33.85 ? 9   PRO B CD  1 
ATOM   836  N N   . ILE B 1 10 ? -8.608  2.268   6.329   1.00 35.01 ? 10  ILE B N   1 
ATOM   837  C CA  . ILE B 1 10 ? -8.782  1.305   7.407   1.00 35.79 ? 10  ILE B CA  1 
ATOM   838  C C   . ILE B 1 10 ? -10.252 0.887   7.466   1.00 36.84 ? 10  ILE B C   1 
ATOM   839  O O   . ILE B 1 10 ? -11.125 1.721   7.676   1.00 37.83 ? 10  ILE B O   1 
ATOM   840  C CB  . ILE B 1 10 ? -8.364  1.906   8.770   1.00 35.81 ? 10  ILE B CB  1 
ATOM   841  C CG1 . ILE B 1 10 ? -6.873  2.242   8.756   1.00 34.92 ? 10  ILE B CG1 1 
ATOM   842  C CG2 . ILE B 1 10 ? -8.634  0.916   9.889   1.00 35.67 ? 10  ILE B CG2 1 
ATOM   843  C CD1 . ILE B 1 10 ? -6.380  2.841   10.056  1.00 40.29 ? 10  ILE B CD1 1 
ATOM   844  N N   . VAL B 1 11 ? -10.524 -0.400  7.270   1.00 37.02 ? 11  VAL B N   1 
ATOM   845  C CA  . VAL B 1 11 ? -11.893 -0.899  7.300   1.00 36.97 ? 11  VAL B CA  1 
ATOM   846  C C   . VAL B 1 11 ? -12.075 -2.019  8.328   1.00 37.83 ? 11  VAL B C   1 
ATOM   847  O O   . VAL B 1 11 ? -11.120 -2.707  8.700   1.00 37.92 ? 11  VAL B O   1 
ATOM   848  C CB  . VAL B 1 11 ? -12.326 -1.416  5.907   1.00 37.09 ? 11  VAL B CB  1 
ATOM   849  C CG1 . VAL B 1 11 ? -12.283 -0.287  4.900   1.00 36.81 ? 11  VAL B CG1 1 
ATOM   850  C CG2 . VAL B 1 11 ? -11.412 -2.553  5.459   1.00 36.63 ? 11  VAL B CG2 1 
ATOM   851  N N   . THR B 1 12 ? -13.306 -2.198  8.790   1.00 38.36 ? 12  THR B N   1 
ATOM   852  C CA  . THR B 1 12 ? -13.599 -3.220  9.781   1.00 39.08 ? 12  THR B CA  1 
ATOM   853  C C   . THR B 1 12 ? -13.937 -4.558  9.159   1.00 38.94 ? 12  THR B C   1 
ATOM   854  O O   . THR B 1 12 ? -14.999 -4.736  8.554   1.00 38.43 ? 12  THR B O   1 
ATOM   855  C CB  . THR B 1 12 ? -14.759 -2.796  10.711  1.00 39.33 ? 12  THR B CB  1 
ATOM   856  O OG1 . THR B 1 12 ? -14.265 -1.879  11.696  1.00 41.55 ? 12  THR B OG1 1 
ATOM   857  C CG2 . THR B 1 12 ? -15.374 -4.011  11.402  1.00 39.10 ? 12  THR B CG2 1 
ATOM   858  N N   . ILE B 1 13 ? -13.010 -5.496  9.315   1.00 39.64 ? 13  ILE B N   1 
ATOM   859  C CA  . ILE B 1 13 ? -13.175 -6.841  8.805   1.00 40.54 ? 13  ILE B CA  1 
ATOM   860  C C   . ILE B 1 13 ? -13.902 -7.652  9.868   1.00 41.49 ? 13  ILE B C   1 
ATOM   861  O O   . ILE B 1 13 ? -14.522 -7.086  10.775  1.00 41.81 ? 13  ILE B O   1 
ATOM   862  C CB  . ILE B 1 13 ? -11.816 -7.494  8.517   1.00 40.54 ? 13  ILE B CB  1 
ATOM   863  C CG1 . ILE B 1 13 ? -10.859 -7.228  9.683   1.00 39.69 ? 13  ILE B CG1 1 
ATOM   864  C CG2 . ILE B 1 13 ? -11.265 -6.977  7.210   1.00 40.03 ? 13  ILE B CG2 1 
ATOM   865  C CD1 . ILE B 1 13 ? -9.512  -7.871  9.522   1.00 40.29 ? 13  ILE B CD1 1 
ATOM   866  N N   . LYS B 1 14 ? -13.830 -8.971  9.765   1.00 42.62 ? 14  LYS B N   1 
ATOM   867  C CA  . LYS B 1 14 ? -14.496 -9.819  10.738  1.00 43.46 ? 14  LYS B CA  1 
ATOM   868  C C   . LYS B 1 14 ? -13.980 -11.228 10.516  1.00 43.83 ? 14  LYS B C   1 
ATOM   869  O O   . LYS B 1 14 ? -14.663 -12.077 9.955   1.00 43.95 ? 14  LYS B O   1 
ATOM   870  C CB  . LYS B 1 14 ? -16.010 -9.743  10.531  1.00 43.71 ? 14  LYS B CB  1 
ATOM   871  C CG  . LYS B 1 14 ? -16.852 -10.327 11.647  1.00 44.20 ? 14  LYS B CG  1 
ATOM   872  C CD  . LYS B 1 14 ? -18.322 -9.999  11.421  1.00 44.30 ? 14  LYS B CD  1 
ATOM   873  C CE  . LYS B 1 14 ? -19.192 -10.535 12.547  1.00 46.21 ? 14  LYS B CE  1 
ATOM   874  N NZ  . LYS B 1 14 ? -20.558 -9.935  12.538  1.00 46.48 ? 14  LYS B NZ  1 
ATOM   875  N N   . ILE B 1 15 ? -12.749 -11.458 10.956  1.00 44.40 ? 15  ILE B N   1 
ATOM   876  C CA  . ILE B 1 15 ? -12.121 -12.752 10.789  1.00 44.53 ? 15  ILE B CA  1 
ATOM   877  C C   . ILE B 1 15 ? -12.097 -13.537 12.084  1.00 45.58 ? 15  ILE B C   1 
ATOM   878  O O   . ILE B 1 15 ? -11.998 -12.964 13.167  1.00 45.72 ? 15  ILE B O   1 
ATOM   879  C CB  . ILE B 1 15 ? -10.688 -12.603 10.308  1.00 44.30 ? 15  ILE B CB  1 
ATOM   880  C CG1 . ILE B 1 15 ? -10.132 -13.976 9.952   1.00 43.75 ? 15  ILE B CG1 1 
ATOM   881  C CG2 . ILE B 1 15 ? -9.846  -11.957 11.389  1.00 43.15 ? 15  ILE B CG2 1 
ATOM   882  C CD1 . ILE B 1 15 ? -8.713  -13.951 9.448   1.00 40.29 ? 15  ILE B CD1 1 
ATOM   883  N N   . GLY B 1 16 ? -12.182 -14.856 11.958  1.00 46.80 ? 16  GLY B N   1 
ATOM   884  C CA  . GLY B 1 16 ? -12.156 -15.727 13.120  1.00 47.83 ? 16  GLY B CA  1 
ATOM   885  C C   . GLY B 1 16 ? -13.336 -15.538 14.052  1.00 48.40 ? 16  GLY B C   1 
ATOM   886  O O   . GLY B 1 16 ? -13.354 -16.099 15.143  1.00 48.15 ? 16  GLY B O   1 
ATOM   887  N N   . GLY B 1 17 ? -14.322 -14.752 13.628  1.00 48.84 ? 17  GLY B N   1 
ATOM   888  C CA  . GLY B 1 17 ? -15.491 -14.517 14.460  1.00 49.50 ? 17  GLY B CA  1 
ATOM   889  C C   . GLY B 1 17 ? -15.451 -13.209 15.239  1.00 49.69 ? 17  GLY B C   1 
ATOM   890  O O   . GLY B 1 17 ? -16.454 -12.783 15.823  1.00 50.55 ? 17  GLY B O   1 
ATOM   891  N N   . GLN B 1 18 ? -14.288 -12.573 15.254  1.00 49.19 ? 18  GLN B N   1 
ATOM   892  C CA  . GLN B 1 18 ? -14.125 -11.311 15.961  1.00 48.93 ? 18  GLN B CA  1 
ATOM   893  C C   . GLN B 1 18 ? -14.212 -10.174 14.957  1.00 48.76 ? 18  GLN B C   1 
ATOM   894  O O   . GLN B 1 18 ? -14.479 -10.401 13.777  1.00 48.87 ? 18  GLN B O   1 
ATOM   895  C CB  . GLN B 1 18 ? -12.766 -11.276 16.653  1.00 48.88 ? 18  GLN B CB  1 
ATOM   896  C CG  . GLN B 1 18 ? -12.487 -12.472 17.540  1.00 50.17 ? 18  GLN B CG  1 
ATOM   897  C CD  . GLN B 1 18 ? -11.066 -12.977 17.371  1.00 52.34 ? 18  GLN B CD  1 
ATOM   898  O OE1 . GLN B 1 18 ? -10.623 -13.881 18.081  1.00 54.67 ? 18  GLN B OE1 1 
ATOM   899  N NE2 . GLN B 1 18 ? -10.345 -12.394 16.420  1.00 40.29 ? 18  GLN B NE2 1 
ATOM   900  N N   . LEU B 1 19 ? -13.977 -8.954  15.431  1.00 48.11 ? 19  LEU B N   1 
ATOM   901  C CA  . LEU B 1 19 ? -14.023 -7.761  14.584  1.00 47.50 ? 19  LEU B CA  1 
ATOM   902  C C   . LEU B 1 19 ? -12.705 -7.005  14.700  1.00 46.87 ? 19  LEU B C   1 
ATOM   903  O O   . LEU B 1 19 ? -12.184 -6.827  15.800  1.00 46.88 ? 19  LEU B O   1 
ATOM   904  C CB  . LEU B 1 19 ? -15.186 -6.866  15.016  1.00 47.24 ? 19  LEU B CB  1 
ATOM   905  C CG  . LEU B 1 19 ? -16.542 -7.566  14.930  1.00 47.99 ? 19  LEU B CG  1 
ATOM   906  C CD1 . LEU B 1 19 ? -17.589 -6.797  15.711  1.00 47.59 ? 19  LEU B CD1 1 
ATOM   907  C CD2 . LEU B 1 19 ? -16.929 -7.693  13.472  1.00 48.13 ? 19  LEU B CD2 1 
ATOM   908  N N   . LYS B 1 20 ? -12.171 -6.547  13.574  1.00 45.71 ? 20  LYS B N   1 
ATOM   909  C CA  . LYS B 1 20 ? -10.901 -5.848  13.610  1.00 45.01 ? 20  LYS B CA  1 
ATOM   910  C C   . LYS B 1 20 ? -10.704 -4.591  12.751  1.00 44.16 ? 20  LYS B C   1 
ATOM   911  O O   . LYS B 1 20 ? -11.593 -4.119  12.038  1.00 44.25 ? 20  LYS B O   1 
ATOM   912  C CB  . LYS B 1 20 ? -9.786  -6.840  13.282  1.00 44.90 ? 20  LYS B CB  1 
ATOM   913  C CG  . LYS B 1 20 ? -9.637  -7.973  14.270  1.00 46.46 ? 20  LYS B CG  1 
ATOM   914  C CD  . LYS B 1 20 ? -8.368  -8.745  13.980  1.00 48.81 ? 20  LYS B CD  1 
ATOM   915  C CE  . LYS B 1 20 ? -8.095  -9.805  15.025  1.00 49.70 ? 20  LYS B CE  1 
ATOM   916  N NZ  . LYS B 1 20 ? -6.749  -10.392 14.798  1.00 51.38 ? 20  LYS B NZ  1 
ATOM   917  N N   . GLU B 1 21 ? -9.491  -4.063  12.841  1.00 43.27 ? 21  GLU B N   1 
ATOM   918  C CA  . GLU B 1 21 ? -9.078  -2.879  12.111  1.00 42.34 ? 21  GLU B CA  1 
ATOM   919  C C   . GLU B 1 21 ? -8.039  -3.318  11.076  1.00 41.06 ? 21  GLU B C   1 
ATOM   920  O O   . GLU B 1 21 ? -6.994  -3.876  11.435  1.00 40.89 ? 21  GLU B O   1 
ATOM   921  C CB  . GLU B 1 21 ? -8.451  -1.883  13.089  1.00 42.13 ? 21  GLU B CB  1 
ATOM   922  C CG  . GLU B 1 21 ? -8.957  -0.473  12.923  1.00 44.35 ? 21  GLU B CG  1 
ATOM   923  C CD  . GLU B 1 21 ? -10.423 -0.349  13.268  1.00 44.03 ? 21  GLU B CD  1 
ATOM   924  O OE1 . GLU B 1 21 ? -11.153 -1.359  13.152  1.00 46.03 ? 21  GLU B OE1 1 
ATOM   925  O OE2 . GLU B 1 21 ? -10.836 0.769   13.639  1.00 40.29 ? 21  GLU B OE2 1 
ATOM   926  N N   . ALA B 1 22 ? -8.317  -3.079  9.797   1.00 39.20 ? 22  ALA B N   1 
ATOM   927  C CA  . ALA B 1 22 ? -7.381  -3.476  8.748   1.00 37.65 ? 22  ALA B CA  1 
ATOM   928  C C   . ALA B 1 22 ? -7.188  -2.378  7.708   1.00 37.17 ? 22  ALA B C   1 
ATOM   929  O O   . ALA B 1 22 ? -8.136  -1.679  7.346   1.00 36.78 ? 22  ALA B O   1 
ATOM   930  C CB  . ALA B 1 22 ? -7.861  -4.761  8.076   1.00 36.96 ? 22  ALA B CB  1 
ATOM   931  N N   . LEU B 1 23 ? -5.954  -2.236  7.229   1.00 36.70 ? 23  LEU B N   1 
ATOM   932  C CA  . LEU B 1 23 ? -5.641  -1.217  6.230   1.00 36.09 ? 23  LEU B CA  1 
ATOM   933  C C   . LEU B 1 23 ? -5.560  -1.817  4.837   1.00 35.32 ? 23  LEU B C   1 
ATOM   934  O O   . LEU B 1 23 ? -4.793  -2.742  4.587   1.00 35.75 ? 23  LEU B O   1 
ATOM   935  C CB  . LEU B 1 23 ? -4.328  -0.500  6.576   1.00 35.67 ? 23  LEU B CB  1 
ATOM   936  C CG  . LEU B 1 23 ? -3.898  0.606   5.607   1.00 35.09 ? 23  LEU B CG  1 
ATOM   937  C CD1 . LEU B 1 23 ? -3.224  1.768   6.348   1.00 35.54 ? 23  LEU B CD1 1 
ATOM   938  C CD2 . LEU B 1 23 ? -2.975  0.006   4.560   1.00 35.06 ? 23  LEU B CD2 1 
ATOM   939  N N   . LEU B 1 24 ? -6.375  -1.279  3.938   1.00 33.94 ? 24  LEU B N   1 
ATOM   940  C CA  . LEU B 1 24 ? -6.426  -1.743  2.559   1.00 32.95 ? 24  LEU B CA  1 
ATOM   941  C C   . LEU B 1 24 ? -5.170  -1.262  1.858   1.00 32.50 ? 24  LEU B C   1 
ATOM   942  O O   . LEU B 1 24 ? -5.096  -0.125  1.389   1.00 30.98 ? 24  LEU B O   1 
ATOM   943  C CB  . LEU B 1 24 ? -7.684  -1.192  1.891   1.00 33.06 ? 24  LEU B CB  1 
ATOM   944  C CG  . LEU B 1 24 ? -8.959  -1.625  2.635   1.00 33.21 ? 24  LEU B CG  1 
ATOM   945  C CD1 . LEU B 1 24 ? -10.166 -0.877  2.081   1.00 33.91 ? 24  LEU B CD1 1 
ATOM   946  C CD2 . LEU B 1 24 ? -9.143  -3.145  2.516   1.00 31.35 ? 24  LEU B CD2 1 
ATOM   947  N N   . ASN B 1 25 ? -4.182  -2.146  1.790   1.00 32.88 ? 25  ASN B N   1 
ATOM   948  C CA  . ASN B 1 25 ? -2.899  -1.805  1.200   1.00 33.34 ? 25  ASN B CA  1 
ATOM   949  C C   . ASN B 1 25 ? -2.648  -2.328  -0.218  1.00 33.29 ? 25  ASN B C   1 
ATOM   950  O O   . ASN B 1 25 ? -2.288  -3.495  -0.404  1.00 33.62 ? 25  ASN B O   1 
ATOM   951  C CB  . ASN B 1 25 ? -1.792  -2.301  2.121   1.00 33.90 ? 25  ASN B CB  1 
ATOM   952  C CG  . ASN B 1 25 ? -0.544  -1.496  1.988   1.00 37.02 ? 25  ASN B CG  1 
ATOM   953  O OD1 . ASN B 1 25 ? -0.442  -0.743  1.004   1.00 38.33 ? 25  ASN B OD1 1 
ATOM   954  N ND2 . ASN B 1 25 ? 0.329   -1.619  2.864   1.00 39.02 ? 25  ASN B ND2 1 
ATOM   955  N N   . THR B 1 26 ? -2.819  -1.456  -1.211  1.00 33.17 ? 26  THR B N   1 
ATOM   956  C CA  . THR B 1 26 ? -2.614  -1.826  -2.611  1.00 32.21 ? 26  THR B CA  1 
ATOM   957  C C   . THR B 1 26 ? -1.169  -2.241  -2.859  1.00 32.53 ? 26  THR B C   1 
ATOM   958  O O   . THR B 1 26 ? -0.906  -3.219  -3.567  1.00 33.07 ? 26  THR B O   1 
ATOM   959  C CB  . THR B 1 26 ? -2.927  -0.667  -3.538  1.00 31.78 ? 26  THR B CB  1 
ATOM   960  O OG1 . THR B 1 26 ? -2.086  0.440   -3.195  1.00 31.71 ? 26  THR B OG1 1 
ATOM   961  C CG2 . THR B 1 26 ? -4.396  -0.270  -3.425  1.00 30.30 ? 26  THR B CG2 1 
ATOM   962  N N   . GLY B 1 27 ? -0.237  -1.486  -2.286  1.00 32.58 ? 27  GLY B N   1 
ATOM   963  C CA  . GLY B 1 27 ? 1.167   -1.818  -2.443  1.00 32.47 ? 27  GLY B CA  1 
ATOM   964  C C   . GLY B 1 27 ? 1.519   -3.152  -1.788  1.00 32.68 ? 27  GLY B C   1 
ATOM   965  O O   . GLY B 1 27 ? 2.634   -3.659  -1.957  1.00 32.14 ? 27  GLY B O   1 
ATOM   966  N N   . ALA B 1 28 ? 0.560   -3.721  -1.053  1.00 33.02 ? 28  ALA B N   1 
ATOM   967  C CA  . ALA B 1 28 ? 0.737   -4.992  -0.349  1.00 33.41 ? 28  ALA B CA  1 
ATOM   968  C C   . ALA B 1 28 ? 0.318   -6.223  -1.145  1.00 34.38 ? 28  ALA B C   1 
ATOM   969  O O   . ALA B 1 28 ? -0.846  -6.371  -1.528  1.00 34.52 ? 28  ALA B O   1 
ATOM   970  C CB  . ALA B 1 28 ? -0.017  -4.959  0.981   1.00 32.97 ? 28  ALA B CB  1 
ATOM   971  N N   . ASP B 1 29 ? 1.275   -7.115  -1.376  1.00 35.50 ? 29  ASP B N   1 
ATOM   972  C CA  . ASP B 1 29 ? 1.011   -8.346  -2.112  1.00 36.37 ? 29  ASP B CA  1 
ATOM   973  C C   . ASP B 1 29 ? 0.066   -9.294  -1.360  1.00 36.36 ? 29  ASP B C   1 
ATOM   974  O O   . ASP B 1 29 ? -0.912  -9.784  -1.930  1.00 36.46 ? 29  ASP B O   1 
ATOM   975  C CB  . ASP B 1 29 ? 2.328   -9.074  -2.407  1.00 36.88 ? 29  ASP B CB  1 
ATOM   976  C CG  . ASP B 1 29 ? 3.251   -8.275  -3.312  1.00 39.02 ? 29  ASP B CG  1 
ATOM   977  O OD1 . ASP B 1 29 ? 2.872   -8.001  -4.472  1.00 39.95 ? 29  ASP B OD1 1 
ATOM   978  O OD2 . ASP B 1 29 ? 4.362   -7.920  -2.867  1.00 43.22 ? 29  ASP B OD2 1 
ATOM   979  N N   . ASP B 1 30 ? 0.361   -9.540  -0.083  1.00 36.45 ? 30  ASP B N   1 
ATOM   980  C CA  . ASP B 1 30 ? -0.438  -10.451 0.743   1.00 35.54 ? 30  ASP B CA  1 
ATOM   981  C C   . ASP B 1 30 ? -1.137  -9.754  1.896   1.00 35.04 ? 30  ASP B C   1 
ATOM   982  O O   . ASP B 1 30 ? -0.996  -8.556  2.094   1.00 34.85 ? 30  ASP B O   1 
ATOM   983  C CB  . ASP B 1 30 ? 0.440   -11.553 1.342   1.00 36.12 ? 30  ASP B CB  1 
ATOM   984  C CG  . ASP B 1 30 ? 1.274   -12.279 0.301   1.00 36.18 ? 30  ASP B CG  1 
ATOM   985  O OD1 . ASP B 1 30 ? 0.680   -12.948 -0.577  1.00 37.96 ? 30  ASP B OD1 1 
ATOM   986  O OD2 . ASP B 1 30 ? 2.525   -12.179 0.367   1.00 34.42 ? 30  ASP B OD2 1 
ATOM   987  N N   . THR B 1 31 ? -1.870  -10.548 2.667   1.00 35.36 ? 31  THR B N   1 
ATOM   988  C CA  . THR B 1 31 ? -2.621  -10.082 3.822   1.00 35.41 ? 31  THR B CA  1 
ATOM   989  C C   . THR B 1 31 ? -2.049  -10.756 5.060   1.00 36.34 ? 31  THR B C   1 
ATOM   990  O O   . THR B 1 31 ? -2.084  -11.980 5.175   1.00 37.26 ? 31  THR B O   1 
ATOM   991  C CB  . THR B 1 31 ? -4.094  -10.497 3.712   1.00 35.47 ? 31  THR B CB  1 
ATOM   992  O OG1 . THR B 1 31 ? -4.559  -10.264 2.377   1.00 34.83 ? 31  THR B OG1 1 
ATOM   993  C CG2 . THR B 1 31 ? -4.950  -9.702  4.690   1.00 35.46 ? 31  THR B CG2 1 
ATOM   994  N N   . VAL B 1 32 ? -1.527  -9.969  5.988   1.00 36.38 ? 32  VAL B N   1 
ATOM   995  C CA  . VAL B 1 32 ? -0.956  -10.521 7.208   1.00 37.14 ? 32  VAL B CA  1 
ATOM   996  C C   . VAL B 1 32 ? -1.720  -9.932  8.376   1.00 37.88 ? 32  VAL B C   1 
ATOM   997  O O   . VAL B 1 32 ? -2.004  -8.742  8.387   1.00 37.48 ? 32  VAL B O   1 
ATOM   998  C CB  . VAL B 1 32 ? 0.527   -10.129 7.376   1.00 37.07 ? 32  VAL B CB  1 
ATOM   999  C CG1 . VAL B 1 32 ? 1.150   -10.964 8.491   1.00 36.83 ? 32  VAL B CG1 1 
ATOM   1000 C CG2 . VAL B 1 32 ? 1.280   -10.311 6.067   1.00 37.06 ? 32  VAL B CG2 1 
ATOM   1001 N N   . LEU B 1 33 ? -2.037  -10.743 9.371   1.00 38.96 ? 33  LEU B N   1 
ATOM   1002 C CA  . LEU B 1 33 ? -2.776  -10.230 10.513  1.00 40.62 ? 33  LEU B CA  1 
ATOM   1003 C C   . LEU B 1 33 ? -2.193  -10.678 11.840  1.00 42.65 ? 33  LEU B C   1 
ATOM   1004 O O   . LEU B 1 33 ? -1.915  -11.864 12.045  1.00 42.72 ? 33  LEU B O   1 
ATOM   1005 C CB  . LEU B 1 33 ? -4.238  -10.663 10.420  1.00 40.29 ? 33  LEU B CB  1 
ATOM   1006 C CG  . LEU B 1 33 ? -5.288  -9.633  9.987   1.00 38.35 ? 33  LEU B CG  1 
ATOM   1007 C CD1 . LEU B 1 33 ? -4.796  -8.803  8.834   1.00 36.79 ? 33  LEU B CD1 1 
ATOM   1008 C CD2 . LEU B 1 33 ? -6.573  -10.374 9.618   1.00 37.22 ? 33  LEU B CD2 1 
ATOM   1009 N N   . GLU B 1 34 ? -2.002  -9.720  12.741  1.00 44.76 ? 34  GLU B N   1 
ATOM   1010 C CA  . GLU B 1 34 ? -1.458  -10.022 14.056  1.00 46.83 ? 34  GLU B CA  1 
ATOM   1011 C C   . GLU B 1 34 ? -2.390  -11.011 14.733  1.00 48.15 ? 34  GLU B C   1 
ATOM   1012 O O   . GLU B 1 34 ? -3.603  -10.811 14.783  1.00 48.35 ? 34  GLU B O   1 
ATOM   1013 C CB  . GLU B 1 34 ? -1.348  -8.756  14.913  1.00 47.48 ? 34  GLU B CB  1 
ATOM   1014 C CG  . GLU B 1 34 ? -0.362  -7.688  14.404  1.00 48.66 ? 34  GLU B CG  1 
ATOM   1015 C CD  . GLU B 1 34 ? -0.217  -6.500  15.373  1.00 50.78 ? 34  GLU B CD  1 
ATOM   1016 O OE1 . GLU B 1 34 ? 0.450   -5.494  15.015  1.00 50.41 ? 34  GLU B OE1 1 
ATOM   1017 O OE2 . GLU B 1 34 ? -0.766  -6.578  16.499  1.00 40.29 ? 34  GLU B OE2 1 
ATOM   1018 N N   . GLU B 1 35 ? -1.796  -12.079 15.248  1.00 49.65 ? 35  GLU B N   1 
ATOM   1019 C CA  . GLU B 1 35 ? -2.501  -13.161 15.930  1.00 51.19 ? 35  GLU B CA  1 
ATOM   1020 C C   . GLU B 1 35 ? -4.029  -13.240 15.873  1.00 52.12 ? 35  GLU B C   1 
ATOM   1021 O O   . GLU B 1 35 ? -4.759  -12.302 16.224  1.00 52.55 ? 35  GLU B O   1 
ATOM   1022 C CB  . GLU B 1 35 ? -2.044  -13.238 17.393  1.00 51.49 ? 35  GLU B CB  1 
ATOM   1023 C CG  . GLU B 1 35 ? -0.630  -13.763 17.541  1.00 52.05 ? 35  GLU B CG  1 
ATOM   1024 C CD  . GLU B 1 35 ? 0.400   -12.828 16.934  1.00 54.51 ? 35  GLU B CD  1 
ATOM   1025 O OE1 . GLU B 1 35 ? 0.826   -11.881 17.632  1.00 55.73 ? 35  GLU B OE1 1 
ATOM   1026 O OE2 . GLU B 1 35 ? 0.769   -13.027 15.752  1.00 40.29 ? 35  GLU B OE2 1 
ATOM   1027 N N   . VAL B 1 36 ? -4.481  -14.403 15.422  1.00 52.60 ? 36  VAL B N   1 
ATOM   1028 C CA  . VAL B 1 36 ? -5.887  -14.740 15.311  1.00 52.31 ? 36  VAL B CA  1 
ATOM   1029 C C   . VAL B 1 36 ? -5.847  -16.254 15.433  1.00 52.46 ? 36  VAL B C   1 
ATOM   1030 O O   . VAL B 1 36 ? -5.395  -16.935 14.513  1.00 52.33 ? 36  VAL B O   1 
ATOM   1031 C CB  . VAL B 1 36 ? -6.481  -14.371 13.931  1.00 52.43 ? 36  VAL B CB  1 
ATOM   1032 C CG1 . VAL B 1 36 ? -7.972  -14.664 13.923  1.00 53.15 ? 36  VAL B CG1 1 
ATOM   1033 C CG2 . VAL B 1 36 ? -6.239  -12.916 13.613  1.00 51.89 ? 36  VAL B CG2 1 
ATOM   1034 N N   . ASN B 1 37 ? -6.280  -16.780 16.574  1.00 52.32 ? 37  ASN B N   1 
ATOM   1035 C CA  . ASN B 1 37 ? -6.266  -18.225 16.776  1.00 52.20 ? 37  ASN B CA  1 
ATOM   1036 C C   . ASN B 1 37 ? -7.068  -18.849 15.643  1.00 51.46 ? 37  ASN B C   1 
ATOM   1037 O O   . ASN B 1 37 ? -8.274  -19.053 15.765  1.00 52.18 ? 37  ASN B O   1 
ATOM   1038 C CB  . ASN B 1 37 ? -6.893  -18.581 18.127  1.00 52.68 ? 37  ASN B CB  1 
ATOM   1039 C CG  . ASN B 1 37 ? -6.565  -19.999 18.568  1.00 54.71 ? 37  ASN B CG  1 
ATOM   1040 O OD1 . ASN B 1 37 ? -5.409  -20.325 18.852  1.00 56.55 ? 37  ASN B OD1 1 
ATOM   1041 N ND2 . ASN B 1 37 ? -7.582  -20.852 18.617  1.00 55.34 ? 37  ASN B ND2 1 
ATOM   1042 N N   . LEU B 1 38 ? -6.394  -19.141 14.537  1.00 50.15 ? 38  LEU B N   1 
ATOM   1043 C CA  . LEU B 1 38 ? -7.056  -19.720 13.370  1.00 48.82 ? 38  LEU B CA  1 
ATOM   1044 C C   . LEU B 1 38 ? -6.981  -21.252 13.281  1.00 47.95 ? 38  LEU B C   1 
ATOM   1045 O O   . LEU B 1 38 ? -5.894  -21.847 13.322  1.00 47.19 ? 38  LEU B O   1 
ATOM   1046 C CB  . LEU B 1 38 ? -6.495  -19.100 12.084  1.00 49.05 ? 38  LEU B CB  1 
ATOM   1047 C CG  . LEU B 1 38 ? -6.796  -17.623 11.853  1.00 47.82 ? 38  LEU B CG  1 
ATOM   1048 C CD1 . LEU B 1 38 ? -6.331  -17.241 10.460  1.00 48.34 ? 38  LEU B CD1 1 
ATOM   1049 C CD2 . LEU B 1 38 ? -8.293  -17.370 12.008  1.00 46.85 ? 38  LEU B CD2 1 
ATOM   1050 N N   . PRO B 1 39 ? -8.157  -21.901 13.150  1.00 47.46 ? 39  PRO B N   1 
ATOM   1051 C CA  . PRO B 1 39 ? -8.389  -23.347 13.045  1.00 47.32 ? 39  PRO B CA  1 
ATOM   1052 C C   . PRO B 1 39 ? -8.002  -23.932 11.689  1.00 47.18 ? 39  PRO B C   1 
ATOM   1053 O O   . PRO B 1 39 ? -7.980  -23.227 10.675  1.00 46.61 ? 39  PRO B O   1 
ATOM   1054 C CB  . PRO B 1 39 ? -9.894  -23.471 13.290  1.00 46.96 ? 39  PRO B CB  1 
ATOM   1055 C CG  . PRO B 1 39 ? -10.248 -22.204 14.028  1.00 47.79 ? 39  PRO B CG  1 
ATOM   1056 C CD  . PRO B 1 39 ? -9.445  -21.200 13.279  1.00 47.61 ? 39  PRO B CD  1 
ATOM   1057 N N   . GLY B 1 40 ? -7.715  -25.228 11.666  1.00 47.17 ? 40  GLY B N   1 
ATOM   1058 C CA  . GLY B 1 40 ? -7.344  -25.854 10.414  1.00 47.37 ? 40  GLY B CA  1 
ATOM   1059 C C   . GLY B 1 40 ? -5.844  -25.899 10.247  1.00 47.07 ? 40  GLY B C   1 
ATOM   1060 O O   . GLY B 1 40 ? -5.095  -25.673 11.198  1.00 46.32 ? 40  GLY B O   1 
ATOM   1061 N N   . ARG B 1 41 ? -5.385  -26.182 9.041   1.00 47.20 ? 41  ARG B N   1 
ATOM   1062 C CA  . ARG B 1 41 ? -3.957  -26.259 8.851   1.00 47.54 ? 41  ARG B CA  1 
ATOM   1063 C C   . ARG B 1 41 ? -3.350  -25.030 8.221   1.00 46.93 ? 41  ARG B C   1 
ATOM   1064 O O   . ARG B 1 41 ? -3.981  -24.330 7.430   1.00 46.80 ? 41  ARG B O   1 
ATOM   1065 C CB  . ARG B 1 41 ? -3.584  -27.493 8.030   1.00 47.63 ? 41  ARG B CB  1 
ATOM   1066 C CG  . ARG B 1 41 ? -3.965  -27.447 6.554   1.00 49.52 ? 41  ARG B CG  1 
ATOM   1067 C CD  . ARG B 1 41 ? -3.218  -28.562 5.833   1.00 49.78 ? 41  ARG B CD  1 
ATOM   1068 N NE  . ARG B 1 41 ? -3.187  -29.775 6.650   1.00 50.05 ? 41  ARG B NE  1 
ATOM   1069 C CZ  . ARG B 1 41 ? -4.237  -30.563 6.849   1.00 48.45 ? 41  ARG B CZ  1 
ATOM   1070 N NH1 . ARG B 1 41 ? -4.132  -31.640 7.614   1.00 40.29 ? 41  ARG B NH1 1 
ATOM   1071 N NH2 . ARG B 1 41 ? -5.388  -30.280 6.257   1.00 40.29 ? 41  ARG B NH2 1 
ATOM   1072 N N   . TRP B 1 42 ? -2.098  -24.793 8.588   1.00 46.58 ? 42  TRP B N   1 
ATOM   1073 C CA  . TRP B 1 42 ? -1.328  -23.663 8.099   1.00 46.13 ? 42  TRP B CA  1 
ATOM   1074 C C   . TRP B 1 42 ? 0.042   -24.195 7.719   1.00 46.07 ? 42  TRP B C   1 
ATOM   1075 O O   . TRP B 1 42 ? 0.288   -25.395 7.811   1.00 45.78 ? 42  TRP B O   1 
ATOM   1076 C CB  . TRP B 1 42 ? -1.177  -22.635 9.207   1.00 45.90 ? 42  TRP B CB  1 
ATOM   1077 C CG  . TRP B 1 42 ? -0.653  -23.232 10.492  1.00 45.53 ? 42  TRP B CG  1 
ATOM   1078 C CD1 . TRP B 1 42 ? -1.391  -23.738 11.532  1.00 44.31 ? 42  TRP B CD1 1 
ATOM   1079 C CD2 . TRP B 1 42 ? 0.723   -23.400 10.858  1.00 42.90 ? 42  TRP B CD2 1 
ATOM   1080 N NE1 . TRP B 1 42 ? -0.556  -24.206 12.524  1.00 45.14 ? 42  TRP B NE1 1 
ATOM   1081 C CE2 . TRP B 1 42 ? 0.744   -24.011 12.138  1.00 43.81 ? 42  TRP B CE2 1 
ATOM   1082 C CE3 . TRP B 1 42 ? 1.939   -23.094 10.233  1.00 40.29 ? 42  TRP B CE3 1 
ATOM   1083 C CZ2 . TRP B 1 42 ? 1.935   -24.321 12.801  1.00 40.29 ? 42  TRP B CZ2 1 
ATOM   1084 C CZ3 . TRP B 1 42 ? 3.134   -23.408 10.899  1.00 40.29 ? 42  TRP B CZ3 1 
ATOM   1085 C CH2 . TRP B 1 42 ? 3.117   -24.013 12.171  1.00 40.29 ? 42  TRP B CH2 1 
ATOM   1086 N N   . LYS B 1 43 ? 0.925   -23.305 7.282   1.00 46.17 ? 43  LYS B N   1 
ATOM   1087 C CA  . LYS B 1 43 ? 2.281   -23.692 6.909   1.00 46.77 ? 43  LYS B CA  1 
ATOM   1088 C C   . LYS B 1 43 ? 3.188   -22.478 6.893   1.00 47.13 ? 43  LYS B C   1 
ATOM   1089 O O   . LYS B 1 43 ? 2.745   -21.372 6.592   1.00 46.77 ? 43  LYS B O   1 
ATOM   1090 C CB  . LYS B 1 43 ? 2.321   -24.352 5.530   1.00 46.71 ? 43  LYS B CB  1 
ATOM   1091 C CG  . LYS B 1 43 ? 1.903   -23.436 4.398   1.00 47.04 ? 43  LYS B CG  1 
ATOM   1092 C CD  . LYS B 1 43 ? 2.100   -24.106 3.046   1.00 46.46 ? 43  LYS B CD  1 
ATOM   1093 C CE  . LYS B 1 43 ? 3.567   -24.203 2.658   1.00 47.29 ? 43  LYS B CE  1 
ATOM   1094 N NZ  . LYS B 1 43 ? 4.076   -22.928 2.094   1.00 45.76 ? 43  LYS B NZ  1 
ATOM   1095 N N   . PRO B 1 44 ? 4.479   -22.676 7.206   1.00 47.22 ? 44  PRO B N   1 
ATOM   1096 C CA  . PRO B 1 44 ? 5.493   -21.618 7.242   1.00 47.69 ? 44  PRO B CA  1 
ATOM   1097 C C   . PRO B 1 44 ? 5.874   -20.967 5.914   1.00 47.77 ? 44  PRO B C   1 
ATOM   1098 O O   . PRO B 1 44 ? 6.393   -21.624 5.016   1.00 47.86 ? 44  PRO B O   1 
ATOM   1099 C CB  . PRO B 1 44 ? 6.674   -22.305 7.915   1.00 47.63 ? 44  PRO B CB  1 
ATOM   1100 C CG  . PRO B 1 44 ? 6.508   -23.736 7.504   1.00 47.25 ? 44  PRO B CG  1 
ATOM   1101 C CD  . PRO B 1 44 ? 5.039   -23.952 7.685   1.00 47.24 ? 44  PRO B CD  1 
ATOM   1102 N N   . LYS B 1 45 ? 5.619   -19.663 5.818   1.00 48.06 ? 45  LYS B N   1 
ATOM   1103 C CA  . LYS B 1 45 ? 5.921   -18.857 4.637   1.00 48.02 ? 45  LYS B CA  1 
ATOM   1104 C C   . LYS B 1 45 ? 6.567   -17.547 5.096   1.00 48.34 ? 45  LYS B C   1 
ATOM   1105 O O   . LYS B 1 45 ? 5.938   -16.753 5.799   1.00 48.26 ? 45  LYS B O   1 
ATOM   1106 C CB  . LYS B 1 45 ? 4.630   -18.544 3.880   1.00 47.62 ? 45  LYS B CB  1 
ATOM   1107 C CG  . LYS B 1 45 ? 4.786   -17.612 2.674   1.00 46.17 ? 45  LYS B CG  1 
ATOM   1108 C CD  . LYS B 1 45 ? 3.433   -17.341 2.009   1.00 45.36 ? 45  LYS B CD  1 
ATOM   1109 C CE  . LYS B 1 45 ? 3.559   -16.517 0.739   1.00 45.54 ? 45  LYS B CE  1 
ATOM   1110 N NZ  . LYS B 1 45 ? 4.013   -15.123 0.998   1.00 43.25 ? 45  LYS B NZ  1 
ATOM   1111 N N   . LEU B 1 46 ? 7.812   -17.313 4.693   1.00 48.44 ? 46  LEU B N   1 
ATOM   1112 C CA  . LEU B 1 46 ? 8.529   -16.101 5.081   1.00 48.44 ? 46  LEU B CA  1 
ATOM   1113 C C   . LEU B 1 46 ? 8.103   -14.909 4.226   1.00 48.78 ? 46  LEU B C   1 
ATOM   1114 O O   . LEU B 1 46 ? 8.031   -15.018 3.003   1.00 48.29 ? 46  LEU B O   1 
ATOM   1115 C CB  . LEU B 1 46 ? 10.035  -16.334 4.935   1.00 48.01 ? 46  LEU B CB  1 
ATOM   1116 C CG  . LEU B 1 46 ? 10.528  -17.688 5.464   1.00 46.63 ? 46  LEU B CG  1 
ATOM   1117 C CD1 . LEU B 1 46 ? 12.028  -17.770 5.300   1.00 42.41 ? 46  LEU B CD1 1 
ATOM   1118 C CD2 . LEU B 1 46 ? 10.126  -17.869 6.925   1.00 47.30 ? 46  LEU B CD2 1 
ATOM   1119 N N   . ILE B 1 47 ? 7.806   -13.779 4.867   1.00 49.39 ? 47  ILE B N   1 
ATOM   1120 C CA  . ILE B 1 47 ? 7.405   -12.581 4.135   1.00 49.87 ? 47  ILE B CA  1 
ATOM   1121 C C   . ILE B 1 47 ? 8.397   -11.476 4.419   1.00 50.71 ? 47  ILE B C   1 
ATOM   1122 O O   . ILE B 1 47 ? 9.408   -11.707 5.080   1.00 50.85 ? 47  ILE B O   1 
ATOM   1123 C CB  . ILE B 1 47 ? 5.972   -12.096 4.510   1.00 49.89 ? 47  ILE B CB  1 
ATOM   1124 C CG1 . ILE B 1 47 ? 5.894   -11.698 5.984   1.00 49.68 ? 47  ILE B CG1 1 
ATOM   1125 C CG2 . ILE B 1 47 ? 4.962   -13.178 4.185   1.00 49.25 ? 47  ILE B CG2 1 
ATOM   1126 C CD1 . ILE B 1 47 ? 4.459   -11.432 6.475   1.00 40.29 ? 47  ILE B CD1 1 
ATOM   1127 N N   . GLY B 1 48 ? 8.124   -10.276 3.920   1.00 51.55 ? 48  GLY B N   1 
ATOM   1128 C CA  . GLY B 1 48 ? 9.050   -9.180  4.151   1.00 52.14 ? 48  GLY B CA  1 
ATOM   1129 C C   . GLY B 1 48 ? 10.415  -9.613  3.661   1.00 52.84 ? 48  GLY B C   1 
ATOM   1130 O O   . GLY B 1 48 ? 10.497  -10.346 2.676   1.00 53.15 ? 48  GLY B O   1 
ATOM   1131 N N   . GLY B 1 49 ? 11.483  -9.180  4.333   1.00 53.39 ? 49  GLY B N   1 
ATOM   1132 C CA  . GLY B 1 49 ? 12.813  -9.585  3.906   1.00 53.39 ? 49  GLY B CA  1 
ATOM   1133 C C   . GLY B 1 49 ? 13.924  -8.555  4.012   1.00 53.38 ? 49  GLY B C   1 
ATOM   1134 O O   . GLY B 1 49 ? 15.065  -8.829  3.619   1.00 53.58 ? 49  GLY B O   1 
ATOM   1135 N N   . ILE B 1 50 ? 13.609  -7.368  4.524   1.00 53.27 ? 50  ILE B N   1 
ATOM   1136 C CA  . ILE B 1 50 ? 14.628  -6.335  4.673   1.00 52.80 ? 50  ILE B CA  1 
ATOM   1137 C C   . ILE B 1 50 ? 15.102  -6.366  6.128   1.00 52.77 ? 50  ILE B C   1 
ATOM   1138 O O   . ILE B 1 50 ? 14.293  -6.366  7.066   1.00 52.45 ? 50  ILE B O   1 
ATOM   1139 C CB  . ILE B 1 50 ? 14.080  -4.926  4.299   1.00 52.98 ? 50  ILE B CB  1 
ATOM   1140 C CG1 . ILE B 1 50 ? 13.542  -4.936  2.865   1.00 52.23 ? 50  ILE B CG1 1 
ATOM   1141 C CG2 . ILE B 1 50 ? 15.179  -3.886  4.411   1.00 53.29 ? 50  ILE B CG2 1 
ATOM   1142 C CD1 . ILE B 1 50 ? 14.539  -5.394  1.833   1.00 40.29 ? 50  ILE B CD1 1 
ATOM   1143 N N   . GLY B 1 51 ? 16.421  -6.400  6.310   1.00 52.02 ? 51  GLY B N   1 
ATOM   1144 C CA  . GLY B 1 51 ? 16.975  -6.478  7.649   1.00 50.83 ? 51  GLY B CA  1 
ATOM   1145 C C   . GLY B 1 51 ? 16.772  -7.909  8.119   1.00 49.83 ? 51  GLY B C   1 
ATOM   1146 O O   . GLY B 1 51 ? 16.956  -8.230  9.292   1.00 49.38 ? 51  GLY B O   1 
ATOM   1147 N N   . GLY B 1 52 ? 16.386  -8.773  7.178   1.00 49.03 ? 52  GLY B N   1 
ATOM   1148 C CA  . GLY B 1 52 ? 16.134  -10.169 7.484   1.00 47.93 ? 52  GLY B CA  1 
ATOM   1149 C C   . GLY B 1 52 ? 14.704  -10.519 7.120   1.00 47.10 ? 52  GLY B C   1 
ATOM   1150 O O   . GLY B 1 52 ? 13.919  -9.649  6.741   1.00 47.47 ? 52  GLY B O   1 
ATOM   1151 N N   . PHE B 1 53 ? 14.354  -11.791 7.229   1.00 45.91 ? 53  PHE B N   1 
ATOM   1152 C CA  . PHE B 1 53 ? 12.998  -12.221 6.907   1.00 44.84 ? 53  PHE B CA  1 
ATOM   1153 C C   . PHE B 1 53 ? 12.121  -12.207 8.158   1.00 44.12 ? 53  PHE B C   1 
ATOM   1154 O O   . PHE B 1 53 ? 12.525  -11.719 9.213   1.00 44.15 ? 53  PHE B O   1 
ATOM   1155 C CB  . PHE B 1 53 ? 13.021  -13.630 6.283   1.00 44.78 ? 53  PHE B CB  1 
ATOM   1156 C CG  . PHE B 1 53 ? 13.273  -13.634 4.795   1.00 45.02 ? 53  PHE B CG  1 
ATOM   1157 C CD1 . PHE B 1 53 ? 12.266  -14.009 3.908   1.00 44.38 ? 53  PHE B CD1 1 
ATOM   1158 C CD2 . PHE B 1 53 ? 14.498  -13.212 4.277   1.00 43.30 ? 53  PHE B CD2 1 
ATOM   1159 C CE1 . PHE B 1 53 ? 12.467  -13.954 2.528   1.00 43.82 ? 53  PHE B CE1 1 
ATOM   1160 C CE2 . PHE B 1 53 ? 14.711  -13.153 2.898   1.00 41.49 ? 53  PHE B CE2 1 
ATOM   1161 C CZ  . PHE B 1 53 ? 13.688  -13.526 2.020   1.00 43.45 ? 53  PHE B CZ  1 
ATOM   1162 N N   . VAL B 1 54 ? 10.907  -12.720 8.026   1.00 43.18 ? 54  VAL B N   1 
ATOM   1163 C CA  . VAL B 1 54 ? 9.985   -12.795 9.145   1.00 42.78 ? 54  VAL B CA  1 
ATOM   1164 C C   . VAL B 1 54 ? 9.028   -13.921 8.826   1.00 42.11 ? 54  VAL B C   1 
ATOM   1165 O O   . VAL B 1 54 ? 8.461   -13.967 7.732   1.00 41.89 ? 54  VAL B O   1 
ATOM   1166 C CB  . VAL B 1 54 ? 9.203   -11.478 9.354   1.00 43.08 ? 54  VAL B CB  1 
ATOM   1167 C CG1 . VAL B 1 54 ? 8.393   -11.140 8.113   1.00 43.64 ? 54  VAL B CG1 1 
ATOM   1168 C CG2 . VAL B 1 54 ? 8.290   -11.608 10.569  1.00 43.09 ? 54  VAL B CG2 1 
ATOM   1169 N N   . LYS B 1 55 ? 8.864   -14.836 9.779   1.00 40.84 ? 55  LYS B N   1 
ATOM   1170 C CA  . LYS B 1 55 ? 7.998   -15.992 9.596   1.00 39.93 ? 55  LYS B CA  1 
ATOM   1171 C C   . LYS B 1 55 ? 6.582   -15.790 10.147  1.00 39.60 ? 55  LYS B C   1 
ATOM   1172 O O   . LYS B 1 55 ? 6.402   -15.420 11.307  1.00 39.61 ? 55  LYS B O   1 
ATOM   1173 C CB  . LYS B 1 55 ? 8.642   -17.218 10.253  1.00 39.99 ? 55  LYS B CB  1 
ATOM   1174 C CG  . LYS B 1 55 ? 7.887   -18.515 10.040  1.00 40.55 ? 55  LYS B CG  1 
ATOM   1175 C CD  . LYS B 1 55 ? 8.202   -19.563 11.124  1.00 44.11 ? 55  LYS B CD  1 
ATOM   1176 C CE  . LYS B 1 55 ? 9.563   -20.241 10.947  1.00 44.69 ? 55  LYS B CE  1 
ATOM   1177 N NZ  . LYS B 1 55 ? 10.688  -19.271 10.943  1.00 44.20 ? 55  LYS B NZ  1 
ATOM   1178 N N   . VAL B 1 56 ? 5.590   -16.026 9.290   1.00 38.91 ? 56  VAL B N   1 
ATOM   1179 C CA  . VAL B 1 56 ? 4.176   -15.922 9.645   1.00 38.39 ? 56  VAL B CA  1 
ATOM   1180 C C   . VAL B 1 56 ? 3.501   -17.229 9.190   1.00 38.48 ? 56  VAL B C   1 
ATOM   1181 O O   . VAL B 1 56 ? 4.028   -17.919 8.307   1.00 38.23 ? 56  VAL B O   1 
ATOM   1182 C CB  . VAL B 1 56 ? 3.503   -14.738 8.926   1.00 38.23 ? 56  VAL B CB  1 
ATOM   1183 C CG1 . VAL B 1 56 ? 4.248   -13.462 9.225   1.00 36.54 ? 56  VAL B CG1 1 
ATOM   1184 C CG2 . VAL B 1 56 ? 3.458   -14.995 7.428   1.00 37.87 ? 56  VAL B CG2 1 
ATOM   1185 N N   . ARG B 1 57 ? 2.348   -17.568 9.782   1.00 38.36 ? 57  ARG B N   1 
ATOM   1186 C CA  . ARG B 1 57 ? 1.625   -18.796 9.426   1.00 37.82 ? 57  ARG B CA  1 
ATOM   1187 C C   . ARG B 1 57 ? 0.602   -18.619 8.300   1.00 37.76 ? 57  ARG B C   1 
ATOM   1188 O O   . ARG B 1 57 ? -0.314  -17.793 8.382   1.00 38.30 ? 57  ARG B O   1 
ATOM   1189 C CB  . ARG B 1 57 ? 0.928   -19.371 10.651  1.00 38.05 ? 57  ARG B CB  1 
ATOM   1190 C CG  . ARG B 1 57 ? 1.847   -19.510 11.837  1.00 36.79 ? 57  ARG B CG  1 
ATOM   1191 C CD  . ARG B 1 57 ? 1.435   -20.671 12.707  1.00 33.81 ? 57  ARG B CD  1 
ATOM   1192 N NE  . ARG B 1 57 ? 0.115   -20.497 13.293  1.00 38.09 ? 57  ARG B NE  1 
ATOM   1193 C CZ  . ARG B 1 57 ? -0.220  -19.502 14.109  1.00 35.84 ? 57  ARG B CZ  1 
ATOM   1194 N NH1 . ARG B 1 57 ? -1.452  -19.436 14.598  1.00 40.29 ? 57  ARG B NH1 1 
ATOM   1195 N NH2 . ARG B 1 57 ? 0.668   -18.565 14.424  1.00 40.29 ? 57  ARG B NH2 1 
ATOM   1196 N N   . GLN B 1 58 ? 0.759   -19.417 7.251   1.00 37.70 ? 58  GLN B N   1 
ATOM   1197 C CA  . GLN B 1 58 ? -0.125  -19.349 6.100   1.00 38.04 ? 58  GLN B CA  1 
ATOM   1198 C C   . GLN B 1 58 ? -1.281  -20.342 6.127   1.00 38.50 ? 58  GLN B C   1 
ATOM   1199 O O   . GLN B 1 58 ? -1.098  -21.546 5.917   1.00 38.11 ? 58  GLN B O   1 
ATOM   1200 C CB  . GLN B 1 58 ? 0.675   -19.540 4.808   1.00 37.94 ? 58  GLN B CB  1 
ATOM   1201 C CG  . GLN B 1 58 ? -0.198  -19.782 3.588   1.00 38.32 ? 58  GLN B CG  1 
ATOM   1202 C CD  . GLN B 1 58 ? 0.603   -19.991 2.312   1.00 40.83 ? 58  GLN B CD  1 
ATOM   1203 O OE1 . GLN B 1 58 ? 1.411   -20.919 2.210   1.00 43.95 ? 58  GLN B OE1 1 
ATOM   1204 N NE2 . GLN B 1 58 ? 0.376   -19.131 1.328   1.00 40.29 ? 58  GLN B NE2 1 
ATOM   1205 N N   . TYR B 1 59 ? -2.474  -19.826 6.400   1.00 39.17 ? 59  TYR B N   1 
ATOM   1206 C CA  . TYR B 1 59 ? -3.680  -20.640 6.409   1.00 39.64 ? 59  TYR B CA  1 
ATOM   1207 C C   . TYR B 1 59 ? -4.362  -20.313 5.090   1.00 40.96 ? 59  TYR B C   1 
ATOM   1208 O O   . TYR B 1 59 ? -4.714  -19.158 4.848   1.00 41.99 ? 59  TYR B O   1 
ATOM   1209 C CB  . TYR B 1 59 ? -4.610  -20.236 7.551   1.00 39.09 ? 59  TYR B CB  1 
ATOM   1210 C CG  . TYR B 1 59 ? -4.083  -20.464 8.952   1.00 38.65 ? 59  TYR B CG  1 
ATOM   1211 C CD1 . TYR B 1 59 ? -3.075  -19.657 9.487   1.00 37.53 ? 59  TYR B CD1 1 
ATOM   1212 C CD2 . TYR B 1 59 ? -4.655  -21.443 9.775   1.00 37.03 ? 59  TYR B CD2 1 
ATOM   1213 C CE1 . TYR B 1 59 ? -2.661  -19.810 10.816  1.00 38.59 ? 59  TYR B CE1 1 
ATOM   1214 C CE2 . TYR B 1 59 ? -4.251  -21.607 11.092  1.00 35.65 ? 59  TYR B CE2 1 
ATOM   1215 C CZ  . TYR B 1 59 ? -3.260  -20.786 11.611  1.00 35.93 ? 59  TYR B CZ  1 
ATOM   1216 O OH  . TYR B 1 59 ? -2.902  -20.922 12.933  1.00 40.29 ? 59  TYR B OH  1 
ATOM   1217 N N   . ASP B 1 60 ? -4.546  -21.303 4.227   1.00 42.20 ? 60  ASP B N   1 
ATOM   1218 C CA  . ASP B 1 60 ? -5.194  -21.034 2.946   1.00 42.93 ? 60  ASP B CA  1 
ATOM   1219 C C   . ASP B 1 60 ? -6.701  -20.901 3.068   1.00 42.86 ? 60  ASP B C   1 
ATOM   1220 O O   . ASP B 1 60 ? -7.287  -21.180 4.116   1.00 42.96 ? 60  ASP B O   1 
ATOM   1221 C CB  . ASP B 1 60 ? -4.870  -22.135 1.934   1.00 42.77 ? 60  ASP B CB  1 
ATOM   1222 C CG  . ASP B 1 60 ? -3.446  -22.048 1.421   1.00 45.21 ? 60  ASP B CG  1 
ATOM   1223 O OD1 . ASP B 1 60 ? -3.083  -20.980 0.877   1.00 46.13 ? 60  ASP B OD1 1 
ATOM   1224 O OD2 . ASP B 1 60 ? -2.693  -23.037 1.560   1.00 47.36 ? 60  ASP B OD2 1 
ATOM   1225 N N   . GLN B 1 61 ? -7.316  -20.458 1.982   1.00 43.22 ? 61  GLN B N   1 
ATOM   1226 C CA  . GLN B 1 61 ? -8.760  -20.298 1.920   1.00 43.36 ? 61  GLN B CA  1 
ATOM   1227 C C   . GLN B 1 61 ? -9.414  -20.021 3.267   1.00 43.27 ? 61  GLN B C   1 
ATOM   1228 O O   . GLN B 1 61 ? -10.204 -20.829 3.755   1.00 43.02 ? 61  GLN B O   1 
ATOM   1229 C CB  . GLN B 1 61 ? -9.368  -21.549 1.302   1.00 43.75 ? 61  GLN B CB  1 
ATOM   1230 C CG  . GLN B 1 61 ? -8.892  -21.796 -0.113  1.00 44.04 ? 61  GLN B CG  1 
ATOM   1231 C CD  . GLN B 1 61 ? -8.961  -23.252 -0.491  1.00 45.95 ? 61  GLN B CD  1 
ATOM   1232 O OE1 . GLN B 1 61 ? -8.253  -24.094 0.078   1.00 49.07 ? 61  GLN B OE1 1 
ATOM   1233 N NE2 . GLN B 1 61 ? -9.821  -23.568 -1.451  1.00 40.29 ? 61  GLN B NE2 1 
ATOM   1234 N N   . VAL B 1 62 ? -9.084  -18.876 3.862   1.00 43.11 ? 62  VAL B N   1 
ATOM   1235 C CA  . VAL B 1 62 ? -9.647  -18.469 5.149   1.00 43.07 ? 62  VAL B CA  1 
ATOM   1236 C C   . VAL B 1 62 ? -10.832 -17.510 4.933   1.00 42.97 ? 62  VAL B C   1 
ATOM   1237 O O   . VAL B 1 62 ? -10.727 -16.532 4.182   1.00 43.69 ? 62  VAL B O   1 
ATOM   1238 C CB  . VAL B 1 62 ? -8.571  -17.760 6.018   1.00 43.07 ? 62  VAL B CB  1 
ATOM   1239 C CG1 . VAL B 1 62 ? -9.192  -17.239 7.313   1.00 43.09 ? 62  VAL B CG1 1 
ATOM   1240 C CG2 . VAL B 1 62 ? -7.429  -18.718 6.313   1.00 43.29 ? 62  VAL B CG2 1 
ATOM   1241 N N   . PRO B 1 63 ? -11.978 -17.787 5.582   1.00 42.47 ? 63  PRO B N   1 
ATOM   1242 C CA  . PRO B 1 63 ? -13.177 -16.949 5.460   1.00 42.08 ? 63  PRO B CA  1 
ATOM   1243 C C   . PRO B 1 63 ? -12.928 -15.614 6.129   1.00 42.09 ? 63  PRO B C   1 
ATOM   1244 O O   . PRO B 1 63 ? -12.279 -15.564 7.165   1.00 42.17 ? 63  PRO B O   1 
ATOM   1245 C CB  . PRO B 1 63 ? -14.239 -17.751 6.206   1.00 42.01 ? 63  PRO B CB  1 
ATOM   1246 C CG  . PRO B 1 63 ? -13.749 -19.159 6.105   1.00 42.08 ? 63  PRO B CG  1 
ATOM   1247 C CD  . PRO B 1 63 ? -12.278 -18.998 6.358   1.00 42.36 ? 63  PRO B CD  1 
ATOM   1248 N N   . ILE B 1 64 ? -13.431 -14.530 5.546   1.00 41.71 ? 64  ILE B N   1 
ATOM   1249 C CA  . ILE B 1 64 ? -13.232 -13.210 6.146   1.00 40.96 ? 64  ILE B CA  1 
ATOM   1250 C C   . ILE B 1 64 ? -14.347 -12.266 5.752   1.00 41.42 ? 64  ILE B C   1 
ATOM   1251 O O   . ILE B 1 64 ? -14.895 -12.370 4.664   1.00 41.85 ? 64  ILE B O   1 
ATOM   1252 C CB  . ILE B 1 64 ? -11.923 -12.541 5.676   1.00 41.02 ? 64  ILE B CB  1 
ATOM   1253 C CG1 . ILE B 1 64 ? -10.831 -13.582 5.465   1.00 41.17 ? 64  ILE B CG1 1 
ATOM   1254 C CG2 . ILE B 1 64 ? -11.457 -11.543 6.719   1.00 39.67 ? 64  ILE B CG2 1 
ATOM   1255 C CD1 . ILE B 1 64 ? -9.874  -13.198 4.393   1.00 40.29 ? 64  ILE B CD1 1 
ATOM   1256 N N   . GLU B 1 65 ? -14.683 -11.342 6.639   1.00 41.62 ? 65  GLU B N   1 
ATOM   1257 C CA  . GLU B 1 65 ? -15.709 -10.368 6.322   1.00 42.25 ? 65  GLU B CA  1 
ATOM   1258 C C   . GLU B 1 65 ? -15.049 -8.997  6.180   1.00 42.76 ? 65  GLU B C   1 
ATOM   1259 O O   . GLU B 1 65 ? -14.251 -8.581  7.029   1.00 42.75 ? 65  GLU B O   1 
ATOM   1260 C CB  . GLU B 1 65 ? -16.783 -10.324 7.408   1.00 42.47 ? 65  GLU B CB  1 
ATOM   1261 C CG  . GLU B 1 65 ? -18.166 -10.671 6.884   1.00 42.92 ? 65  GLU B CG  1 
ATOM   1262 C CD  . GLU B 1 65 ? -19.194 -9.593  7.161   1.00 44.10 ? 65  GLU B CD  1 
ATOM   1263 O OE1 . GLU B 1 65 ? -19.584 -9.416  8.341   1.00 46.69 ? 65  GLU B OE1 1 
ATOM   1264 O OE2 . GLU B 1 65 ? -19.608 -8.923  6.189   1.00 40.29 ? 65  GLU B OE2 1 
ATOM   1265 N N   . ILE B 1 66 ? -15.379 -8.310  5.093   1.00 42.76 ? 66  ILE B N   1 
ATOM   1266 C CA  . ILE B 1 66 ? -14.815 -7.003  4.824   1.00 43.43 ? 66  ILE B CA  1 
ATOM   1267 C C   . ILE B 1 66 ? -15.963 -6.117  4.384   1.00 44.00 ? 66  ILE B C   1 
ATOM   1268 O O   . ILE B 1 66 ? -16.540 -6.338  3.324   1.00 44.21 ? 66  ILE B O   1 
ATOM   1269 C CB  . ILE B 1 66 ? -13.791 -7.078  3.686   1.00 43.42 ? 66  ILE B CB  1 
ATOM   1270 C CG1 . ILE B 1 66 ? -12.916 -8.315  3.874   1.00 43.62 ? 66  ILE B CG1 1 
ATOM   1271 C CG2 . ILE B 1 66 ? -12.927 -5.829  3.676   1.00 42.66 ? 66  ILE B CG2 1 
ATOM   1272 C CD1 . ILE B 1 66 ? -12.249 -8.784  2.611   1.00 40.29 ? 66  ILE B CD1 1 
ATOM   1273 N N   . CYS B 1 67 ? -16.304 -5.129  5.203   1.00 44.44 ? 67  CYS B N   1 
ATOM   1274 C CA  . CYS B 1 67 ? -17.387 -4.223  4.872   1.00 45.36 ? 67  CYS B CA  1 
ATOM   1275 C C   . CYS B 1 67 ? -18.542 -4.960  4.190   1.00 45.15 ? 67  CYS B C   1 
ATOM   1276 O O   . CYS B 1 67 ? -18.802 -4.765  2.997   1.00 45.38 ? 67  CYS B O   1 
ATOM   1277 C CB  . CYS B 1 67 ? -16.878 -3.106  3.960   1.00 45.43 ? 67  CYS B CB  1 
ATOM   1278 S SG  . CYS B 1 67 ? -15.713 -1.961  4.719   1.00 48.52 ? 67  CYS B SG  1 
ATOM   1279 N N   . GLY B 1 68 ? -19.212 -5.825  4.950   1.00 44.93 ? 68  GLY B N   1 
ATOM   1280 C CA  . GLY B 1 68 ? -20.355 -6.563  4.435   1.00 44.73 ? 68  GLY B CA  1 
ATOM   1281 C C   . GLY B 1 68 ? -20.134 -7.414  3.197   1.00 44.32 ? 68  GLY B C   1 
ATOM   1282 O O   . GLY B 1 68 ? -21.094 -7.817  2.544   1.00 44.87 ? 68  GLY B O   1 
ATOM   1283 N N   . HIS B 1 69 ? -18.879 -7.679  2.858   1.00 43.26 ? 69  HIS B N   1 
ATOM   1284 C CA  . HIS B 1 69 ? -18.562 -8.520  1.709   1.00 42.26 ? 69  HIS B CA  1 
ATOM   1285 C C   . HIS B 1 69 ? -17.929 -9.789  2.257   1.00 42.11 ? 69  HIS B C   1 
ATOM   1286 O O   . HIS B 1 69 ? -16.832 -9.744  2.819   1.00 41.28 ? 69  HIS B O   1 
ATOM   1287 C CB  . HIS B 1 69 ? -17.567 -7.833  0.781   1.00 42.36 ? 69  HIS B CB  1 
ATOM   1288 C CG  . HIS B 1 69 ? -18.172 -6.783  -0.096  1.00 40.93 ? 69  HIS B CG  1 
ATOM   1289 N ND1 . HIS B 1 69 ? -18.933 -5.745  0.399   1.00 40.90 ? 69  HIS B ND1 1 
ATOM   1290 C CD2 . HIS B 1 69 ? -18.080 -6.578  -1.432  1.00 41.31 ? 69  HIS B CD2 1 
ATOM   1291 C CE1 . HIS B 1 69 ? -19.277 -4.944  -0.594  1.00 40.85 ? 69  HIS B CE1 1 
ATOM   1292 N NE2 . HIS B 1 69 ? -18.772 -5.427  -1.715  1.00 41.51 ? 69  HIS B NE2 1 
ATOM   1293 N N   . LYS B 1 70 ? -18.613 -10.917 2.106   1.00 42.16 ? 70  LYS B N   1 
ATOM   1294 C CA  . LYS B 1 70 ? -18.074 -12.166 2.612   1.00 42.61 ? 70  LYS B CA  1 
ATOM   1295 C C   . LYS B 1 70 ? -17.240 -12.847 1.544   1.00 41.94 ? 70  LYS B C   1 
ATOM   1296 O O   . LYS B 1 70 ? -17.685 -12.996 0.408   1.00 41.75 ? 70  LYS B O   1 
ATOM   1297 C CB  . LYS B 1 70 ? -19.211 -13.090 3.051   1.00 42.68 ? 70  LYS B CB  1 
ATOM   1298 C CG  . LYS B 1 70 ? -20.129 -12.503 4.122   1.00 45.04 ? 70  LYS B CG  1 
ATOM   1299 C CD  . LYS B 1 70 ? -21.280 -13.455 4.404   1.00 50.54 ? 70  LYS B CD  1 
ATOM   1300 C CE  . LYS B 1 70 ? -22.071 -13.726 3.123   1.00 53.56 ? 70  LYS B CE  1 
ATOM   1301 N NZ  . LYS B 1 70 ? -23.030 -14.856 3.253   1.00 53.62 ? 70  LYS B NZ  1 
ATOM   1302 N N   . VAL B 1 71 ? -16.034 -13.265 1.909   1.00 41.55 ? 71  VAL B N   1 
ATOM   1303 C CA  . VAL B 1 71 ? -15.156 -13.937 0.958   1.00 41.12 ? 71  VAL B CA  1 
ATOM   1304 C C   . VAL B 1 71 ? -14.245 -14.957 1.640   1.00 40.77 ? 71  VAL B C   1 
ATOM   1305 O O   . VAL B 1 71 ? -14.260 -15.101 2.861   1.00 40.98 ? 71  VAL B O   1 
ATOM   1306 C CB  . VAL B 1 71 ? -14.297 -12.901 0.160   1.00 41.30 ? 71  VAL B CB  1 
ATOM   1307 C CG1 . VAL B 1 71 ? -13.345 -12.164 1.091   1.00 42.41 ? 71  VAL B CG1 1 
ATOM   1308 C CG2 . VAL B 1 71 ? -13.536 -13.601 -0.962  1.00 41.95 ? 71  VAL B CG2 1 
ATOM   1309 N N   . ILE B 1 72 ? -13.482 -15.688 0.833   1.00 40.80 ? 72  ILE B N   1 
ATOM   1310 C CA  . ILE B 1 72 ? -12.534 -16.679 1.336   1.00 40.44 ? 72  ILE B CA  1 
ATOM   1311 C C   . ILE B 1 72 ? -11.167 -16.368 0.738   1.00 40.87 ? 72  ILE B C   1 
ATOM   1312 O O   . ILE B 1 72 ? -11.068 -15.997 -0.434  1.00 41.00 ? 72  ILE B O   1 
ATOM   1313 C CB  . ILE B 1 72 ? -12.898 -18.121 0.914   1.00 39.87 ? 72  ILE B CB  1 
ATOM   1314 C CG1 . ILE B 1 72 ? -14.241 -18.536 1.505   1.00 39.40 ? 72  ILE B CG1 1 
ATOM   1315 C CG2 . ILE B 1 72 ? -11.834 -19.071 1.392   1.00 40.65 ? 72  ILE B CG2 1 
ATOM   1316 C CD1 . ILE B 1 72 ? -15.410 -17.762 0.973   1.00 40.29 ? 72  ILE B CD1 1 
ATOM   1317 N N   . GLY B 1 73 ? -10.113 -16.515 1.532   1.00 40.84 ? 73  GLY B N   1 
ATOM   1318 C CA  . GLY B 1 73 ? -8.796  -16.234 0.996   1.00 40.44 ? 73  GLY B CA  1 
ATOM   1319 C C   . GLY B 1 73 ? -7.639  -16.465 1.941   1.00 40.39 ? 73  GLY B C   1 
ATOM   1320 O O   . GLY B 1 73 ? -7.814  -16.458 3.161   1.00 40.83 ? 73  GLY B O   1 
ATOM   1321 N N   . THR B 1 74 ? -6.455  -16.669 1.367   1.00 39.39 ? 74  THR B N   1 
ATOM   1322 C CA  . THR B 1 74 ? -5.258  -16.896 2.156   1.00 38.58 ? 74  THR B CA  1 
ATOM   1323 C C   . THR B 1 74 ? -4.965  -15.681 3.021   1.00 38.38 ? 74  THR B C   1 
ATOM   1324 O O   . THR B 1 74 ? -4.987  -14.545 2.541   1.00 38.52 ? 74  THR B O   1 
ATOM   1325 C CB  . THR B 1 74 ? -4.020  -17.150 1.274   1.00 38.29 ? 74  THR B CB  1 
ATOM   1326 O OG1 . THR B 1 74 ? -4.241  -18.288 0.433   1.00 40.16 ? 74  THR B OG1 1 
ATOM   1327 C CG2 . THR B 1 74 ? -2.803  -17.407 2.145   1.00 37.49 ? 74  THR B CG2 1 
ATOM   1328 N N   . VAL B 1 75 ? -4.711  -15.933 4.301   1.00 38.17 ? 75  VAL B N   1 
ATOM   1329 C CA  . VAL B 1 75 ? -4.388  -14.874 5.237   1.00 38.11 ? 75  VAL B CA  1 
ATOM   1330 C C   . VAL B 1 75 ? -3.265  -15.381 6.120   1.00 39.13 ? 75  VAL B C   1 
ATOM   1331 O O   . VAL B 1 75 ? -3.418  -16.381 6.826   1.00 39.39 ? 75  VAL B O   1 
ATOM   1332 C CB  . VAL B 1 75 ? -5.599  -14.490 6.122   1.00 38.20 ? 75  VAL B CB  1 
ATOM   1333 C CG1 . VAL B 1 75 ? -5.215  -13.359 7.070   1.00 37.18 ? 75  VAL B CG1 1 
ATOM   1334 C CG2 . VAL B 1 75 ? -6.754  -14.058 5.251   1.00 37.79 ? 75  VAL B CG2 1 
ATOM   1335 N N   . LEU B 1 76 ? -2.132  -14.689 6.053   1.00 38.80 ? 76  LEU B N   1 
ATOM   1336 C CA  . LEU B 1 76 ? -0.956  -15.032 6.837   1.00 38.50 ? 76  LEU B CA  1 
ATOM   1337 C C   . LEU B 1 76 ? -1.175  -14.442 8.224   1.00 38.89 ? 76  LEU B C   1 
ATOM   1338 O O   . LEU B 1 76 ? -1.651  -13.309 8.347   1.00 38.37 ? 76  LEU B O   1 
ATOM   1339 C CB  . LEU B 1 76 ? 0.294   -14.413 6.193   1.00 38.21 ? 76  LEU B CB  1 
ATOM   1340 C CG  . LEU B 1 76 ? 0.400   -14.485 4.657   1.00 36.04 ? 76  LEU B CG  1 
ATOM   1341 C CD1 . LEU B 1 76 ? 1.713   -13.879 4.196   1.00 33.76 ? 76  LEU B CD1 1 
ATOM   1342 C CD2 . LEU B 1 76 ? 0.292   -15.940 4.186   1.00 32.29 ? 76  LEU B CD2 1 
ATOM   1343 N N   . VAL B 1 77 ? -0.842  -15.205 9.262   1.00 39.20 ? 77  VAL B N   1 
ATOM   1344 C CA  . VAL B 1 77 ? -1.010  -14.732 10.635  1.00 39.38 ? 77  VAL B CA  1 
ATOM   1345 C C   . VAL B 1 77 ? 0.323   -14.633 11.373  1.00 40.45 ? 77  VAL B C   1 
ATOM   1346 O O   . VAL B 1 77 ? 1.137   -15.566 11.358  1.00 40.93 ? 77  VAL B O   1 
ATOM   1347 C CB  . VAL B 1 77 ? -1.961  -15.648 11.424  1.00 38.97 ? 77  VAL B CB  1 
ATOM   1348 C CG1 . VAL B 1 77 ? -2.037  -15.196 12.874  1.00 38.31 ? 77  VAL B CG1 1 
ATOM   1349 C CG2 . VAL B 1 77 ? -3.339  -15.611 10.798  1.00 38.98 ? 77  VAL B CG2 1 
ATOM   1350 N N   . GLY B 1 78 ? 0.535   -13.487 12.020  1.00 41.68 ? 78  GLY B N   1 
ATOM   1351 C CA  . GLY B 1 78 ? 1.766   -13.258 12.752  1.00 42.96 ? 78  GLY B CA  1 
ATOM   1352 C C   . GLY B 1 78 ? 2.044   -11.803 13.097  1.00 44.22 ? 78  GLY B C   1 
ATOM   1353 O O   . GLY B 1 78 ? 1.193   -10.929 12.931  1.00 44.55 ? 78  GLY B O   1 
ATOM   1354 N N   . PRO B 1 79 ? 3.255   -11.515 13.593  1.00 45.19 ? 79  PRO B N   1 
ATOM   1355 C CA  . PRO B 1 79 ? 3.643   -10.154 13.968  1.00 45.47 ? 79  PRO B CA  1 
ATOM   1356 C C   . PRO B 1 79 ? 3.702   -9.192  12.796  1.00 45.64 ? 79  PRO B C   1 
ATOM   1357 O O   . PRO B 1 79 ? 4.639   -9.222  12.000  1.00 45.57 ? 79  PRO B O   1 
ATOM   1358 C CB  . PRO B 1 79 ? 5.009   -10.353 14.628  1.00 45.67 ? 79  PRO B CB  1 
ATOM   1359 C CG  . PRO B 1 79 ? 5.563   -11.522 13.877  1.00 45.83 ? 79  PRO B CG  1 
ATOM   1360 C CD  . PRO B 1 79 ? 4.368   -12.452 13.818  1.00 45.44 ? 79  PRO B CD  1 
ATOM   1361 N N   . THR B 1 80 ? 2.697   -8.334  12.701  1.00 45.93 ? 80  THR B N   1 
ATOM   1362 C CA  . THR B 1 80 ? 2.647   -7.365  11.623  1.00 45.74 ? 80  THR B CA  1 
ATOM   1363 C C   . THR B 1 80 ? 2.261   -5.984  12.160  1.00 46.34 ? 80  THR B C   1 
ATOM   1364 O O   . THR B 1 80 ? 1.198   -5.823  12.758  1.00 46.16 ? 80  THR B O   1 
ATOM   1365 C CB  . THR B 1 80 ? 1.645   -7.827  10.523  1.00 45.57 ? 80  THR B CB  1 
ATOM   1366 O OG1 . THR B 1 80 ? 1.568   -6.836  9.496   1.00 44.52 ? 80  THR B OG1 1 
ATOM   1367 C CG2 . THR B 1 80 ? 0.263   -8.069  11.107  1.00 45.06 ? 80  THR B CG2 1 
ATOM   1368 N N   . PRO B 1 81 ? 3.136   -4.972  11.966  1.00 46.59 ? 81  PRO B N   1 
ATOM   1369 C CA  . PRO B 1 81 ? 2.925   -3.586  12.416  1.00 46.84 ? 81  PRO B CA  1 
ATOM   1370 C C   . PRO B 1 81 ? 1.480   -3.068  12.356  1.00 47.27 ? 81  PRO B C   1 
ATOM   1371 O O   . PRO B 1 81 ? 1.150   -2.051  12.963  1.00 47.34 ? 81  PRO B O   1 
ATOM   1372 C CB  . PRO B 1 81 ? 3.863   -2.794  11.507  1.00 46.83 ? 81  PRO B CB  1 
ATOM   1373 C CG  . PRO B 1 81 ? 5.051   -3.700  11.427  1.00 46.84 ? 81  PRO B CG  1 
ATOM   1374 C CD  . PRO B 1 81 ? 4.409   -5.084  11.222  1.00 46.77 ? 81  PRO B CD  1 
ATOM   1375 N N   . ALA B 1 82 ? 0.621   -3.779  11.632  1.00 47.34 ? 82  ALA B N   1 
ATOM   1376 C CA  . ALA B 1 82 ? -0.778  -3.400  11.484  1.00 46.79 ? 82  ALA B CA  1 
ATOM   1377 C C   . ALA B 1 82 ? -1.481  -4.507  10.701  1.00 46.50 ? 82  ALA B C   1 
ATOM   1378 O O   . ALA B 1 82 ? -0.814  -5.347  10.084  1.00 47.11 ? 82  ALA B O   1 
ATOM   1379 C CB  . ALA B 1 82 ? -0.871  -2.078  10.729  1.00 46.96 ? 82  ALA B CB  1 
ATOM   1380 N N   . ASN B 1 83 ? -2.815  -4.528  10.734  1.00 45.12 ? 83  ASN B N   1 
ATOM   1381 C CA  . ASN B 1 83 ? -3.561  -5.547  9.994   1.00 43.31 ? 83  ASN B CA  1 
ATOM   1382 C C   . ASN B 1 83 ? -3.747  -5.045  8.577   1.00 42.10 ? 83  ASN B C   1 
ATOM   1383 O O   . ASN B 1 83 ? -4.475  -4.086  8.334   1.00 42.61 ? 83  ASN B O   1 
ATOM   1384 C CB  . ASN B 1 83 ? -4.946  -5.805  10.596  1.00 43.14 ? 83  ASN B CB  1 
ATOM   1385 C CG  . ASN B 1 83 ? -4.894  -6.463  11.961  1.00 43.62 ? 83  ASN B CG  1 
ATOM   1386 O OD1 . ASN B 1 83 ? -3.969  -7.228  12.275  1.00 45.56 ? 83  ASN B OD1 1 
ATOM   1387 N ND2 . ASN B 1 83 ? -5.912  -6.187  12.780  1.00 42.19 ? 83  ASN B ND2 1 
ATOM   1388 N N   . VAL B 1 84 ? -3.100  -5.692  7.628   1.00 40.32 ? 84  VAL B N   1 
ATOM   1389 C CA  . VAL B 1 84 ? -3.239  -5.246  6.269   1.00 38.29 ? 84  VAL B CA  1 
ATOM   1390 C C   . VAL B 1 84 ? -3.981  -6.217  5.363   1.00 37.27 ? 84  VAL B C   1 
ATOM   1391 O O   . VAL B 1 84 ? -3.859  -7.441  5.473   1.00 35.99 ? 84  VAL B O   1 
ATOM   1392 C CB  . VAL B 1 84 ? -1.856  -4.884  5.665   1.00 38.15 ? 84  VAL B CB  1 
ATOM   1393 C CG1 . VAL B 1 84 ? -1.492  -3.455  6.056   1.00 37.36 ? 84  VAL B CG1 1 
ATOM   1394 C CG2 . VAL B 1 84 ? -0.786  -5.845  6.179   1.00 38.04 ? 84  VAL B CG2 1 
ATOM   1395 N N   . ILE B 1 85 ? -4.775  -5.628  4.477   1.00 36.80 ? 85  ILE B N   1 
ATOM   1396 C CA  . ILE B 1 85 ? -5.563  -6.356  3.507   1.00 35.57 ? 85  ILE B CA  1 
ATOM   1397 C C   . ILE B 1 85 ? -4.902  -6.096  2.160   1.00 34.96 ? 85  ILE B C   1 
ATOM   1398 O O   . ILE B 1 85 ? -5.099  -5.044  1.548   1.00 35.55 ? 85  ILE B O   1 
ATOM   1399 C CB  . ILE B 1 85 ? -7.023  -5.848  3.526   1.00 35.67 ? 85  ILE B CB  1 
ATOM   1400 C CG1 . ILE B 1 85 ? -7.644  -6.150  4.899   1.00 34.60 ? 85  ILE B CG1 1 
ATOM   1401 C CG2 . ILE B 1 85 ? -7.831  -6.499  2.412   1.00 36.19 ? 85  ILE B CG2 1 
ATOM   1402 C CD1 . ILE B 1 85 ? -9.016  -5.560  5.108   1.00 40.29 ? 85  ILE B CD1 1 
ATOM   1403 N N   . GLY B 1 86 ? -4.092  -7.063  1.728   1.00 34.33 ? 86  GLY B N   1 
ATOM   1404 C CA  . GLY B 1 86 ? -3.382  -6.955  0.469   1.00 33.36 ? 86  GLY B CA  1 
ATOM   1405 C C   . GLY B 1 86 ? -4.215  -7.254  -0.765  1.00 33.58 ? 86  GLY B C   1 
ATOM   1406 O O   . GLY B 1 86 ? -5.402  -7.583  -0.675  1.00 33.75 ? 86  GLY B O   1 
ATOM   1407 N N   . ARG B 1 87 ? -3.564  -7.143  -1.922  1.00 33.24 ? 87  ARG B N   1 
ATOM   1408 C CA  . ARG B 1 87 ? -4.174  -7.378  -3.231  1.00 32.59 ? 87  ARG B CA  1 
ATOM   1409 C C   . ARG B 1 87 ? -4.890  -8.724  -3.373  1.00 32.45 ? 87  ARG B C   1 
ATOM   1410 O O   . ARG B 1 87 ? -5.940  -8.815  -4.011  1.00 31.91 ? 87  ARG B O   1 
ATOM   1411 C CB  . ARG B 1 87 ? -3.099  -7.253  -4.303  1.00 32.30 ? 87  ARG B CB  1 
ATOM   1412 C CG  . ARG B 1 87 ? -3.265  -6.053  -5.202  1.00 32.85 ? 87  ARG B CG  1 
ATOM   1413 C CD  . ARG B 1 87 ? -1.930  -5.442  -5.647  1.00 31.73 ? 87  ARG B CD  1 
ATOM   1414 N NE  . ARG B 1 87 ? -0.806  -6.380  -5.685  1.00 30.28 ? 87  ARG B NE  1 
ATOM   1415 C CZ  . ARG B 1 87 ? -0.801  -7.537  -6.333  1.00 31.25 ? 87  ARG B CZ  1 
ATOM   1416 N NH1 . ARG B 1 87 ? -1.866  -7.932  -7.013  1.00 40.29 ? 87  ARG B NH1 1 
ATOM   1417 N NH2 . ARG B 1 87 ? 0.280   -8.297  -6.295  1.00 40.29 ? 87  ARG B NH2 1 
ATOM   1418 N N   . ASN B 1 88 ? -4.329  -9.775  -2.789  1.00 32.68 ? 88  ASN B N   1 
ATOM   1419 C CA  . ASN B 1 88 ? -4.968  -11.076 -2.896  1.00 32.32 ? 88  ASN B CA  1 
ATOM   1420 C C   . ASN B 1 88 ? -6.404  -10.938 -2.409  1.00 32.53 ? 88  ASN B C   1 
ATOM   1421 O O   . ASN B 1 88 ? -7.354  -11.329 -3.095  1.00 33.29 ? 88  ASN B O   1 
ATOM   1422 C CB  . ASN B 1 88 ? -4.233  -12.126 -2.042  1.00 31.90 ? 88  ASN B CB  1 
ATOM   1423 C CG  . ASN B 1 88 ? -4.442  -11.918 -0.545  1.00 32.20 ? 88  ASN B CG  1 
ATOM   1424 O OD1 . ASN B 1 88 ? -4.084  -10.872 -0.003  1.00 29.91 ? 88  ASN B OD1 1 
ATOM   1425 N ND2 . ASN B 1 88 ? -5.031  -12.915 0.127   1.00 28.85 ? 88  ASN B ND2 1 
ATOM   1426 N N   . LEU B 1 89 ? -6.547  -10.354 -1.226  1.00 31.67 ? 89  LEU B N   1 
ATOM   1427 C CA  . LEU B 1 89 ? -7.848  -10.185 -0.602  1.00 31.91 ? 89  LEU B CA  1 
ATOM   1428 C C   . LEU B 1 89 ? -8.672  -9.006  -1.098  1.00 32.13 ? 89  LEU B C   1 
ATOM   1429 O O   . LEU B 1 89 ? -9.821  -8.842  -0.690  1.00 32.48 ? 89  LEU B O   1 
ATOM   1430 C CB  . LEU B 1 89 ? -7.675  -10.106 0.914   1.00 32.70 ? 89  LEU B CB  1 
ATOM   1431 C CG  . LEU B 1 89 ? -8.306  -11.251 1.703   1.00 32.72 ? 89  LEU B CG  1 
ATOM   1432 C CD1 . LEU B 1 89 ? -8.075  -12.577 1.009   1.00 31.99 ? 89  LEU B CD1 1 
ATOM   1433 C CD2 . LEU B 1 89 ? -7.714  -11.263 3.086   1.00 33.03 ? 89  LEU B CD2 1 
ATOM   1434 N N   . MET B 1 90 ? -8.095  -8.182  -1.968  1.00 32.29 ? 90  MET B N   1 
ATOM   1435 C CA  . MET B 1 90 ? -8.838  -7.064  -2.521  1.00 31.85 ? 90  MET B CA  1 
ATOM   1436 C C   . MET B 1 90 ? -9.447  -7.493  -3.843  1.00 31.53 ? 90  MET B C   1 
ATOM   1437 O O   . MET B 1 90 ? -10.530 -7.052  -4.210  1.00 31.53 ? 90  MET B O   1 
ATOM   1438 C CB  . MET B 1 90 ? -7.937  -5.847  -2.693  1.00 31.74 ? 90  MET B CB  1 
ATOM   1439 C CG  . MET B 1 90 ? -7.648  -5.176  -1.356  1.00 32.86 ? 90  MET B CG  1 
ATOM   1440 S SD  . MET B 1 90 ? -6.466  -3.815  -1.411  1.00 30.68 ? 90  MET B SD  1 
ATOM   1441 C CE  . MET B 1 90 ? -7.596  -2.419  -1.856  1.00 40.29 ? 90  MET B CE  1 
ATOM   1442 N N   . THR B 1 91 ? -8.755  -8.375  -4.549  1.00 31.45 ? 91  THR B N   1 
ATOM   1443 C CA  . THR B 1 91 ? -9.258  -8.880  -5.817  1.00 31.95 ? 91  THR B CA  1 
ATOM   1444 C C   . THR B 1 91 ? -10.491 -9.712  -5.515  1.00 31.58 ? 91  THR B C   1 
ATOM   1445 O O   . THR B 1 91 ? -11.544 -9.501  -6.110  1.00 31.14 ? 91  THR B O   1 
ATOM   1446 C CB  . THR B 1 91 ? -8.260  -9.812  -6.516  1.00 31.99 ? 91  THR B CB  1 
ATOM   1447 O OG1 . THR B 1 91 ? -8.080  -10.982 -5.708  1.00 34.19 ? 91  THR B OG1 1 
ATOM   1448 C CG2 . THR B 1 91 ? -6.915  -9.116  -6.720  1.00 32.22 ? 91  THR B CG2 1 
ATOM   1449 N N   . GLN B 1 92 ? -10.351 -10.669 -4.601  1.00 31.66 ? 92  GLN B N   1 
ATOM   1450 C CA  . GLN B 1 92 ? -11.470 -11.530 -4.232  1.00 32.33 ? 92  GLN B CA  1 
ATOM   1451 C C   . GLN B 1 92 ? -12.693 -10.695 -3.868  1.00 32.58 ? 92  GLN B C   1 
ATOM   1452 O O   . GLN B 1 92 ? -13.819 -11.148 -4.057  1.00 32.92 ? 92  GLN B O   1 
ATOM   1453 C CB  . GLN B 1 92 ? -11.128 -12.432 -3.032  1.00 31.72 ? 92  GLN B CB  1 
ATOM   1454 C CG  . GLN B 1 92 ? -9.991  -13.459 -3.226  1.00 32.61 ? 92  GLN B CG  1 
ATOM   1455 C CD  . GLN B 1 92 ? -10.142 -14.331 -4.471  1.00 32.95 ? 92  GLN B CD  1 
ATOM   1456 O OE1 . GLN B 1 92 ? -11.243 -14.778 -4.823  1.00 35.54 ? 92  GLN B OE1 1 
ATOM   1457 N NE2 . GLN B 1 92 ? -9.021  -14.587 -5.134  1.00 40.29 ? 92  GLN B NE2 1 
ATOM   1458 N N   . ILE B 1 93 ? -12.487 -9.486  -3.346  1.00 32.80 ? 93  ILE B N   1 
ATOM   1459 C CA  . ILE B 1 93 ? -13.628 -8.655  -2.977  1.00 32.75 ? 93  ILE B CA  1 
ATOM   1460 C C   . ILE B 1 93 ? -14.045 -7.702  -4.091  1.00 33.17 ? 93  ILE B C   1 
ATOM   1461 O O   . ILE B 1 93 ? -14.959 -6.898  -3.916  1.00 34.05 ? 93  ILE B O   1 
ATOM   1462 C CB  . ILE B 1 93 ? -13.359 -7.821  -1.700  1.00 32.54 ? 93  ILE B CB  1 
ATOM   1463 C CG1 . ILE B 1 93 ? -12.433 -6.641  -2.019  1.00 30.36 ? 93  ILE B CG1 1 
ATOM   1464 C CG2 . ILE B 1 93 ? -12.735 -8.717  -0.621  1.00 32.60 ? 93  ILE B CG2 1 
ATOM   1465 C CD1 . ILE B 1 93 ? -12.727 -5.377  -1.223  1.00 40.29 ? 93  ILE B CD1 1 
ATOM   1466 N N   . GLY B 1 94 ? -13.368 -7.796  -5.231  1.00 33.08 ? 94  GLY B N   1 
ATOM   1467 C CA  . GLY B 1 94 ? -13.687 -6.952  -6.368  1.00 33.48 ? 94  GLY B CA  1 
ATOM   1468 C C   . GLY B 1 94 ? -13.375 -5.483  -6.159  1.00 34.16 ? 94  GLY B C   1 
ATOM   1469 O O   . GLY B 1 94 ? -14.053 -4.611  -6.706  1.00 34.39 ? 94  GLY B O   1 
ATOM   1470 N N   . CYS B 1 95 ? -12.345 -5.198  -5.371  1.00 34.67 ? 95  CYS B N   1 
ATOM   1471 C CA  . CYS B 1 95 ? -11.962 -3.820  -5.102  1.00 34.88 ? 95  CYS B CA  1 
ATOM   1472 C C   . CYS B 1 95 ? -10.971 -3.281  -6.122  1.00 35.18 ? 95  CYS B C   1 
ATOM   1473 O O   . CYS B 1 95 ? -9.982  -3.932  -6.451  1.00 35.14 ? 95  CYS B O   1 
ATOM   1474 C CB  . CYS B 1 95 ? -11.355 -3.703  -3.719  1.00 34.74 ? 95  CYS B CB  1 
ATOM   1475 S SG  . CYS B 1 95 ? -10.772 -2.046  -3.444  1.00 36.66 ? 95  CYS B SG  1 
ATOM   1476 N N   . THR B 1 96 ? -11.217 -2.071  -6.607  1.00 35.56 ? 96  THR B N   1 
ATOM   1477 C CA  . THR B 1 96 ? -10.332 -1.498  -7.601  1.00 35.80 ? 96  THR B CA  1 
ATOM   1478 C C   . THR B 1 96 ? -9.826  -0.097  -7.293  1.00 36.19 ? 96  THR B C   1 
ATOM   1479 O O   . THR B 1 96 ? -10.275 0.557   -6.349  1.00 36.11 ? 96  THR B O   1 
ATOM   1480 C CB  . THR B 1 96 ? -11.012 -1.491  -8.977  1.00 35.72 ? 96  THR B CB  1 
ATOM   1481 O OG1 . THR B 1 96 ? -12.067 -0.527  -8.990  1.00 35.70 ? 96  THR B OG1 1 
ATOM   1482 C CG2 . THR B 1 96 ? -11.590 -2.857  -9.271  1.00 36.58 ? 96  THR B CG2 1 
ATOM   1483 N N   . LEU B 1 97 ? -8.855  0.326   -8.098  1.00 36.47 ? 97  LEU B N   1 
ATOM   1484 C CA  . LEU B 1 97 ? -8.240  1.637   -8.003  1.00 36.59 ? 97  LEU B CA  1 
ATOM   1485 C C   . LEU B 1 97 ? -8.844  2.378   -9.179  1.00 37.48 ? 97  LEU B C   1 
ATOM   1486 O O   . LEU B 1 97 ? -8.980  1.811   -10.270 1.00 36.64 ? 97  LEU B O   1 
ATOM   1487 C CB  . LEU B 1 97 ? -6.721  1.513   -8.156  1.00 36.19 ? 97  LEU B CB  1 
ATOM   1488 C CG  . LEU B 1 97 ? -5.812  2.026   -7.027  1.00 34.30 ? 97  LEU B CG  1 
ATOM   1489 C CD1 . LEU B 1 97 ? -6.592  2.258   -5.751  1.00 28.87 ? 97  LEU B CD1 1 
ATOM   1490 C CD2 . LEU B 1 97 ? -4.687  1.021   -6.795  1.00 31.74 ? 97  LEU B CD2 1 
ATOM   1491 N N   . ASN B 1 98 ? -9.215  3.636   -8.962  1.00 38.24 ? 98  ASN B N   1 
ATOM   1492 C CA  . ASN B 1 98 ? -9.860  4.434   -10.006 1.00 38.96 ? 98  ASN B CA  1 
ATOM   1493 C C   . ASN B 1 98 ? -9.479  5.907   -10.011 1.00 39.41 ? 98  ASN B C   1 
ATOM   1494 O O   . ASN B 1 98 ? -9.315  6.506   -8.951  1.00 39.48 ? 98  ASN B O   1 
ATOM   1495 C CB  . ASN B 1 98 ? -11.379 4.331   -9.842  1.00 38.60 ? 98  ASN B CB  1 
ATOM   1496 C CG  . ASN B 1 98 ? -11.929 3.011   -10.317 1.00 38.47 ? 98  ASN B CG  1 
ATOM   1497 O OD1 . ASN B 1 98 ? -12.002 2.757   -11.523 1.00 37.42 ? 98  ASN B OD1 1 
ATOM   1498 N ND2 . ASN B 1 98 ? -12.314 2.153   -9.375  1.00 35.77 ? 98  ASN B ND2 1 
ATOM   1499 N N   . PHE B 1 99 ? -9.354  6.487   -11.203 1.00 40.25 ? 99  PHE B N   1 
ATOM   1500 C CA  . PHE B 1 99 ? -9.028  7.911   -11.343 1.00 40.45 ? 99  PHE B CA  1 
ATOM   1501 C C   . PHE B 1 99 ? -9.219  8.396   -12.785 1.00 40.57 ? 99  PHE B C   1 
ATOM   1502 O O   . PHE B 1 99 ? -9.381  7.538   -13.678 1.00 40.29 ? 99  PHE B O   1 
ATOM   1503 C CB  . PHE B 1 99 ? -7.584  8.200   -10.896 1.00 40.10 ? 99  PHE B CB  1 
ATOM   1504 C CG  . PHE B 1 99 ? -6.535  7.611   -11.804 1.00 40.84 ? 99  PHE B CG  1 
ATOM   1505 C CD1 . PHE B 1 99 ? -6.067  6.317   -11.605 1.00 39.92 ? 99  PHE B CD1 1 
ATOM   1506 C CD2 . PHE B 1 99 ? -6.043  8.340   -12.887 1.00 41.20 ? 99  PHE B CD2 1 
ATOM   1507 C CE1 . PHE B 1 99 ? -5.132  5.751   -12.474 1.00 38.96 ? 99  PHE B CE1 1 
ATOM   1508 C CE2 . PHE B 1 99 ? -5.109  7.782   -13.763 1.00 40.42 ? 99  PHE B CE2 1 
ATOM   1509 C CZ  . PHE B 1 99 ? -4.654  6.487   -13.554 1.00 39.36 ? 99  PHE B CZ  1 
ATOM   1510 O OXT . PHE B 1 99 ? -9.198  9.630   -13.009 1.00 40.29 ? 99  PHE B OXT 1 
HETATM 1511 C C1  . DMQ C 2 .  ? 4.619   -2.812  1.991   1.00 14.06 ? 111 DMQ B C1  1 
HETATM 1512 O O1  . DMQ C 2 .  ? 3.537   -2.835  2.597   1.00 15.18 ? 111 DMQ B O1  1 
HETATM 1513 N N2  . DMQ C 2 .  ? 4.672   -3.506  0.778   1.00 17.33 ? 111 DMQ B N2  1 
HETATM 1514 C C2  . DMQ C 2 .  ? 3.726   -4.765  0.570   1.00 13.48 ? 111 DMQ B C2  1 
HETATM 1515 C C3  . DMQ C 2 .  ? 5.503   -2.978  -0.448  1.00 14.52 ? 111 DMQ B C3  1 
HETATM 1516 C C4  . DMQ C 2 .  ? 5.907   -1.495  -0.600  1.00 14.67 ? 111 DMQ B C4  1 
HETATM 1517 O O4  . DMQ C 2 .  ? 6.640   -1.486  -1.794  1.00 14.40 ? 111 DMQ B O4  1 
HETATM 1518 C C5  . DMQ C 2 .  ? 6.773   -0.882  0.520   1.00 13.98 ? 111 DMQ B C5  1 
HETATM 1519 O O5  . DMQ C 2 .  ? 7.078   0.433   0.128   1.00 14.75 ? 111 DMQ B O5  1 
HETATM 1520 C C6  . DMQ C 2 .  ? 6.103   -0.776  1.902   1.00 14.20 ? 111 DMQ B C6  1 
HETATM 1521 C C7  . DMQ C 2 .  ? 6.194   -2.476  3.840   1.00 14.41 ? 111 DMQ B C7  1 
HETATM 1522 N N7  . DMQ C 2 .  ? 5.621   -2.059  2.518   1.00 15.37 ? 111 DMQ B N7  1 
HETATM 1523 C C20 . DMQ C 2 .  ? 3.448   -5.888  1.625   1.00 12.61 ? 111 DMQ B C20 1 
HETATM 1524 C C21 . DMQ C 2 .  ? 3.348   -5.625  3.045   1.00 15.75 ? 111 DMQ B C21 1 
HETATM 1525 C C22 . DMQ C 2 .  ? 3.083   -6.639  4.010   1.00 12.83 ? 111 DMQ B C22 1 
HETATM 1526 C C23 . DMQ C 2 .  ? 2.902   -7.970  3.565   1.00 15.28 ? 111 DMQ B C23 1 
HETATM 1527 C C28 . DMQ C 2 .  ? 2.987   -8.288  2.167   1.00 14.86 ? 111 DMQ B C28 1 
HETATM 1528 N N29 . DMQ C 2 .  ? 2.792   -9.641  1.777   1.00 13.72 ? 111 DMQ B N29 1 
HETATM 1529 C C29 . DMQ C 2 .  ? 3.260   -7.254  1.191   1.00 14.94 ? 111 DMQ B C29 1 
HETATM 1530 C C31 . DMQ C 2 .  ? 6.771   -3.889  -0.794  0.65 14.00 ? 111 DMQ B C31 1 
HETATM 1531 C C32 . DMQ C 2 .  ? 7.033   -5.122  0.045   0.65 15.39 ? 111 DMQ B C32 1 
HETATM 1532 C C33 . DMQ C 2 .  ? 6.759   -6.436  -0.507  0.65 13.65 ? 111 DMQ B C33 1 
HETATM 1533 C C34 . DMQ C 2 .  ? 7.016   -7.609  0.253   0.65 13.29 ? 111 DMQ B C34 1 
HETATM 1534 C C35 . DMQ C 2 .  ? 7.549   -7.474  1.574   0.65 14.72 ? 111 DMQ B C35 1 
HETATM 1535 C C36 . DMQ C 2 .  ? 7.831   -6.177  2.149   0.65 15.20 ? 111 DMQ B C36 1 
HETATM 1536 C C37 . DMQ C 2 .  ? 7.571   -4.994  1.377   0.65 15.99 ? 111 DMQ B C37 1 
HETATM 1537 C C61 . DMQ C 2 .  ? 4.864   0.250   1.966   1.00 14.04 ? 111 DMQ B C61 1 
HETATM 1538 C C62 . DMQ C 2 .  ? 4.972   1.456   2.931   1.00 14.97 ? 111 DMQ B C62 1 
HETATM 1539 C C63 . DMQ C 2 .  ? 5.945   2.475   2.734   1.00 13.77 ? 111 DMQ B C63 1 
HETATM 1540 C C64 . DMQ C 2 .  ? 6.027   3.601   3.649   1.00 12.78 ? 111 DMQ B C64 1 
HETATM 1541 C C65 . DMQ C 2 .  ? 5.129   3.702   4.753   1.00 15.23 ? 111 DMQ B C65 1 
HETATM 1542 C C66 . DMQ C 2 .  ? 4.140   2.691   4.970   1.00 15.27 ? 111 DMQ B C66 1 
HETATM 1543 C C67 . DMQ C 2 .  ? 4.062   1.570   4.055   1.00 16.02 ? 111 DMQ B C67 1 
HETATM 1544 C C70 . DMQ C 2 .  ? 5.357   -2.233  5.102   1.00 13.96 ? 111 DMQ B C70 1 
HETATM 1545 C C71 . DMQ C 2 .  ? 5.519   -0.995  5.833   1.00 13.85 ? 111 DMQ B C71 1 
HETATM 1546 C C72 . DMQ C 2 .  ? 4.730   -0.752  7.021   1.00 14.16 ? 111 DMQ B C72 1 
HETATM 1547 N N79 . DMQ C 2 .  ? 4.869   0.477   7.756   1.00 14.53 ? 111 DMQ B N79 1 
HETATM 1548 C C77 . DMQ C 2 .  ? 3.795   -1.742  7.473   1.00 16.28 ? 111 DMQ B C77 1 
HETATM 1549 C C78 . DMQ C 2 .  ? 3.617   -2.985  6.757   1.00 14.15 ? 111 DMQ B C78 1 
HETATM 1550 C C79 . DMQ C 2 .  ? 4.402   -3.225  5.574   1.00 14.46 ? 111 DMQ B C79 1 
HETATM 1551 O O   . HOH D 3 .  ? 41.339  12.790  26.711  1.00 40.29 ? 100 HOH A O   1 
HETATM 1552 O O   . HOH D 3 .  ? 29.154  11.254  31.259  1.00 40.29 ? 101 HOH A O   1 
HETATM 1553 O O   . HOH D 3 .  ? 32.227  12.364  33.580  1.00 40.29 ? 102 HOH A O   1 
HETATM 1554 O O   . HOH D 3 .  ? 31.593  10.213  31.761  1.00 40.29 ? 103 HOH A O   1 
HETATM 1555 O O   . HOH D 3 .  ? 36.025  14.927  21.615  1.00 40.29 ? 104 HOH A O   1 
HETATM 1556 O O   . HOH D 3 .  ? 31.949  13.759  28.592  1.00 40.29 ? 105 HOH A O   1 
HETATM 1557 O O   . HOH D 3 .  ? 35.212  11.613  22.879  1.00 40.29 ? 106 HOH A O   1 
HETATM 1558 O O   . HOH D 3 .  ? 43.102  8.299   29.256  1.00 40.29 ? 107 HOH A O   1 
HETATM 1559 O O   . HOH D 3 .  ? 36.936  7.500   27.481  1.00 40.29 ? 108 HOH A O   1 
HETATM 1560 O O   . HOH D 3 .  ? 36.987  15.451  28.516  1.00 40.29 ? 109 HOH A O   1 
HETATM 1561 O O   . HOH D 3 .  ? 29.148  11.886  28.685  1.00 40.29 ? 110 HOH A O   1 
HETATM 1562 O O   . HOH D 3 .  ? 41.056  9.737   21.340  1.00 40.29 ? 111 HOH A O   1 
HETATM 1563 O O   . HOH D 3 .  ? 38.750  12.200  28.473  1.00 40.29 ? 112 HOH A O   1 
HETATM 1564 O O   . HOH D 3 .  ? 41.188  12.937  22.348  1.00 40.29 ? 113 HOH A O   1 
HETATM 1565 O O   . HOH D 3 .  ? 36.070  16.762  26.446  1.00 40.29 ? 114 HOH A O   1 
HETATM 1566 O O   . HOH D 3 .  ? 33.647  12.932  26.005  1.00 40.29 ? 115 HOH A O   1 
HETATM 1567 O O   . HOH D 3 .  ? 39.613  10.501  23.287  1.00 40.29 ? 116 HOH A O   1 
HETATM 1568 O O   . HOH D 3 .  ? 38.565  8.694   24.873  1.00 40.29 ? 117 HOH A O   1 
HETATM 1569 O O   . HOH D 3 .  ? 28.871  11.297  26.039  1.00 40.29 ? 118 HOH A O   1 
HETATM 1570 O O   . HOH D 3 .  ? 36.229  4.274   27.592  1.00 40.29 ? 119 HOH A O   1 
HETATM 1571 O O   . HOH D 3 .  ? 36.849  18.784  28.432  1.00 40.29 ? 120 HOH A O   1 
HETATM 1572 O O   . HOH D 3 .  ? 40.414  4.837   20.850  1.00 40.29 ? 121 HOH A O   1 
HETATM 1573 O O   . HOH D 3 .  ? 39.645  14.322  24.967  1.00 40.29 ? 122 HOH A O   1 
HETATM 1574 O O   . HOH D 3 .  ? 35.557  17.626  22.113  1.00 40.29 ? 123 HOH A O   1 
HETATM 1575 O O   . HOH D 3 .  ? 33.759  16.960  19.458  1.00 40.29 ? 124 HOH A O   1 
HETATM 1576 O O   . HOH D 3 .  ? 29.250  12.358  23.828  1.00 40.29 ? 125 HOH A O   1 
HETATM 1577 O O   . HOH D 3 .  ? 37.752  13.993  26.462  1.00 40.29 ? 126 HOH A O   1 
HETATM 1578 O O   . HOH D 3 .  ? 37.488  17.740  23.756  1.00 40.29 ? 127 HOH A O   1 
HETATM 1579 O O   . HOH D 3 .  ? 37.005  11.257  24.542  1.00 40.29 ? 128 HOH A O   1 
HETATM 1580 O O   . HOH D 3 .  ? 38.146  15.406  22.873  1.00 40.29 ? 129 HOH A O   1 
HETATM 1581 O O   . HOH D 3 .  ? 38.352  10.198  30.456  1.00 40.29 ? 130 HOH A O   1 
HETATM 1582 O O   . HOH D 3 .  ? 43.247  13.357  23.785  1.00 40.29 ? 131 HOH A O   1 
HETATM 1583 O O   . HOH D 3 .  ? 35.415  7.545   24.622  1.00 40.29 ? 132 HOH A O   1 
HETATM 1584 O O   . HOH D 3 .  ? 39.506  16.940  25.491  1.00 40.29 ? 133 HOH A O   1 
HETATM 1585 O O   . HOH D 3 .  ? 39.830  10.776  26.321  1.00 40.29 ? 134 HOH A O   1 
HETATM 1586 O O   . HOH D 3 .  ? 32.910  7.985   25.131  1.00 40.29 ? 135 HOH A O   1 
HETATM 1587 O O   . HOH D 3 .  ? 34.537  19.295  27.837  1.00 40.29 ? 136 HOH A O   1 
HETATM 1588 O O   . HOH D 3 .  ? 37.410  13.930  30.484  1.00 40.29 ? 137 HOH A O   1 
HETATM 1589 O O   . HOH D 3 .  ? 35.004  18.715  31.416  1.00 40.29 ? 138 HOH A O   1 
HETATM 1590 O O   . HOH D 3 .  ? 41.823  15.632  27.456  1.00 40.29 ? 139 HOH A O   1 
HETATM 1591 O O   . HOH D 3 .  ? 41.869  7.027   31.890  1.00 40.29 ? 140 HOH A O   1 
# 
